data_1SM5
# 
_entry.id   1SM5 
# 
_audit_conform.dict_name       mmcif_pdbx.dic 
_audit_conform.dict_version    5.386 
_audit_conform.dict_location   http://mmcif.pdb.org/dictionaries/ascii/mmcif_pdbx.dic 
# 
loop_
_database_2.database_id 
_database_2.database_code 
_database_2.pdbx_database_accession 
_database_2.pdbx_DOI 
PDB   1SM5         pdb_00001sm5 10.2210/pdb1sm5/pdb 
NDB   UD0053       ?            ?                   
RCSB  RCSB021821   ?            ?                   
WWPDB D_1000021821 ?            ?                   
# 
loop_
_pdbx_audit_revision_history.ordinal 
_pdbx_audit_revision_history.data_content_type 
_pdbx_audit_revision_history.major_revision 
_pdbx_audit_revision_history.minor_revision 
_pdbx_audit_revision_history.revision_date 
1 'Structure model' 1 0 2004-05-25 
2 'Structure model' 1 1 2008-04-29 
3 'Structure model' 1 2 2011-07-13 
4 'Structure model' 1 3 2024-02-14 
# 
_pdbx_audit_revision_details.ordinal             1 
_pdbx_audit_revision_details.revision_ordinal    1 
_pdbx_audit_revision_details.data_content_type   'Structure model' 
_pdbx_audit_revision_details.provider            repository 
_pdbx_audit_revision_details.type                'Initial release' 
_pdbx_audit_revision_details.description         ? 
_pdbx_audit_revision_details.details             ? 
# 
loop_
_pdbx_audit_revision_group.ordinal 
_pdbx_audit_revision_group.revision_ordinal 
_pdbx_audit_revision_group.data_content_type 
_pdbx_audit_revision_group.group 
1 2 'Structure model' 'Version format compliance' 
2 3 'Structure model' 'Version format compliance' 
3 4 'Structure model' 'Data collection'           
4 4 'Structure model' 'Database references'       
5 4 'Structure model' 'Derived calculations'      
# 
loop_
_pdbx_audit_revision_category.ordinal 
_pdbx_audit_revision_category.revision_ordinal 
_pdbx_audit_revision_category.data_content_type 
_pdbx_audit_revision_category.category 
1 4 'Structure model' chem_comp_atom 
2 4 'Structure model' chem_comp_bond 
3 4 'Structure model' database_2     
4 4 'Structure model' struct_conn    
# 
loop_
_pdbx_audit_revision_item.ordinal 
_pdbx_audit_revision_item.revision_ordinal 
_pdbx_audit_revision_item.data_content_type 
_pdbx_audit_revision_item.item 
1  4 'Structure model' '_database_2.pdbx_DOI'                
2  4 'Structure model' '_database_2.pdbx_database_accession' 
3  4 'Structure model' '_struct_conn.pdbx_dist_value'        
4  4 'Structure model' '_struct_conn.pdbx_leaving_atom_flag' 
5  4 'Structure model' '_struct_conn.ptnr1_auth_asym_id'     
6  4 'Structure model' '_struct_conn.ptnr1_auth_comp_id'     
7  4 'Structure model' '_struct_conn.ptnr1_auth_seq_id'      
8  4 'Structure model' '_struct_conn.ptnr1_label_asym_id'    
9  4 'Structure model' '_struct_conn.ptnr1_label_atom_id'    
10 4 'Structure model' '_struct_conn.ptnr1_label_comp_id'    
11 4 'Structure model' '_struct_conn.ptnr1_label_seq_id'     
12 4 'Structure model' '_struct_conn.ptnr2_auth_asym_id'     
13 4 'Structure model' '_struct_conn.ptnr2_auth_comp_id'     
14 4 'Structure model' '_struct_conn.ptnr2_auth_seq_id'      
15 4 'Structure model' '_struct_conn.ptnr2_label_asym_id'    
16 4 'Structure model' '_struct_conn.ptnr2_label_atom_id'    
17 4 'Structure model' '_struct_conn.ptnr2_label_comp_id'    
18 4 'Structure model' '_struct_conn.ptnr2_label_seq_id'     
# 
_pdbx_database_PDB_obs_spr.id               SPRSDE 
_pdbx_database_PDB_obs_spr.date             2004-05-25 
_pdbx_database_PDB_obs_spr.pdb_id           1SM5 
_pdbx_database_PDB_obs_spr.replace_pdb_id   1MV7 
_pdbx_database_PDB_obs_spr.details          ? 
# 
_pdbx_database_status.status_code                     REL 
_pdbx_database_status.entry_id                        1SM5 
_pdbx_database_status.recvd_initial_deposition_date   2004-03-08 
_pdbx_database_status.deposit_site                    RCSB 
_pdbx_database_status.process_site                    RCSB 
_pdbx_database_status.SG_entry                        . 
_pdbx_database_status.pdb_format_compatible           Y 
_pdbx_database_status.status_code_mr                  ? 
_pdbx_database_status.status_code_sf                  ? 
_pdbx_database_status.status_code_cs                  ? 
_pdbx_database_status.status_code_nmr_data            ? 
_pdbx_database_status.methods_development_category    ? 
# 
loop_
_audit_author.name 
_audit_author.pdbx_ordinal 
'Park, H.'      1 
'Zhang, K.'     2 
'Ren, Y.'       3 
'Nadji, S.'     4 
'Sinha, N.'     5 
'Taylor, J.-S.' 6 
'Kang, C.'      7 
# 
_citation.id                        primary 
_citation.title                     'Crystal Structure of a DNA Decamer Containing a Thymine-dimer' 
_citation.journal_abbrev            Proc.Natl.Acad.Sci.USA 
_citation.journal_volume            99 
_citation.page_first                15965 
_citation.page_last                 15970 
_citation.year                      2002 
_citation.journal_id_ASTM           PNASA6 
_citation.country                   US 
_citation.journal_id_ISSN           0027-8424 
_citation.journal_id_CSD            0040 
_citation.book_publisher            ? 
_citation.pdbx_database_id_PubMed   12456887 
_citation.pdbx_database_id_DOI      10.1073/pnas.242422699 
# 
loop_
_citation_author.citation_id 
_citation_author.name 
_citation_author.ordinal 
_citation_author.identifier_ORCID 
primary 'Park, H.'      1 ? 
primary 'Zhang, K.'     2 ? 
primary 'Ren, Y.'       3 ? 
primary 'Nadji, S.'     4 ? 
primary 'Sinha, N.'     5 ? 
primary 'Taylor, J.-S.' 6 ? 
primary 'Kang, C.'      7 ? 
# 
loop_
_entity.id 
_entity.type 
_entity.src_method 
_entity.pdbx_description 
_entity.formula_weight 
_entity.pdbx_number_of_molecules 
_entity.pdbx_ec 
_entity.pdbx_mutation 
_entity.pdbx_fragment 
_entity.details 
1 polymer syn "5'-D(*GP*CP*(BRU)P*TP*AP*AP*TP*(BRU)P*CP*G)-3'" 3164.742 2  ? ? ? ? 
2 polymer syn "5'-D(*CP*GP*AP*AP*TP*TP*AP*AP*GP*C)-3'"         3053.031 2  ? ? ? ? 
3 water   nat water                                            18.015   52 ? ? ? ? 
# 
loop_
_entity_poly.entity_id 
_entity_poly.type 
_entity_poly.nstd_linkage 
_entity_poly.nstd_monomer 
_entity_poly.pdbx_seq_one_letter_code 
_entity_poly.pdbx_seq_one_letter_code_can 
_entity_poly.pdbx_strand_id 
_entity_poly.pdbx_target_identifier 
1 polydeoxyribonucleotide no yes '(DG)(DC)(BRU)(DT)(DA)(DA)(DT)(BRU)(DC)(DG)' GCUTAATUCG A,C ? 
2 polydeoxyribonucleotide no no  '(DC)(DG)(DA)(DA)(DT)(DT)(DA)(DA)(DG)(DC)'   CGAATTAAGC B,D ? 
# 
_pdbx_entity_nonpoly.entity_id   3 
_pdbx_entity_nonpoly.name        water 
_pdbx_entity_nonpoly.comp_id     HOH 
# 
loop_
_entity_poly_seq.entity_id 
_entity_poly_seq.num 
_entity_poly_seq.mon_id 
_entity_poly_seq.hetero 
1 1  DG  n 
1 2  DC  n 
1 3  BRU n 
1 4  DT  n 
1 5  DA  n 
1 6  DA  n 
1 7  DT  n 
1 8  BRU n 
1 9  DC  n 
1 10 DG  n 
2 1  DC  n 
2 2  DG  n 
2 3  DA  n 
2 4  DA  n 
2 5  DT  n 
2 6  DT  n 
2 7  DA  n 
2 8  DA  n 
2 9  DG  n 
2 10 DC  n 
# 
loop_
_chem_comp.id 
_chem_comp.type 
_chem_comp.mon_nstd_flag 
_chem_comp.name 
_chem_comp.pdbx_synonyms 
_chem_comp.formula 
_chem_comp.formula_weight 
BRU 'DNA linking' n "5-BROMO-2'-DEOXYURIDINE-5'-MONOPHOSPHATE" ? 'C9 H12 Br N2 O8 P' 387.078 
DA  'DNA linking' y "2'-DEOXYADENOSINE-5'-MONOPHOSPHATE"       ? 'C10 H14 N5 O6 P'   331.222 
DC  'DNA linking' y "2'-DEOXYCYTIDINE-5'-MONOPHOSPHATE"        ? 'C9 H14 N3 O7 P'    307.197 
DG  'DNA linking' y "2'-DEOXYGUANOSINE-5'-MONOPHOSPHATE"       ? 'C10 H14 N5 O7 P'   347.221 
DT  'DNA linking' y "THYMIDINE-5'-MONOPHOSPHATE"               ? 'C10 H15 N2 O8 P'   322.208 
HOH non-polymer   . WATER                                      ? 'H2 O'              18.015  
# 
loop_
_pdbx_poly_seq_scheme.asym_id 
_pdbx_poly_seq_scheme.entity_id 
_pdbx_poly_seq_scheme.seq_id 
_pdbx_poly_seq_scheme.mon_id 
_pdbx_poly_seq_scheme.ndb_seq_num 
_pdbx_poly_seq_scheme.pdb_seq_num 
_pdbx_poly_seq_scheme.auth_seq_num 
_pdbx_poly_seq_scheme.pdb_mon_id 
_pdbx_poly_seq_scheme.auth_mon_id 
_pdbx_poly_seq_scheme.pdb_strand_id 
_pdbx_poly_seq_scheme.pdb_ins_code 
_pdbx_poly_seq_scheme.hetero 
A 1 1  DG  1  1  1  DG  G A . n 
A 1 2  DC  2  2  2  DC  C A . n 
A 1 3  BRU 3  3  3  BRU U A . n 
A 1 4  DT  4  4  4  DT  T A . n 
A 1 5  DA  5  5  5  DA  A A . n 
A 1 6  DA  6  6  6  DA  A A . n 
A 1 7  DT  7  7  7  DT  T A . n 
A 1 8  BRU 8  8  8  BRU U A . n 
A 1 9  DC  9  9  9  DC  C A . n 
A 1 10 DG  10 10 10 DG  G A . n 
B 2 1  DC  1  1  1  DC  C B . n 
B 2 2  DG  2  2  2  DG  G B . n 
B 2 3  DA  3  3  3  DA  A B . n 
B 2 4  DA  4  4  4  DA  A B . n 
B 2 5  DT  5  5  5  DT  T B . n 
B 2 6  DT  6  6  6  DT  T B . n 
B 2 7  DA  7  7  7  DA  A B . n 
B 2 8  DA  8  8  8  DA  A B . n 
B 2 9  DG  9  9  9  DG  G B . n 
B 2 10 DC  10 10 10 DC  C B . n 
C 1 1  DG  1  1  1  DG  G C . n 
C 1 2  DC  2  2  2  DC  C C . n 
C 1 3  BRU 3  3  3  BRU U C . n 
C 1 4  DT  4  4  4  DT  T C . n 
C 1 5  DA  5  5  5  DA  A C . n 
C 1 6  DA  6  6  6  DA  A C . n 
C 1 7  DT  7  7  7  DT  T C . n 
C 1 8  BRU 8  8  8  BRU U C . n 
C 1 9  DC  9  9  9  DC  C C . n 
C 1 10 DG  10 10 10 DG  G C . n 
D 2 1  DC  1  1  1  DC  C D . n 
D 2 2  DG  2  2  2  DG  G D . n 
D 2 3  DA  3  3  3  DA  A D . n 
D 2 4  DA  4  4  4  DA  A D . n 
D 2 5  DT  5  5  5  DT  T D . n 
D 2 6  DT  6  6  6  DT  T D . n 
D 2 7  DA  7  7  7  DA  A D . n 
D 2 8  DA  8  8  8  DA  A D . n 
D 2 9  DG  9  9  9  DG  G D . n 
D 2 10 DC  10 10 10 DC  C D . n 
# 
loop_
_pdbx_nonpoly_scheme.asym_id 
_pdbx_nonpoly_scheme.entity_id 
_pdbx_nonpoly_scheme.mon_id 
_pdbx_nonpoly_scheme.ndb_seq_num 
_pdbx_nonpoly_scheme.pdb_seq_num 
_pdbx_nonpoly_scheme.auth_seq_num 
_pdbx_nonpoly_scheme.pdb_mon_id 
_pdbx_nonpoly_scheme.auth_mon_id 
_pdbx_nonpoly_scheme.pdb_strand_id 
_pdbx_nonpoly_scheme.pdb_ins_code 
E 3 HOH 1  206 206 HOH HOH A . 
E 3 HOH 2  209 209 HOH HOH A . 
E 3 HOH 3  220 220 HOH HOH A . 
E 3 HOH 4  222 222 HOH HOH A . 
E 3 HOH 5  223 223 HOH HOH A . 
E 3 HOH 6  224 224 HOH HOH A . 
E 3 HOH 7  229 229 HOH HOH A . 
E 3 HOH 8  230 230 HOH HOH A . 
E 3 HOH 9  233 233 HOH HOH A . 
E 3 HOH 10 235 235 HOH HOH A . 
E 3 HOH 11 241 241 HOH HOH A . 
E 3 HOH 12 242 242 HOH HOH A . 
E 3 HOH 13 245 245 HOH HOH A . 
E 3 HOH 14 247 247 HOH HOH A . 
E 3 HOH 15 250 250 HOH HOH A . 
E 3 HOH 16 252 252 HOH HOH A . 
F 3 HOH 1  201 201 HOH HOH B . 
F 3 HOH 2  203 203 HOH HOH B . 
F 3 HOH 3  208 208 HOH HOH B . 
F 3 HOH 4  210 210 HOH HOH B . 
F 3 HOH 5  214 214 HOH HOH B . 
F 3 HOH 6  225 225 HOH HOH B . 
F 3 HOH 7  228 228 HOH HOH B . 
F 3 HOH 8  234 234 HOH HOH B . 
F 3 HOH 9  236 236 HOH HOH B . 
F 3 HOH 10 237 237 HOH HOH B . 
F 3 HOH 11 239 239 HOH HOH B . 
G 3 HOH 1  207 207 HOH HOH C . 
G 3 HOH 2  211 211 HOH HOH C . 
G 3 HOH 3  212 212 HOH HOH C . 
G 3 HOH 4  213 213 HOH HOH C . 
G 3 HOH 5  215 215 HOH HOH C . 
G 3 HOH 6  216 216 HOH HOH C . 
G 3 HOH 7  217 217 HOH HOH C . 
G 3 HOH 8  218 218 HOH HOH C . 
G 3 HOH 9  226 226 HOH HOH C . 
G 3 HOH 10 232 232 HOH HOH C . 
G 3 HOH 11 244 244 HOH HOH C . 
H 3 HOH 1  202 202 HOH HOH D . 
H 3 HOH 2  204 204 HOH HOH D . 
H 3 HOH 3  205 205 HOH HOH D . 
H 3 HOH 4  219 219 HOH HOH D . 
H 3 HOH 5  221 221 HOH HOH D . 
H 3 HOH 6  227 227 HOH HOH D . 
H 3 HOH 7  231 231 HOH HOH D . 
H 3 HOH 8  238 238 HOH HOH D . 
H 3 HOH 9  240 240 HOH HOH D . 
H 3 HOH 10 243 243 HOH HOH D . 
H 3 HOH 11 246 246 HOH HOH D . 
H 3 HOH 12 248 248 HOH HOH D . 
H 3 HOH 13 249 249 HOH HOH D . 
H 3 HOH 14 251 251 HOH HOH D . 
# 
loop_
_software.name 
_software.classification 
_software.version 
_software.citation_id 
_software.pdbx_ordinal 
DENZO     'data reduction' .     ? 1 
SCALEPACK 'data scaling'   .     ? 2 
SOLVE     phasing          .     ? 3 
X-PLOR    refinement       3.851 ? 4 
# 
_cell.entry_id           1SM5 
_cell.length_a           24.5 
_cell.length_b           53.85 
_cell.length_c           75.33 
_cell.angle_alpha        90 
_cell.angle_beta         90 
_cell.angle_gamma        90 
_cell.pdbx_unique_axis   ? 
_cell.Z_PDB              8 
# 
_symmetry.entry_id                         1SM5 
_symmetry.space_group_name_H-M             'P 21 21 21' 
_symmetry.pdbx_full_space_group_name_H-M   ? 
_symmetry.Int_Tables_number                19 
_symmetry.cell_setting                     ? 
# 
_exptl.entry_id          1SM5 
_exptl.method            'X-RAY DIFFRACTION' 
_exptl.crystals_number   1 
# 
_exptl_crystal.id                    1 
_exptl_crystal.density_meas          ? 
_exptl_crystal.density_percent_sol   36.22 
_exptl_crystal.description           ? 
_exptl_crystal.density_Matthews      1.93 
# 
_exptl_crystal_grow.crystal_id      1 
_exptl_crystal_grow.method          'VAPOR DIFFUSION, HANGING DROP' 
_exptl_crystal_grow.temp            277 
_exptl_crystal_grow.temp_details    ? 
_exptl_crystal_grow.pH              7.5 
_exptl_crystal_grow.pdbx_details    'MgCl2, HEPES-Na, PEG 400, pH 7.5, VAPOR DIFFUSION, HANGING DROP, temperature 277K' 
_exptl_crystal_grow.pdbx_pH_range   . 
# 
loop_
_exptl_crystal_grow_comp.crystal_id 
_exptl_crystal_grow_comp.id 
_exptl_crystal_grow_comp.sol_id 
_exptl_crystal_grow_comp.name 
_exptl_crystal_grow_comp.volume 
_exptl_crystal_grow_comp.conc 
_exptl_crystal_grow_comp.details 
1 1 1 MgCl2     ? ? ? 
1 2 1 HEPES-Na  ? ? ? 
1 3 1 'PEG 400' ? ? ? 
1 4 2 MgCl2     ? ? ? 
1 5 2 'PEG 400' ? ? ? 
# 
_diffrn.id                     1 
_diffrn.ambient_temp           100 
_diffrn.ambient_temp_details   ? 
_diffrn.crystal_id             1 
# 
_diffrn_detector.diffrn_id              1 
_diffrn_detector.detector               CCD 
_diffrn_detector.type                   'ADSC QUANTUM 315' 
_diffrn_detector.pdbx_collection_date   2001-12-03 
_diffrn_detector.details                'double crystal monochromator' 
# 
_diffrn_radiation.diffrn_id                        1 
_diffrn_radiation.wavelength_id                    1 
_diffrn_radiation.pdbx_monochromatic_or_laue_m_l   M 
_diffrn_radiation.monochromator                    'double crystal monochromator' 
_diffrn_radiation.pdbx_diffrn_protocol             MAD 
_diffrn_radiation.pdbx_scattering_type             x-ray 
# 
loop_
_diffrn_radiation_wavelength.id 
_diffrn_radiation_wavelength.wavelength 
_diffrn_radiation_wavelength.wt 
1 0.9205 1.0 
2 0.8434 1.0 
3 0.9207 1.0 
# 
_diffrn_source.diffrn_id                   1 
_diffrn_source.source                      SYNCHROTRON 
_diffrn_source.type                        'SSRL BEAMLINE BL9-2' 
_diffrn_source.pdbx_synchrotron_site       SSRL 
_diffrn_source.pdbx_synchrotron_beamline   BL9-2 
_diffrn_source.pdbx_wavelength             ? 
_diffrn_source.pdbx_wavelength_list        '0.9205, 0.8434, 0.9207' 
# 
_reflns.entry_id                     1SM5 
_reflns.observed_criterion_sigma_F   1 
_reflns.observed_criterion_sigma_I   1 
_reflns.d_resolution_high            1.9 
_reflns.d_resolution_low             50 
_reflns.number_all                   79490 
_reflns.number_obs                   7865 
_reflns.percent_possible_obs         97.1 
_reflns.pdbx_Rmerge_I_obs            ? 
_reflns.pdbx_Rsym_value              ? 
_reflns.pdbx_netI_over_sigmaI        ? 
_reflns.B_iso_Wilson_estimate        ? 
_reflns.pdbx_redundancy              ? 
_reflns.R_free_details               ? 
_reflns.pdbx_diffrn_id               1 
_reflns.pdbx_ordinal                 1 
# 
_refine.entry_id                                 1SM5 
_refine.ls_d_res_high                            2 
_refine.ls_d_res_low                             10 
_refine.pdbx_ls_sigma_F                          2 
_refine.pdbx_ls_sigma_I                          ? 
_refine.ls_number_reflns_all                     6819 
_refine.ls_number_reflns_obs                     6447 
_refine.ls_number_reflns_R_free                  372 
_refine.ls_percent_reflns_obs                    ? 
_refine.ls_R_factor_all                          ? 
_refine.ls_R_factor_obs                          ? 
_refine.ls_R_factor_R_work                       0.198 
_refine.ls_R_factor_R_free                       0.254 
_refine.ls_redundancy_reflns_obs                 ? 
_refine.pdbx_data_cutoff_high_absF               ? 
_refine.pdbx_data_cutoff_low_absF                ? 
_refine.ls_number_parameters                     ? 
_refine.ls_number_restraints                     ? 
_refine.ls_percent_reflns_R_free                 5 
_refine.ls_R_factor_R_free_error                 ? 
_refine.ls_R_factor_R_free_error_details         ? 
_refine.pdbx_method_to_determine_struct          MAD 
_refine.pdbx_starting_model                      ? 
_refine.pdbx_ls_cross_valid_method               ? 
_refine.pdbx_R_Free_selection_details            RANDOM 
_refine.pdbx_stereochem_target_val_spec_case     ? 
_refine.pdbx_stereochemistry_target_values       ? 
_refine.solvent_model_details                    ? 
_refine.solvent_model_param_bsol                 ? 
_refine.solvent_model_param_ksol                 ? 
_refine.occupancy_max                            ? 
_refine.occupancy_min                            ? 
_refine.pdbx_isotropic_thermal_model             ? 
_refine.B_iso_mean                               ? 
_refine.aniso_B[1][1]                            ? 
_refine.aniso_B[1][2]                            ? 
_refine.aniso_B[1][3]                            ? 
_refine.aniso_B[2][2]                            ? 
_refine.aniso_B[2][3]                            ? 
_refine.aniso_B[3][3]                            ? 
_refine.details                                  ? 
_refine.correlation_coeff_Fo_to_Fc               ? 
_refine.correlation_coeff_Fo_to_Fc_free          ? 
_refine.pdbx_solvent_vdw_probe_radii             ? 
_refine.pdbx_solvent_ion_probe_radii             ? 
_refine.pdbx_solvent_shrinkage_radii             ? 
_refine.overall_SU_R_Cruickshank_DPI             ? 
_refine.overall_SU_R_free                        ? 
_refine.overall_SU_B                             ? 
_refine.overall_SU_ML                            ? 
_refine.pdbx_overall_ESU_R                       ? 
_refine.pdbx_overall_ESU_R_Free                  ? 
_refine.pdbx_data_cutoff_high_rms_absF           ? 
_refine.pdbx_refine_id                           'X-RAY DIFFRACTION' 
_refine.pdbx_diffrn_id                           1 
_refine.pdbx_TLS_residual_ADP_flag               ? 
_refine.pdbx_overall_phase_error                 ? 
_refine.pdbx_overall_SU_R_free_Cruickshank_DPI   ? 
_refine.pdbx_overall_SU_R_Blow_DPI               ? 
_refine.pdbx_overall_SU_R_free_Blow_DPI          ? 
# 
_refine_hist.pdbx_refine_id                   'X-RAY DIFFRACTION' 
_refine_hist.cycle_id                         LAST 
_refine_hist.pdbx_number_atoms_protein        0 
_refine_hist.pdbx_number_atoms_nucleic_acid   808 
_refine_hist.pdbx_number_atoms_ligand         0 
_refine_hist.number_atoms_solvent             52 
_refine_hist.number_atoms_total               860 
_refine_hist.d_res_high                       2 
_refine_hist.d_res_low                        10 
# 
loop_
_refine_ls_restr.type 
_refine_ls_restr.dev_ideal 
_refine_ls_restr.dev_ideal_target 
_refine_ls_restr.weight 
_refine_ls_restr.number 
_refine_ls_restr.pdbx_refine_id 
_refine_ls_restr.pdbx_restraint_function 
x_angle_deg 1.35  ? ? ? 'X-RAY DIFFRACTION' ? 
x_bond_d    0.023 ? ? ? 'X-RAY DIFFRACTION' ? 
# 
_struct.entry_id                  1SM5 
_struct.title                     'Crystal Structure of a DNA Decamer Containing a Thymine-dimer' 
_struct.pdbx_model_details        ? 
_struct.pdbx_CASP_flag            ? 
_struct.pdbx_model_type_details   ? 
# 
_struct_keywords.entry_id        1SM5 
_struct_keywords.pdbx_keywords   DNA 
_struct_keywords.text            'UV-damaged DNA, Thymine dimer, DNA decamer, DNA' 
# 
loop_
_struct_asym.id 
_struct_asym.pdbx_blank_PDB_chainid_flag 
_struct_asym.pdbx_modified 
_struct_asym.entity_id 
_struct_asym.details 
A N N 1 ? 
B N N 2 ? 
C N N 1 ? 
D N N 2 ? 
E N N 3 ? 
F N N 3 ? 
G N N 3 ? 
H N N 3 ? 
# 
loop_
_struct_ref.id 
_struct_ref.entity_id 
_struct_ref.db_name 
_struct_ref.db_code 
_struct_ref.pdbx_db_accession 
_struct_ref.pdbx_db_isoform 
_struct_ref.pdbx_seq_one_letter_code 
_struct_ref.pdbx_align_begin 
1 1 PDB 1SM5 1SM5 ? ? ? 
2 2 PDB 1SM5 1SM5 ? ? ? 
# 
loop_
_struct_ref_seq.align_id 
_struct_ref_seq.ref_id 
_struct_ref_seq.pdbx_PDB_id_code 
_struct_ref_seq.pdbx_strand_id 
_struct_ref_seq.seq_align_beg 
_struct_ref_seq.pdbx_seq_align_beg_ins_code 
_struct_ref_seq.seq_align_end 
_struct_ref_seq.pdbx_seq_align_end_ins_code 
_struct_ref_seq.pdbx_db_accession 
_struct_ref_seq.db_align_beg 
_struct_ref_seq.pdbx_db_align_beg_ins_code 
_struct_ref_seq.db_align_end 
_struct_ref_seq.pdbx_db_align_end_ins_code 
_struct_ref_seq.pdbx_auth_seq_align_beg 
_struct_ref_seq.pdbx_auth_seq_align_end 
1 1 1SM5 A 1 ? 10 ? 1SM5 1 ? 10 ? 1 10 
2 2 1SM5 B 1 ? 10 ? 1SM5 1 ? 10 ? 1 10 
3 1 1SM5 C 1 ? 10 ? 1SM5 1 ? 10 ? 1 10 
4 2 1SM5 D 1 ? 10 ? 1SM5 1 ? 10 ? 1 10 
# 
loop_
_pdbx_struct_assembly.id 
_pdbx_struct_assembly.details 
_pdbx_struct_assembly.method_details 
_pdbx_struct_assembly.oligomeric_details 
_pdbx_struct_assembly.oligomeric_count 
1 author_defined_assembly ? dimeric 2 
2 author_defined_assembly ? dimeric 2 
# 
loop_
_pdbx_struct_assembly_gen.assembly_id 
_pdbx_struct_assembly_gen.oper_expression 
_pdbx_struct_assembly_gen.asym_id_list 
1 1 A,B,E,F 
2 1 C,D,G,H 
# 
_pdbx_struct_oper_list.id                   1 
_pdbx_struct_oper_list.type                 'identity operation' 
_pdbx_struct_oper_list.name                 1_555 
_pdbx_struct_oper_list.symmetry_operation   x,y,z 
_pdbx_struct_oper_list.matrix[1][1]         1.0000000000 
_pdbx_struct_oper_list.matrix[1][2]         0.0000000000 
_pdbx_struct_oper_list.matrix[1][3]         0.0000000000 
_pdbx_struct_oper_list.vector[1]            0.0000000000 
_pdbx_struct_oper_list.matrix[2][1]         0.0000000000 
_pdbx_struct_oper_list.matrix[2][2]         1.0000000000 
_pdbx_struct_oper_list.matrix[2][3]         0.0000000000 
_pdbx_struct_oper_list.vector[2]            0.0000000000 
_pdbx_struct_oper_list.matrix[3][1]         0.0000000000 
_pdbx_struct_oper_list.matrix[3][2]         0.0000000000 
_pdbx_struct_oper_list.matrix[3][3]         1.0000000000 
_pdbx_struct_oper_list.vector[3]            0.0000000000 
# 
loop_
_struct_biol.id 
_struct_biol.pdbx_parent_biol_id 
_struct_biol.details 
1 ? ? 
2 ? ? 
# 
loop_
_struct_conn.id 
_struct_conn.conn_type_id 
_struct_conn.pdbx_leaving_atom_flag 
_struct_conn.pdbx_PDB_id 
_struct_conn.ptnr1_label_asym_id 
_struct_conn.ptnr1_label_comp_id 
_struct_conn.ptnr1_label_seq_id 
_struct_conn.ptnr1_label_atom_id 
_struct_conn.pdbx_ptnr1_label_alt_id 
_struct_conn.pdbx_ptnr1_PDB_ins_code 
_struct_conn.pdbx_ptnr1_standard_comp_id 
_struct_conn.ptnr1_symmetry 
_struct_conn.ptnr2_label_asym_id 
_struct_conn.ptnr2_label_comp_id 
_struct_conn.ptnr2_label_seq_id 
_struct_conn.ptnr2_label_atom_id 
_struct_conn.pdbx_ptnr2_label_alt_id 
_struct_conn.pdbx_ptnr2_PDB_ins_code 
_struct_conn.ptnr1_auth_asym_id 
_struct_conn.ptnr1_auth_comp_id 
_struct_conn.ptnr1_auth_seq_id 
_struct_conn.ptnr2_auth_asym_id 
_struct_conn.ptnr2_auth_comp_id 
_struct_conn.ptnr2_auth_seq_id 
_struct_conn.ptnr2_symmetry 
_struct_conn.pdbx_ptnr3_label_atom_id 
_struct_conn.pdbx_ptnr3_label_seq_id 
_struct_conn.pdbx_ptnr3_label_comp_id 
_struct_conn.pdbx_ptnr3_label_asym_id 
_struct_conn.pdbx_ptnr3_label_alt_id 
_struct_conn.pdbx_ptnr3_PDB_ins_code 
_struct_conn.details 
_struct_conn.pdbx_dist_value 
_struct_conn.pdbx_value_order 
_struct_conn.pdbx_role 
covale1  covale both ? A DC  2  "O3'" ? ? ? 1_555 A BRU 3  P  ? ? A DC  2  A BRU 3  1_555 ? ? ? ? ? ? ?            1.582 ? ? 
covale2  covale both ? A BRU 3  "O3'" ? ? ? 1_555 A DT  4  P  ? ? A BRU 3  A DT  4  1_555 ? ? ? ? ? ? ?            1.591 ? ? 
covale3  covale both ? A DT  7  "O3'" ? ? ? 1_555 A BRU 8  P  ? ? A DT  7  A BRU 8  1_555 ? ? ? ? ? ? ?            1.611 ? ? 
covale4  covale both ? A BRU 8  "O3'" ? ? ? 1_555 A DC  9  P  ? ? A BRU 8  A DC  9  1_555 ? ? ? ? ? ? ?            1.586 ? ? 
covale5  covale none ? B DT  5  C5    ? ? ? 1_555 B DT  6  C5 ? ? B DT  5  B DT  6  1_555 ? ? ? ? ? ? ?            1.548 ? ? 
covale6  covale none ? B DT  5  C6    ? ? ? 1_555 B DT  6  C6 ? ? B DT  5  B DT  6  1_555 ? ? ? ? ? ? ?            1.581 ? ? 
covale7  covale both ? C DC  2  "O3'" ? ? ? 1_555 C BRU 3  P  ? ? C DC  2  C BRU 3  1_555 ? ? ? ? ? ? ?            1.604 ? ? 
covale8  covale both ? C BRU 3  "O3'" ? ? ? 1_555 C DT  4  P  ? ? C BRU 3  C DT  4  1_555 ? ? ? ? ? ? ?            1.625 ? ? 
covale9  covale both ? C DT  7  "O3'" ? ? ? 1_555 C BRU 8  P  ? ? C DT  7  C BRU 8  1_555 ? ? ? ? ? ? ?            1.631 ? ? 
covale10 covale both ? C BRU 8  "O3'" ? ? ? 1_555 C DC  9  P  ? ? C BRU 8  C DC  9  1_555 ? ? ? ? ? ? ?            1.574 ? ? 
covale11 covale none ? D DT  5  C5    ? ? ? 1_555 D DT  6  C5 ? ? D DT  5  D DT  6  1_555 ? ? ? ? ? ? ?            1.553 ? ? 
covale12 covale none ? D DT  5  C6    ? ? ? 1_555 D DT  6  C6 ? ? D DT  5  D DT  6  1_555 ? ? ? ? ? ? ?            1.592 ? ? 
hydrog1  hydrog ?    ? A DG  1  N1    ? ? ? 1_555 B DC  10 N3 ? ? A DG  1  B DC  10 1_555 ? ? ? ? ? ? WATSON-CRICK ?     ? ? 
hydrog2  hydrog ?    ? A DG  1  N2    ? ? ? 1_555 B DC  10 O2 ? ? A DG  1  B DC  10 1_555 ? ? ? ? ? ? WATSON-CRICK ?     ? ? 
hydrog3  hydrog ?    ? A DG  1  O6    ? ? ? 1_555 B DC  10 N4 ? ? A DG  1  B DC  10 1_555 ? ? ? ? ? ? WATSON-CRICK ?     ? ? 
hydrog4  hydrog ?    ? A DC  2  N3    ? ? ? 1_555 B DG  9  N1 ? ? A DC  2  B DG  9  1_555 ? ? ? ? ? ? WATSON-CRICK ?     ? ? 
hydrog5  hydrog ?    ? A DC  2  N4    ? ? ? 1_555 B DG  9  O6 ? ? A DC  2  B DG  9  1_555 ? ? ? ? ? ? WATSON-CRICK ?     ? ? 
hydrog6  hydrog ?    ? A DC  2  O2    ? ? ? 1_555 B DG  9  N2 ? ? A DC  2  B DG  9  1_555 ? ? ? ? ? ? WATSON-CRICK ?     ? ? 
hydrog7  hydrog ?    ? A BRU 3  N3    ? ? ? 1_555 B DA  8  N1 ? ? A BRU 3  B DA  8  1_555 ? ? ? ? ? ? WATSON-CRICK ?     ? ? 
hydrog8  hydrog ?    ? A BRU 3  O4    ? ? ? 1_555 B DA  8  N6 ? ? A BRU 3  B DA  8  1_555 ? ? ? ? ? ? WATSON-CRICK ?     ? ? 
hydrog9  hydrog ?    ? A DT  4  N3    ? ? ? 1_555 B DA  7  N1 ? ? A DT  4  B DA  7  1_555 ? ? ? ? ? ? WATSON-CRICK ?     ? ? 
hydrog10 hydrog ?    ? A DT  4  O4    ? ? ? 1_555 B DA  7  N6 ? ? A DT  4  B DA  7  1_555 ? ? ? ? ? ? WATSON-CRICK ?     ? ? 
hydrog11 hydrog ?    ? A DA  5  N1    ? ? ? 1_555 B DT  6  N3 ? ? A DA  5  B DT  6  1_555 ? ? ? ? ? ? WATSON-CRICK ?     ? ? 
hydrog12 hydrog ?    ? A DA  5  N6    ? ? ? 1_555 B DT  6  O4 ? ? A DA  5  B DT  6  1_555 ? ? ? ? ? ? WATSON-CRICK ?     ? ? 
hydrog13 hydrog ?    ? A DA  6  N1    ? ? ? 1_555 B DT  5  N3 ? ? A DA  6  B DT  5  1_555 ? ? ? ? ? ? WATSON-CRICK ?     ? ? 
hydrog14 hydrog ?    ? A DA  6  N6    ? ? ? 1_555 B DT  5  O4 ? ? A DA  6  B DT  5  1_555 ? ? ? ? ? ? WATSON-CRICK ?     ? ? 
hydrog15 hydrog ?    ? A DT  7  N3    ? ? ? 1_555 B DA  4  N1 ? ? A DT  7  B DA  4  1_555 ? ? ? ? ? ? WATSON-CRICK ?     ? ? 
hydrog16 hydrog ?    ? A DT  7  O4    ? ? ? 1_555 B DA  4  N6 ? ? A DT  7  B DA  4  1_555 ? ? ? ? ? ? WATSON-CRICK ?     ? ? 
hydrog17 hydrog ?    ? A BRU 8  N3    ? ? ? 1_555 B DA  3  N1 ? ? A BRU 8  B DA  3  1_555 ? ? ? ? ? ? WATSON-CRICK ?     ? ? 
hydrog18 hydrog ?    ? A BRU 8  O4    ? ? ? 1_555 B DA  3  N6 ? ? A BRU 8  B DA  3  1_555 ? ? ? ? ? ? WATSON-CRICK ?     ? ? 
hydrog19 hydrog ?    ? A DC  9  N3    ? ? ? 1_555 B DG  2  N1 ? ? A DC  9  B DG  2  1_555 ? ? ? ? ? ? WATSON-CRICK ?     ? ? 
hydrog20 hydrog ?    ? A DC  9  N4    ? ? ? 1_555 B DG  2  O6 ? ? A DC  9  B DG  2  1_555 ? ? ? ? ? ? WATSON-CRICK ?     ? ? 
hydrog21 hydrog ?    ? A DC  9  O2    ? ? ? 1_555 B DG  2  N2 ? ? A DC  9  B DG  2  1_555 ? ? ? ? ? ? WATSON-CRICK ?     ? ? 
hydrog22 hydrog ?    ? A DG  10 N1    ? ? ? 1_555 B DC  1  N3 ? ? A DG  10 B DC  1  1_555 ? ? ? ? ? ? WATSON-CRICK ?     ? ? 
hydrog23 hydrog ?    ? A DG  10 N2    ? ? ? 1_555 B DC  1  O2 ? ? A DG  10 B DC  1  1_555 ? ? ? ? ? ? WATSON-CRICK ?     ? ? 
hydrog24 hydrog ?    ? A DG  10 O6    ? ? ? 1_555 B DC  1  N4 ? ? A DG  10 B DC  1  1_555 ? ? ? ? ? ? WATSON-CRICK ?     ? ? 
hydrog25 hydrog ?    ? C DG  1  N1    ? ? ? 1_555 D DC  10 N3 ? ? C DG  1  D DC  10 1_555 ? ? ? ? ? ? WATSON-CRICK ?     ? ? 
hydrog26 hydrog ?    ? C DG  1  N2    ? ? ? 1_555 D DC  10 O2 ? ? C DG  1  D DC  10 1_555 ? ? ? ? ? ? WATSON-CRICK ?     ? ? 
hydrog27 hydrog ?    ? C DG  1  O6    ? ? ? 1_555 D DC  10 N4 ? ? C DG  1  D DC  10 1_555 ? ? ? ? ? ? WATSON-CRICK ?     ? ? 
hydrog28 hydrog ?    ? C DC  2  N3    ? ? ? 1_555 D DG  9  N1 ? ? C DC  2  D DG  9  1_555 ? ? ? ? ? ? WATSON-CRICK ?     ? ? 
hydrog29 hydrog ?    ? C DC  2  N4    ? ? ? 1_555 D DG  9  O6 ? ? C DC  2  D DG  9  1_555 ? ? ? ? ? ? WATSON-CRICK ?     ? ? 
hydrog30 hydrog ?    ? C DC  2  O2    ? ? ? 1_555 D DG  9  N2 ? ? C DC  2  D DG  9  1_555 ? ? ? ? ? ? WATSON-CRICK ?     ? ? 
hydrog31 hydrog ?    ? C BRU 3  N3    ? ? ? 1_555 D DA  8  N1 ? ? C BRU 3  D DA  8  1_555 ? ? ? ? ? ? WATSON-CRICK ?     ? ? 
hydrog32 hydrog ?    ? C BRU 3  O4    ? ? ? 1_555 D DA  8  N6 ? ? C BRU 3  D DA  8  1_555 ? ? ? ? ? ? WATSON-CRICK ?     ? ? 
hydrog33 hydrog ?    ? C DT  4  N3    ? ? ? 1_555 D DA  7  N1 ? ? C DT  4  D DA  7  1_555 ? ? ? ? ? ? WATSON-CRICK ?     ? ? 
hydrog34 hydrog ?    ? C DT  4  O4    ? ? ? 1_555 D DA  7  N6 ? ? C DT  4  D DA  7  1_555 ? ? ? ? ? ? WATSON-CRICK ?     ? ? 
hydrog35 hydrog ?    ? C DA  5  N1    ? ? ? 1_555 D DT  6  N3 ? ? C DA  5  D DT  6  1_555 ? ? ? ? ? ? WATSON-CRICK ?     ? ? 
hydrog36 hydrog ?    ? C DA  5  N6    ? ? ? 1_555 D DT  6  O4 ? ? C DA  5  D DT  6  1_555 ? ? ? ? ? ? WATSON-CRICK ?     ? ? 
hydrog37 hydrog ?    ? C DA  6  N1    ? ? ? 1_555 D DT  5  N3 ? ? C DA  6  D DT  5  1_555 ? ? ? ? ? ? WATSON-CRICK ?     ? ? 
hydrog38 hydrog ?    ? C DA  6  N6    ? ? ? 1_555 D DT  5  O4 ? ? C DA  6  D DT  5  1_555 ? ? ? ? ? ? WATSON-CRICK ?     ? ? 
hydrog39 hydrog ?    ? C DT  7  N3    ? ? ? 1_555 D DA  4  N1 ? ? C DT  7  D DA  4  1_555 ? ? ? ? ? ? WATSON-CRICK ?     ? ? 
hydrog40 hydrog ?    ? C DT  7  O4    ? ? ? 1_555 D DA  4  N6 ? ? C DT  7  D DA  4  1_555 ? ? ? ? ? ? WATSON-CRICK ?     ? ? 
hydrog41 hydrog ?    ? C BRU 8  N3    ? ? ? 1_555 D DA  3  N1 ? ? C BRU 8  D DA  3  1_555 ? ? ? ? ? ? WATSON-CRICK ?     ? ? 
hydrog42 hydrog ?    ? C BRU 8  O4    ? ? ? 1_555 D DA  3  N6 ? ? C BRU 8  D DA  3  1_555 ? ? ? ? ? ? WATSON-CRICK ?     ? ? 
hydrog43 hydrog ?    ? C DC  9  N3    ? ? ? 1_555 D DG  2  N1 ? ? C DC  9  D DG  2  1_555 ? ? ? ? ? ? WATSON-CRICK ?     ? ? 
hydrog44 hydrog ?    ? C DC  9  N4    ? ? ? 1_555 D DG  2  O6 ? ? C DC  9  D DG  2  1_555 ? ? ? ? ? ? WATSON-CRICK ?     ? ? 
hydrog45 hydrog ?    ? C DC  9  O2    ? ? ? 1_555 D DG  2  N2 ? ? C DC  9  D DG  2  1_555 ? ? ? ? ? ? WATSON-CRICK ?     ? ? 
hydrog46 hydrog ?    ? C DG  10 N1    ? ? ? 1_555 D DC  1  N3 ? ? C DG  10 D DC  1  1_555 ? ? ? ? ? ? WATSON-CRICK ?     ? ? 
hydrog47 hydrog ?    ? C DG  10 N2    ? ? ? 1_555 D DC  1  O2 ? ? C DG  10 D DC  1  1_555 ? ? ? ? ? ? WATSON-CRICK ?     ? ? 
hydrog48 hydrog ?    ? C DG  10 O6    ? ? ? 1_555 D DC  1  N4 ? ? C DG  10 D DC  1  1_555 ? ? ? ? ? ? WATSON-CRICK ?     ? ? 
# 
loop_
_struct_conn_type.id 
_struct_conn_type.criteria 
_struct_conn_type.reference 
covale ? ? 
hydrog ? ? 
# 
loop_
_pdbx_validate_rmsd_bond.id 
_pdbx_validate_rmsd_bond.PDB_model_num 
_pdbx_validate_rmsd_bond.auth_atom_id_1 
_pdbx_validate_rmsd_bond.auth_asym_id_1 
_pdbx_validate_rmsd_bond.auth_comp_id_1 
_pdbx_validate_rmsd_bond.auth_seq_id_1 
_pdbx_validate_rmsd_bond.PDB_ins_code_1 
_pdbx_validate_rmsd_bond.label_alt_id_1 
_pdbx_validate_rmsd_bond.auth_atom_id_2 
_pdbx_validate_rmsd_bond.auth_asym_id_2 
_pdbx_validate_rmsd_bond.auth_comp_id_2 
_pdbx_validate_rmsd_bond.auth_seq_id_2 
_pdbx_validate_rmsd_bond.PDB_ins_code_2 
_pdbx_validate_rmsd_bond.label_alt_id_2 
_pdbx_validate_rmsd_bond.bond_value 
_pdbx_validate_rmsd_bond.bond_target_value 
_pdbx_validate_rmsd_bond.bond_deviation 
_pdbx_validate_rmsd_bond.bond_standard_deviation 
_pdbx_validate_rmsd_bond.linker_flag 
1  1 "O4'" A DT 4  ? ? "C4'" A DT 4  ? ? 1.377 1.446 -0.069 0.010 N 
2  1 "O3'" A DG 10 ? ? "C3'" A DG 10 ? ? 1.373 1.419 -0.046 0.006 N 
3  1 N7    A DG 10 ? ? C8    A DG 10 ? ? 1.264 1.305 -0.041 0.006 N 
4  1 "C4'" B DC 1  ? ? "C3'" B DC 1  ? ? 1.449 1.521 -0.072 0.010 N 
5  1 N1    B DC 1  ? ? C2    B DC 1  ? ? 1.311 1.397 -0.086 0.010 N 
6  1 C2    B DC 1  ? ? N3    B DC 1  ? ? 1.300 1.353 -0.053 0.008 N 
7  1 "O4'" B DG 2  ? ? "C4'" B DG 2  ? ? 1.385 1.446 -0.061 0.010 N 
8  1 N1    B DG 2  ? ? C2    B DG 2  ? ? 1.318 1.373 -0.055 0.008 N 
9  1 N3    B DG 2  ? ? C4    B DG 2  ? ? 1.307 1.350 -0.043 0.007 N 
10 1 C4    B DG 2  ? ? C5    B DG 2  ? ? 1.334 1.379 -0.045 0.007 N 
11 1 C6    B DG 2  ? ? N1    B DG 2  ? ? 1.345 1.391 -0.046 0.007 N 
12 1 "C5'" B DA 3  ? ? "C4'" B DA 3  ? ? 1.426 1.509 -0.083 0.011 N 
13 1 C4    B DA 3  ? ? C5    B DA 3  ? ? 1.338 1.383 -0.045 0.007 N 
14 1 C6    B DA 3  ? ? N1    B DA 3  ? ? 1.286 1.351 -0.065 0.007 N 
15 1 N9    B DA 3  ? ? C4    B DA 3  ? ? 1.419 1.374 0.045  0.006 N 
16 1 C5    B DT 5  ? ? C6    B DT 5  ? ? 1.395 1.339 0.056  0.007 N 
17 1 C6    B DT 5  ? ? N1    B DT 5  ? ? 1.421 1.378 0.043  0.007 N 
18 1 C5    B DT 5  ? ? C7    B DT 5  ? ? 1.772 1.496 0.276  0.006 N 
19 1 C6    B DT 6  ? ? N1    B DT 6  ? ? 1.451 1.378 0.073  0.007 N 
20 1 C5    B DT 6  ? ? C7    B DT 6  ? ? 1.597 1.496 0.101  0.006 N 
21 1 "C2'" B DA 8  ? ? "C1'" B DA 8  ? ? 1.446 1.518 -0.072 0.010 N 
22 1 C4    B DA 8  ? ? C5    B DA 8  ? ? 1.340 1.383 -0.043 0.007 N 
23 1 C6    B DA 8  ? ? N1    B DA 8  ? ? 1.297 1.351 -0.054 0.007 N 
24 1 "O3'" C DG 1  ? ? "C3'" C DG 1  ? ? 1.383 1.419 -0.036 0.006 N 
25 1 "C4'" C DG 10 ? ? "C3'" C DG 10 ? ? 1.431 1.521 -0.090 0.010 N 
26 1 "C4'" D DG 2  ? ? "C3'" D DG 2  ? ? 1.451 1.521 -0.070 0.010 N 
27 1 "C2'" D DG 2  ? ? "C1'" D DG 2  ? ? 1.443 1.518 -0.075 0.010 N 
28 1 C5    D DT 5  ? ? C6    D DT 5  ? ? 1.398 1.339 0.059  0.007 N 
29 1 C6    D DT 5  ? ? N1    D DT 5  ? ? 1.421 1.378 0.043  0.007 N 
30 1 C5    D DT 5  ? ? C7    D DT 5  ? ? 1.770 1.496 0.274  0.006 N 
31 1 C4    D DT 6  ? ? C5    D DT 6  ? ? 1.508 1.445 0.063  0.009 N 
32 1 C6    D DT 6  ? ? N1    D DT 6  ? ? 1.443 1.378 0.065  0.007 N 
33 1 C5    D DT 6  ? ? C7    D DT 6  ? ? 1.597 1.496 0.101  0.006 N 
34 1 "C3'" D DA 8  ? ? "C2'" D DA 8  ? ? 1.464 1.516 -0.052 0.008 N 
35 1 C8    D DG 9  ? ? N9    D DG 9  ? ? 1.312 1.374 -0.062 0.007 N 
36 1 N1    D DC 10 ? ? C6    D DC 10 ? ? 1.310 1.367 -0.057 0.006 N 
# 
loop_
_pdbx_validate_rmsd_angle.id 
_pdbx_validate_rmsd_angle.PDB_model_num 
_pdbx_validate_rmsd_angle.auth_atom_id_1 
_pdbx_validate_rmsd_angle.auth_asym_id_1 
_pdbx_validate_rmsd_angle.auth_comp_id_1 
_pdbx_validate_rmsd_angle.auth_seq_id_1 
_pdbx_validate_rmsd_angle.PDB_ins_code_1 
_pdbx_validate_rmsd_angle.label_alt_id_1 
_pdbx_validate_rmsd_angle.auth_atom_id_2 
_pdbx_validate_rmsd_angle.auth_asym_id_2 
_pdbx_validate_rmsd_angle.auth_comp_id_2 
_pdbx_validate_rmsd_angle.auth_seq_id_2 
_pdbx_validate_rmsd_angle.PDB_ins_code_2 
_pdbx_validate_rmsd_angle.label_alt_id_2 
_pdbx_validate_rmsd_angle.auth_atom_id_3 
_pdbx_validate_rmsd_angle.auth_asym_id_3 
_pdbx_validate_rmsd_angle.auth_comp_id_3 
_pdbx_validate_rmsd_angle.auth_seq_id_3 
_pdbx_validate_rmsd_angle.PDB_ins_code_3 
_pdbx_validate_rmsd_angle.label_alt_id_3 
_pdbx_validate_rmsd_angle.angle_value 
_pdbx_validate_rmsd_angle.angle_target_value 
_pdbx_validate_rmsd_angle.angle_deviation 
_pdbx_validate_rmsd_angle.angle_standard_deviation 
_pdbx_validate_rmsd_angle.linker_flag 
1  1 "O4'" A DG 1  ? ? "C1'" A DG 1  ? ? N9    A DG  1  ? ? 112.35 108.30 4.05   0.30 N 
2  1 N7    A DG 1  ? ? C8    A DG 1  ? ? N9    A DG  1  ? ? 116.44 113.10 3.34   0.50 N 
3  1 C8    A DG 1  ? ? N9    A DG 1  ? ? C4    A DG  1  ? ? 102.54 106.40 -3.86  0.40 N 
4  1 N9    A DG 1  ? ? C4    A DG 1  ? ? C5    A DG  1  ? ? 108.08 105.40 2.68   0.40 N 
5  1 "O4'" A DC 2  ? ? "C1'" A DC 2  ? ? N1    A DC  2  ? ? 111.29 108.30 2.99   0.30 N 
6  1 "O4'" A DT 4  ? ? "C1'" A DT 4  ? ? "C2'" A DT  4  ? ? 100.59 105.90 -5.31  0.80 N 
7  1 C4    A DT 4  ? ? C5    A DT 4  ? ? C7    A DT  4  ? ? 123.67 119.00 4.67   0.60 N 
8  1 C6    A DT 4  ? ? C5    A DT 4  ? ? C7    A DT  4  ? ? 115.53 122.90 -7.37  0.60 N 
9  1 "C1'" A DT 7  ? ? "O4'" A DT 7  ? ? "C4'" A DT  7  ? ? 102.81 110.10 -7.29  1.00 N 
10 1 "O4'" A DT 7  ? ? "C1'" A DT 7  ? ? N1    A DT  7  ? ? 102.34 108.00 -5.66  0.70 N 
11 1 C6    A DT 7  ? ? C5    A DT 7  ? ? C7    A DT  7  ? ? 119.09 122.90 -3.81  0.60 N 
12 1 N1    A DC 9  ? ? C2    A DC 9  ? ? O2    A DC  9  ? ? 123.60 118.90 4.70   0.60 N 
13 1 "C3'" A DC 9  ? ? "O3'" A DC 9  ? ? P     A DG  10 ? ? 132.68 119.70 12.98  1.20 Y 
14 1 "O3'" A DC 9  ? ? P     A DG 10 ? ? OP2   A DG  10 ? ? 118.04 110.50 7.54   1.10 Y 
15 1 "O4'" A DG 10 ? ? "C4'" A DG 10 ? ? "C3'" A DG  10 ? ? 109.73 106.00 3.73   0.60 N 
16 1 C2    A DG 10 ? ? N3    A DG 10 ? ? C4    A DG  10 ? ? 116.12 111.90 4.22   0.50 N 
17 1 "O4'" B DC 1  ? ? "C1'" B DC 1  ? ? "C2'" B DC  1  ? ? 100.33 105.90 -5.57  0.80 N 
18 1 "O4'" B DC 1  ? ? "C1'" B DC 1  ? ? N1    B DC  1  ? ? 103.15 108.00 -4.85  0.70 N 
19 1 N1    B DC 1  ? ? C2    B DC 1  ? ? O2    B DC  1  ? ? 123.31 118.90 4.41   0.60 N 
20 1 N3    B DC 1  ? ? C2    B DC 1  ? ? O2    B DC  1  ? ? 115.24 121.90 -6.66  0.70 N 
21 1 "O4'" B DG 2  ? ? "C1'" B DG 2  ? ? "C2'" B DG  2  ? ? 100.35 105.90 -5.55  0.80 N 
22 1 C2    B DG 2  ? ? N3    B DG 2  ? ? C4    B DG  2  ? ? 115.32 111.90 3.42   0.50 N 
23 1 N3    B DG 2  ? ? C2    B DG 2  ? ? N2    B DG  2  ? ? 124.40 119.90 4.50   0.70 N 
24 1 "O4'" B DA 3  ? ? "C1'" B DA 3  ? ? N9    B DA  3  ? ? 115.26 108.30 6.96   0.30 N 
25 1 C5    B DA 3  ? ? N7    B DA 3  ? ? C8    B DA  3  ? ? 107.47 103.90 3.57   0.50 N 
26 1 N7    B DA 3  ? ? C8    B DA 3  ? ? N9    B DA  3  ? ? 110.24 113.80 -3.56  0.50 N 
27 1 "O4'" B DT 5  ? ? "C1'" B DT 5  ? ? N1    B DT  5  ? ? 98.53  108.00 -9.47  0.70 N 
28 1 C5    B DT 5  ? ? C6    B DT 5  ? ? N1    B DT  5  ? ? 118.41 123.70 -5.29  0.60 N 
29 1 C4    B DT 5  ? ? C5    B DT 5  ? ? C7    B DT  5  ? ? 93.65  119.00 -25.35 0.60 N 
30 1 "C1'" B DT 6  ? ? "O4'" B DT 6  ? ? "C4'" B DT  6  ? ? 99.60  110.10 -10.50 1.00 N 
31 1 "O4'" B DT 6  ? ? "C1'" B DT 6  ? ? N1    B DT  6  ? ? 121.30 108.30 13.00  0.30 N 
32 1 N3    B DT 6  ? ? C2    B DT 6  ? ? O2    B DT  6  ? ? 118.36 122.30 -3.94  0.60 N 
33 1 N3    B DT 6  ? ? C4    B DT 6  ? ? O4    B DT  6  ? ? 114.89 119.90 -5.01  0.60 N 
34 1 C5    B DT 6  ? ? C4    B DT 6  ? ? O4    B DT  6  ? ? 129.27 124.90 4.37   0.70 N 
35 1 C4    B DT 6  ? ? C5    B DT 6  ? ? C7    B DT  6  ? ? 107.65 119.00 -11.35 0.60 N 
36 1 "O4'" B DA 8  ? ? "C4'" B DA 8  ? ? "C3'" B DA  8  ? ? 100.91 104.50 -3.59  0.40 N 
37 1 "C1'" B DA 8  ? ? "O4'" B DA 8  ? ? "C4'" B DA  8  ? ? 100.53 110.10 -9.57  1.00 N 
38 1 "O4'" B DG 9  ? ? "C4'" B DG 9  ? ? "C3'" B DG  9  ? ? 101.91 104.50 -2.59  0.40 N 
39 1 "O4'" B DG 9  ? ? "C1'" B DG 9  ? ? "C2'" B DG  9  ? ? 97.76  105.90 -8.14  0.80 N 
40 1 "C3'" B DG 9  ? ? "O3'" B DG 9  ? ? P     B DC  10 ? ? 131.63 119.70 11.93  1.20 Y 
41 1 "O4'" C DG 1  ? ? "C1'" C DG 1  ? ? N9    C DG  1  ? ? 110.27 108.30 1.97   0.30 N 
42 1 C5    C DG 1  ? ? C6    C DG 1  ? ? N1    C DG  1  ? ? 114.86 111.50 3.36   0.50 N 
43 1 "C3'" C DG 1  ? ? "O3'" C DG 1  ? ? P     C DC  2  ? ? 131.84 119.70 12.14  1.20 Y 
44 1 "C1'" C DC 2  ? ? "O4'" C DC 2  ? ? "C4'" C DC  2  ? ? 103.94 110.10 -6.16  1.00 N 
45 1 "C4'" C DC 2  ? ? "C3'" C DC 2  ? ? "C2'" C DC  2  ? ? 94.91  102.20 -7.29  0.70 N 
46 1 "C3'" C DC 2  ? ? "O3'" C DC 2  ? ? P     C BRU 3  ? ? 128.07 119.70 8.37   1.20 Y 
47 1 "C1'" C DT 4  ? ? "O4'" C DT 4  ? ? "C4'" C DT  4  ? ? 102.46 110.10 -7.64  1.00 N 
48 1 "O4'" C DT 7  ? ? "C1'" C DT 7  ? ? N1    C DT  7  ? ? 112.90 108.30 4.60   0.30 N 
49 1 "C4'" C DG 10 ? ? "C3'" C DG 10 ? ? "C2'" C DG  10 ? ? 97.81  102.20 -4.39  0.70 N 
50 1 N3    C DG 10 ? ? C4    C DG 10 ? ? C5    C DG  10 ? ? 125.54 128.60 -3.06  0.50 N 
51 1 C4    C DG 10 ? ? C5    C DG 10 ? ? N7    C DG  10 ? ? 107.78 110.80 -3.02  0.40 N 
52 1 C8    C DG 10 ? ? N9    C DG 10 ? ? C4    C DG  10 ? ? 102.80 106.40 -3.60  0.40 N 
53 1 N9    C DG 10 ? ? C4    C DG 10 ? ? C5    C DG  10 ? ? 108.70 105.40 3.30   0.40 N 
54 1 C5    C DG 10 ? ? C6    C DG 10 ? ? O6    C DG  10 ? ? 132.43 128.60 3.83   0.60 N 
55 1 "O4'" D DA 3  ? ? "C1'" D DA 3  ? ? N9    D DA  3  ? ? 113.41 108.30 5.11   0.30 N 
56 1 "O4'" D DT 5  ? ? "C1'" D DT 5  ? ? N1    D DT  5  ? ? 100.24 108.00 -7.76  0.70 N 
57 1 C5    D DT 5  ? ? C6    D DT 5  ? ? N1    D DT  5  ? ? 119.15 123.70 -4.55  0.60 N 
58 1 C4    D DT 5  ? ? C5    D DT 5  ? ? C7    D DT  5  ? ? 93.57  119.00 -25.43 0.60 N 
59 1 "C1'" D DT 6  ? ? "O4'" D DT 6  ? ? "C4'" D DT  6  ? ? 98.75  110.10 -11.35 1.00 N 
60 1 "O4'" D DT 6  ? ? "C1'" D DT 6  ? ? N1    D DT  6  ? ? 121.35 108.30 13.05  0.30 N 
61 1 N3    D DT 6  ? ? C2    D DT 6  ? ? O2    D DT  6  ? ? 118.31 122.30 -3.99  0.60 N 
62 1 N3    D DT 6  ? ? C4    D DT 6  ? ? O4    D DT  6  ? ? 115.32 119.90 -4.58  0.60 N 
63 1 C4    D DT 6  ? ? C5    D DT 6  ? ? C7    D DT  6  ? ? 107.80 119.00 -11.20 0.60 N 
64 1 "C3'" D DA 8  ? ? "C2'" D DA 8  ? ? "C1'" D DA  8  ? ? 95.89  102.40 -6.51  0.80 N 
65 1 "O4'" D DA 8  ? ? "C1'" D DA 8  ? ? "C2'" D DA  8  ? ? 110.73 106.80 3.93   0.50 N 
66 1 "C3'" D DA 8  ? ? "O3'" D DA 8  ? ? P     D DG  9  ? ? 127.89 119.70 8.19   1.20 Y 
67 1 N1    D DG 9  ? ? C6    D DG 9  ? ? O6    D DG  9  ? ? 114.13 119.90 -5.77  0.60 N 
68 1 C5    D DG 9  ? ? C6    D DG 9  ? ? O6    D DG  9  ? ? 132.64 128.60 4.04   0.60 N 
69 1 "C1'" D DC 10 ? ? "O4'" D DC 10 ? ? "C4'" D DC  10 ? ? 102.65 110.10 -7.45  1.00 N 
70 1 "O4'" D DC 10 ? ? "C1'" D DC 10 ? ? N1    D DC  10 ? ? 110.49 108.30 2.19   0.30 N 
71 1 N1    D DC 10 ? ? C2    D DC 10 ? ? O2    D DC  10 ? ? 122.57 118.90 3.67   0.60 N 
# 
loop_
_pdbx_validate_planes.id 
_pdbx_validate_planes.PDB_model_num 
_pdbx_validate_planes.auth_comp_id 
_pdbx_validate_planes.auth_asym_id 
_pdbx_validate_planes.auth_seq_id 
_pdbx_validate_planes.PDB_ins_code 
_pdbx_validate_planes.label_alt_id 
_pdbx_validate_planes.rmsd 
_pdbx_validate_planes.type 
1 1 DC C 2  ? ? 0.098 'SIDE CHAIN' 
2 1 DG C 10 ? ? 0.061 'SIDE CHAIN' 
3 1 DG D 2  ? ? 0.095 'SIDE CHAIN' 
# 
loop_
_pdbx_struct_mod_residue.id 
_pdbx_struct_mod_residue.label_asym_id 
_pdbx_struct_mod_residue.label_comp_id 
_pdbx_struct_mod_residue.label_seq_id 
_pdbx_struct_mod_residue.auth_asym_id 
_pdbx_struct_mod_residue.auth_comp_id 
_pdbx_struct_mod_residue.auth_seq_id 
_pdbx_struct_mod_residue.PDB_ins_code 
_pdbx_struct_mod_residue.parent_comp_id 
_pdbx_struct_mod_residue.details 
1 A BRU 3 A BRU 3 ? DU ? 
2 A BRU 8 A BRU 8 ? DU ? 
3 C BRU 3 C BRU 3 ? DU ? 
4 C BRU 8 C BRU 8 ? DU ? 
# 
loop_
_chem_comp_atom.comp_id 
_chem_comp_atom.atom_id 
_chem_comp_atom.type_symbol 
_chem_comp_atom.pdbx_aromatic_flag 
_chem_comp_atom.pdbx_stereo_config 
_chem_comp_atom.pdbx_ordinal 
BRU N1     N  N N 1   
BRU C2     C  N N 2   
BRU N3     N  N N 3   
BRU C4     C  N N 4   
BRU C5     C  N N 5   
BRU C6     C  N N 6   
BRU O2     O  N N 7   
BRU O4     O  N N 8   
BRU BR     BR N N 9   
BRU "C1'"  C  N R 10  
BRU "C2'"  C  N N 11  
BRU "C3'"  C  N S 12  
BRU "C4'"  C  N R 13  
BRU "O3'"  O  N N 14  
BRU "O4'"  O  N N 15  
BRU "C5'"  C  N N 16  
BRU "O5'"  O  N N 17  
BRU P      P  N N 18  
BRU OP1    O  N N 19  
BRU OP2    O  N N 20  
BRU OP3    O  N N 21  
BRU HN3    H  N N 22  
BRU H6     H  N N 23  
BRU "H1'"  H  N N 24  
BRU "H2'"  H  N N 25  
BRU "H2''" H  N N 26  
BRU "H3'"  H  N N 27  
BRU "H4'"  H  N N 28  
BRU "HO3'" H  N N 29  
BRU "H5'"  H  N N 30  
BRU "H5''" H  N N 31  
BRU HOP2   H  N N 32  
BRU HOP3   H  N N 33  
DA  OP3    O  N N 34  
DA  P      P  N N 35  
DA  OP1    O  N N 36  
DA  OP2    O  N N 37  
DA  "O5'"  O  N N 38  
DA  "C5'"  C  N N 39  
DA  "C4'"  C  N R 40  
DA  "O4'"  O  N N 41  
DA  "C3'"  C  N S 42  
DA  "O3'"  O  N N 43  
DA  "C2'"  C  N N 44  
DA  "C1'"  C  N R 45  
DA  N9     N  Y N 46  
DA  C8     C  Y N 47  
DA  N7     N  Y N 48  
DA  C5     C  Y N 49  
DA  C6     C  Y N 50  
DA  N6     N  N N 51  
DA  N1     N  Y N 52  
DA  C2     C  Y N 53  
DA  N3     N  Y N 54  
DA  C4     C  Y N 55  
DA  HOP3   H  N N 56  
DA  HOP2   H  N N 57  
DA  "H5'"  H  N N 58  
DA  "H5''" H  N N 59  
DA  "H4'"  H  N N 60  
DA  "H3'"  H  N N 61  
DA  "HO3'" H  N N 62  
DA  "H2'"  H  N N 63  
DA  "H2''" H  N N 64  
DA  "H1'"  H  N N 65  
DA  H8     H  N N 66  
DA  H61    H  N N 67  
DA  H62    H  N N 68  
DA  H2     H  N N 69  
DC  OP3    O  N N 70  
DC  P      P  N N 71  
DC  OP1    O  N N 72  
DC  OP2    O  N N 73  
DC  "O5'"  O  N N 74  
DC  "C5'"  C  N N 75  
DC  "C4'"  C  N R 76  
DC  "O4'"  O  N N 77  
DC  "C3'"  C  N S 78  
DC  "O3'"  O  N N 79  
DC  "C2'"  C  N N 80  
DC  "C1'"  C  N R 81  
DC  N1     N  N N 82  
DC  C2     C  N N 83  
DC  O2     O  N N 84  
DC  N3     N  N N 85  
DC  C4     C  N N 86  
DC  N4     N  N N 87  
DC  C5     C  N N 88  
DC  C6     C  N N 89  
DC  HOP3   H  N N 90  
DC  HOP2   H  N N 91  
DC  "H5'"  H  N N 92  
DC  "H5''" H  N N 93  
DC  "H4'"  H  N N 94  
DC  "H3'"  H  N N 95  
DC  "HO3'" H  N N 96  
DC  "H2'"  H  N N 97  
DC  "H2''" H  N N 98  
DC  "H1'"  H  N N 99  
DC  H41    H  N N 100 
DC  H42    H  N N 101 
DC  H5     H  N N 102 
DC  H6     H  N N 103 
DG  OP3    O  N N 104 
DG  P      P  N N 105 
DG  OP1    O  N N 106 
DG  OP2    O  N N 107 
DG  "O5'"  O  N N 108 
DG  "C5'"  C  N N 109 
DG  "C4'"  C  N R 110 
DG  "O4'"  O  N N 111 
DG  "C3'"  C  N S 112 
DG  "O3'"  O  N N 113 
DG  "C2'"  C  N N 114 
DG  "C1'"  C  N R 115 
DG  N9     N  Y N 116 
DG  C8     C  Y N 117 
DG  N7     N  Y N 118 
DG  C5     C  Y N 119 
DG  C6     C  N N 120 
DG  O6     O  N N 121 
DG  N1     N  N N 122 
DG  C2     C  N N 123 
DG  N2     N  N N 124 
DG  N3     N  N N 125 
DG  C4     C  Y N 126 
DG  HOP3   H  N N 127 
DG  HOP2   H  N N 128 
DG  "H5'"  H  N N 129 
DG  "H5''" H  N N 130 
DG  "H4'"  H  N N 131 
DG  "H3'"  H  N N 132 
DG  "HO3'" H  N N 133 
DG  "H2'"  H  N N 134 
DG  "H2''" H  N N 135 
DG  "H1'"  H  N N 136 
DG  H8     H  N N 137 
DG  H1     H  N N 138 
DG  H21    H  N N 139 
DG  H22    H  N N 140 
DT  OP3    O  N N 141 
DT  P      P  N N 142 
DT  OP1    O  N N 143 
DT  OP2    O  N N 144 
DT  "O5'"  O  N N 145 
DT  "C5'"  C  N N 146 
DT  "C4'"  C  N R 147 
DT  "O4'"  O  N N 148 
DT  "C3'"  C  N S 149 
DT  "O3'"  O  N N 150 
DT  "C2'"  C  N N 151 
DT  "C1'"  C  N R 152 
DT  N1     N  N N 153 
DT  C2     C  N N 154 
DT  O2     O  N N 155 
DT  N3     N  N N 156 
DT  C4     C  N N 157 
DT  O4     O  N N 158 
DT  C5     C  N N 159 
DT  C7     C  N N 160 
DT  C6     C  N N 161 
DT  HOP3   H  N N 162 
DT  HOP2   H  N N 163 
DT  "H5'"  H  N N 164 
DT  "H5''" H  N N 165 
DT  "H4'"  H  N N 166 
DT  "H3'"  H  N N 167 
DT  "HO3'" H  N N 168 
DT  "H2'"  H  N N 169 
DT  "H2''" H  N N 170 
DT  "H1'"  H  N N 171 
DT  H3     H  N N 172 
DT  H71    H  N N 173 
DT  H72    H  N N 174 
DT  H73    H  N N 175 
DT  H6     H  N N 176 
HOH O      O  N N 177 
HOH H1     H  N N 178 
HOH H2     H  N N 179 
# 
loop_
_chem_comp_bond.comp_id 
_chem_comp_bond.atom_id_1 
_chem_comp_bond.atom_id_2 
_chem_comp_bond.value_order 
_chem_comp_bond.pdbx_aromatic_flag 
_chem_comp_bond.pdbx_stereo_config 
_chem_comp_bond.pdbx_ordinal 
BRU N1    C2     sing N N 1   
BRU N1    C6     sing N N 2   
BRU N1    "C1'"  sing N N 3   
BRU C2    N3     sing N N 4   
BRU C2    O2     doub N N 5   
BRU N3    C4     sing N N 6   
BRU N3    HN3    sing N N 7   
BRU C4    C5     sing N N 8   
BRU C4    O4     doub N N 9   
BRU C5    C6     doub N N 10  
BRU C5    BR     sing N N 11  
BRU C6    H6     sing N N 12  
BRU "C1'" "C2'"  sing N N 13  
BRU "C1'" "O4'"  sing N N 14  
BRU "C1'" "H1'"  sing N N 15  
BRU "C2'" "C3'"  sing N N 16  
BRU "C2'" "H2'"  sing N N 17  
BRU "C2'" "H2''" sing N N 18  
BRU "C3'" "C4'"  sing N N 19  
BRU "C3'" "O3'"  sing N N 20  
BRU "C3'" "H3'"  sing N N 21  
BRU "C4'" "O4'"  sing N N 22  
BRU "C4'" "C5'"  sing N N 23  
BRU "C4'" "H4'"  sing N N 24  
BRU "O3'" "HO3'" sing N N 25  
BRU "C5'" "O5'"  sing N N 26  
BRU "C5'" "H5'"  sing N N 27  
BRU "C5'" "H5''" sing N N 28  
BRU "O5'" P      sing N N 29  
BRU P     OP1    doub N N 30  
BRU P     OP2    sing N N 31  
BRU P     OP3    sing N N 32  
BRU OP2   HOP2   sing N N 33  
BRU OP3   HOP3   sing N N 34  
DA  OP3   P      sing N N 35  
DA  OP3   HOP3   sing N N 36  
DA  P     OP1    doub N N 37  
DA  P     OP2    sing N N 38  
DA  P     "O5'"  sing N N 39  
DA  OP2   HOP2   sing N N 40  
DA  "O5'" "C5'"  sing N N 41  
DA  "C5'" "C4'"  sing N N 42  
DA  "C5'" "H5'"  sing N N 43  
DA  "C5'" "H5''" sing N N 44  
DA  "C4'" "O4'"  sing N N 45  
DA  "C4'" "C3'"  sing N N 46  
DA  "C4'" "H4'"  sing N N 47  
DA  "O4'" "C1'"  sing N N 48  
DA  "C3'" "O3'"  sing N N 49  
DA  "C3'" "C2'"  sing N N 50  
DA  "C3'" "H3'"  sing N N 51  
DA  "O3'" "HO3'" sing N N 52  
DA  "C2'" "C1'"  sing N N 53  
DA  "C2'" "H2'"  sing N N 54  
DA  "C2'" "H2''" sing N N 55  
DA  "C1'" N9     sing N N 56  
DA  "C1'" "H1'"  sing N N 57  
DA  N9    C8     sing Y N 58  
DA  N9    C4     sing Y N 59  
DA  C8    N7     doub Y N 60  
DA  C8    H8     sing N N 61  
DA  N7    C5     sing Y N 62  
DA  C5    C6     sing Y N 63  
DA  C5    C4     doub Y N 64  
DA  C6    N6     sing N N 65  
DA  C6    N1     doub Y N 66  
DA  N6    H61    sing N N 67  
DA  N6    H62    sing N N 68  
DA  N1    C2     sing Y N 69  
DA  C2    N3     doub Y N 70  
DA  C2    H2     sing N N 71  
DA  N3    C4     sing Y N 72  
DC  OP3   P      sing N N 73  
DC  OP3   HOP3   sing N N 74  
DC  P     OP1    doub N N 75  
DC  P     OP2    sing N N 76  
DC  P     "O5'"  sing N N 77  
DC  OP2   HOP2   sing N N 78  
DC  "O5'" "C5'"  sing N N 79  
DC  "C5'" "C4'"  sing N N 80  
DC  "C5'" "H5'"  sing N N 81  
DC  "C5'" "H5''" sing N N 82  
DC  "C4'" "O4'"  sing N N 83  
DC  "C4'" "C3'"  sing N N 84  
DC  "C4'" "H4'"  sing N N 85  
DC  "O4'" "C1'"  sing N N 86  
DC  "C3'" "O3'"  sing N N 87  
DC  "C3'" "C2'"  sing N N 88  
DC  "C3'" "H3'"  sing N N 89  
DC  "O3'" "HO3'" sing N N 90  
DC  "C2'" "C1'"  sing N N 91  
DC  "C2'" "H2'"  sing N N 92  
DC  "C2'" "H2''" sing N N 93  
DC  "C1'" N1     sing N N 94  
DC  "C1'" "H1'"  sing N N 95  
DC  N1    C2     sing N N 96  
DC  N1    C6     sing N N 97  
DC  C2    O2     doub N N 98  
DC  C2    N3     sing N N 99  
DC  N3    C4     doub N N 100 
DC  C4    N4     sing N N 101 
DC  C4    C5     sing N N 102 
DC  N4    H41    sing N N 103 
DC  N4    H42    sing N N 104 
DC  C5    C6     doub N N 105 
DC  C5    H5     sing N N 106 
DC  C6    H6     sing N N 107 
DG  OP3   P      sing N N 108 
DG  OP3   HOP3   sing N N 109 
DG  P     OP1    doub N N 110 
DG  P     OP2    sing N N 111 
DG  P     "O5'"  sing N N 112 
DG  OP2   HOP2   sing N N 113 
DG  "O5'" "C5'"  sing N N 114 
DG  "C5'" "C4'"  sing N N 115 
DG  "C5'" "H5'"  sing N N 116 
DG  "C5'" "H5''" sing N N 117 
DG  "C4'" "O4'"  sing N N 118 
DG  "C4'" "C3'"  sing N N 119 
DG  "C4'" "H4'"  sing N N 120 
DG  "O4'" "C1'"  sing N N 121 
DG  "C3'" "O3'"  sing N N 122 
DG  "C3'" "C2'"  sing N N 123 
DG  "C3'" "H3'"  sing N N 124 
DG  "O3'" "HO3'" sing N N 125 
DG  "C2'" "C1'"  sing N N 126 
DG  "C2'" "H2'"  sing N N 127 
DG  "C2'" "H2''" sing N N 128 
DG  "C1'" N9     sing N N 129 
DG  "C1'" "H1'"  sing N N 130 
DG  N9    C8     sing Y N 131 
DG  N9    C4     sing Y N 132 
DG  C8    N7     doub Y N 133 
DG  C8    H8     sing N N 134 
DG  N7    C5     sing Y N 135 
DG  C5    C6     sing N N 136 
DG  C5    C4     doub Y N 137 
DG  C6    O6     doub N N 138 
DG  C6    N1     sing N N 139 
DG  N1    C2     sing N N 140 
DG  N1    H1     sing N N 141 
DG  C2    N2     sing N N 142 
DG  C2    N3     doub N N 143 
DG  N2    H21    sing N N 144 
DG  N2    H22    sing N N 145 
DG  N3    C4     sing N N 146 
DT  OP3   P      sing N N 147 
DT  OP3   HOP3   sing N N 148 
DT  P     OP1    doub N N 149 
DT  P     OP2    sing N N 150 
DT  P     "O5'"  sing N N 151 
DT  OP2   HOP2   sing N N 152 
DT  "O5'" "C5'"  sing N N 153 
DT  "C5'" "C4'"  sing N N 154 
DT  "C5'" "H5'"  sing N N 155 
DT  "C5'" "H5''" sing N N 156 
DT  "C4'" "O4'"  sing N N 157 
DT  "C4'" "C3'"  sing N N 158 
DT  "C4'" "H4'"  sing N N 159 
DT  "O4'" "C1'"  sing N N 160 
DT  "C3'" "O3'"  sing N N 161 
DT  "C3'" "C2'"  sing N N 162 
DT  "C3'" "H3'"  sing N N 163 
DT  "O3'" "HO3'" sing N N 164 
DT  "C2'" "C1'"  sing N N 165 
DT  "C2'" "H2'"  sing N N 166 
DT  "C2'" "H2''" sing N N 167 
DT  "C1'" N1     sing N N 168 
DT  "C1'" "H1'"  sing N N 169 
DT  N1    C2     sing N N 170 
DT  N1    C6     sing N N 171 
DT  C2    O2     doub N N 172 
DT  C2    N3     sing N N 173 
DT  N3    C4     sing N N 174 
DT  N3    H3     sing N N 175 
DT  C4    O4     doub N N 176 
DT  C4    C5     sing N N 177 
DT  C5    C7     sing N N 178 
DT  C5    C6     doub N N 179 
DT  C7    H71    sing N N 180 
DT  C7    H72    sing N N 181 
DT  C7    H73    sing N N 182 
DT  C6    H6     sing N N 183 
HOH O     H1     sing N N 184 
HOH O     H2     sing N N 185 
# 
_ndb_struct_conf_na.entry_id   1SM5 
_ndb_struct_conf_na.feature    'b-form double helix' 
# 
loop_
_ndb_struct_na_base_pair.model_number 
_ndb_struct_na_base_pair.i_label_asym_id 
_ndb_struct_na_base_pair.i_label_comp_id 
_ndb_struct_na_base_pair.i_label_seq_id 
_ndb_struct_na_base_pair.i_symmetry 
_ndb_struct_na_base_pair.j_label_asym_id 
_ndb_struct_na_base_pair.j_label_comp_id 
_ndb_struct_na_base_pair.j_label_seq_id 
_ndb_struct_na_base_pair.j_symmetry 
_ndb_struct_na_base_pair.shear 
_ndb_struct_na_base_pair.stretch 
_ndb_struct_na_base_pair.stagger 
_ndb_struct_na_base_pair.buckle 
_ndb_struct_na_base_pair.propeller 
_ndb_struct_na_base_pair.opening 
_ndb_struct_na_base_pair.pair_number 
_ndb_struct_na_base_pair.pair_name 
_ndb_struct_na_base_pair.i_auth_asym_id 
_ndb_struct_na_base_pair.i_auth_seq_id 
_ndb_struct_na_base_pair.i_PDB_ins_code 
_ndb_struct_na_base_pair.j_auth_asym_id 
_ndb_struct_na_base_pair.j_auth_seq_id 
_ndb_struct_na_base_pair.j_PDB_ins_code 
_ndb_struct_na_base_pair.hbond_type_28 
_ndb_struct_na_base_pair.hbond_type_12 
1 A DG  1  1_555 B DC 10 1_555 -0.108 -0.174 -0.125 -0.092  -13.479 -0.133 1  A_DG1:DC10_B A 1  ? B 10 ? 19 1 
1 A DC  2  1_555 B DG 9  1_555 0.730  -0.392 0.540  -8.862  -12.893 1.565  2  A_DC2:DG9_B  A 2  ? B 9  ? 19 1 
1 A BRU 3  1_555 B DA 8  1_555 -0.235 -0.263 0.306  -4.585  -17.586 -2.663 3  A_BRU3:DA8_B A 3  ? B 8  ? 20 1 
1 A DT  4  1_555 B DA 7  1_555 0.569  -0.262 -0.296 12.096  -14.438 3.169  4  A_DT4:DA7_B  A 4  ? B 7  ? 20 1 
1 A DA  5  1_555 B DT 6  1_555 0.192  -0.141 0.773  21.707  8.069   -0.812 5  A_DA5:DT6_B  A 5  ? B 6  ? 20 1 
1 A DA  6  1_555 B DT 5  1_555 -0.283 -0.134 -1.696 -25.878 -23.605 4.352  6  A_DA6:DT5_B  A 6  ? B 5  ? 20 1 
1 A DT  7  1_555 B DA 4  1_555 -0.169 -0.163 -0.278 10.974  -11.711 5.969  7  A_DT7:DA4_B  A 7  ? B 4  ? 20 1 
1 A BRU 8  1_555 B DA 3  1_555 -0.279 -0.088 -0.073 5.171   -15.095 3.182  8  A_BRU8:DA3_B A 8  ? B 3  ? 20 1 
1 A DC  9  1_555 B DG 2  1_555 0.224  -0.184 -0.584 13.994  -14.781 -0.349 9  A_DC9:DG2_B  A 9  ? B 2  ? 19 1 
1 A DG  10 1_555 B DC 1  1_555 -0.115 -0.011 0.251  14.198  -6.210  -2.281 10 A_DG10:DC1_B A 10 ? B 1  ? 19 1 
1 C DG  1  1_555 D DC 10 1_555 -0.086 0.086  -0.222 -2.145  -6.088  -0.559 11 C_DG1:DC10_D C 1  ? D 10 ? 19 1 
1 C DC  2  1_555 D DG 9  1_555 0.511  -0.253 0.547  -16.789 -17.407 -2.097 12 C_DC2:DG9_D  C 2  ? D 9  ? 19 1 
1 C BRU 3  1_555 D DA 8  1_555 -0.244 -0.028 -0.059 -4.997  -12.908 5.030  13 C_BRU3:DA8_D C 3  ? D 8  ? 20 1 
1 C DT  4  1_555 D DA 7  1_555 -0.154 -0.185 0.038  -3.021  -10.596 2.137  14 C_DT4:DA7_D  C 4  ? D 7  ? 20 1 
1 C DA  5  1_555 D DT 6  1_555 0.140  -0.097 0.790  18.527  -0.918  -2.948 15 C_DA5:DT6_D  C 5  ? D 6  ? 20 1 
1 C DA  6  1_555 D DT 5  1_555 0.450  -0.030 -1.697 -31.290 -28.914 5.333  16 C_DA6:DT5_D  C 6  ? D 5  ? 20 1 
1 C DT  7  1_555 D DA 4  1_555 -0.568 -0.086 0.077  0.330   -18.596 1.523  17 C_DT7:DA4_D  C 7  ? D 4  ? 20 1 
1 C BRU 8  1_555 D DA 3  1_555 -0.201 -0.029 -0.190 1.332   -15.264 -0.320 18 C_BRU8:DA3_D C 8  ? D 3  ? 20 1 
1 C DC  9  1_555 D DG 2  1_555 -0.089 -0.031 -0.052 7.807   -15.935 -1.753 19 C_DC9:DG2_D  C 9  ? D 2  ? 19 1 
1 C DG  10 1_555 D DC 1  1_555 -0.107 -0.222 -0.434 4.072   9.797   -1.301 20 C_DG10:DC1_D C 10 ? D 1  ? 19 1 
# 
loop_
_ndb_struct_na_base_pair_step.model_number 
_ndb_struct_na_base_pair_step.i_label_asym_id_1 
_ndb_struct_na_base_pair_step.i_label_comp_id_1 
_ndb_struct_na_base_pair_step.i_label_seq_id_1 
_ndb_struct_na_base_pair_step.i_symmetry_1 
_ndb_struct_na_base_pair_step.j_label_asym_id_1 
_ndb_struct_na_base_pair_step.j_label_comp_id_1 
_ndb_struct_na_base_pair_step.j_label_seq_id_1 
_ndb_struct_na_base_pair_step.j_symmetry_1 
_ndb_struct_na_base_pair_step.i_label_asym_id_2 
_ndb_struct_na_base_pair_step.i_label_comp_id_2 
_ndb_struct_na_base_pair_step.i_label_seq_id_2 
_ndb_struct_na_base_pair_step.i_symmetry_2 
_ndb_struct_na_base_pair_step.j_label_asym_id_2 
_ndb_struct_na_base_pair_step.j_label_comp_id_2 
_ndb_struct_na_base_pair_step.j_label_seq_id_2 
_ndb_struct_na_base_pair_step.j_symmetry_2 
_ndb_struct_na_base_pair_step.shift 
_ndb_struct_na_base_pair_step.slide 
_ndb_struct_na_base_pair_step.rise 
_ndb_struct_na_base_pair_step.tilt 
_ndb_struct_na_base_pair_step.roll 
_ndb_struct_na_base_pair_step.twist 
_ndb_struct_na_base_pair_step.x_displacement 
_ndb_struct_na_base_pair_step.y_displacement 
_ndb_struct_na_base_pair_step.helical_rise 
_ndb_struct_na_base_pair_step.inclination 
_ndb_struct_na_base_pair_step.tip 
_ndb_struct_na_base_pair_step.helical_twist 
_ndb_struct_na_base_pair_step.step_number 
_ndb_struct_na_base_pair_step.step_name 
_ndb_struct_na_base_pair_step.i_auth_asym_id_1 
_ndb_struct_na_base_pair_step.i_auth_seq_id_1 
_ndb_struct_na_base_pair_step.i_PDB_ins_code_1 
_ndb_struct_na_base_pair_step.j_auth_asym_id_1 
_ndb_struct_na_base_pair_step.j_auth_seq_id_1 
_ndb_struct_na_base_pair_step.j_PDB_ins_code_1 
_ndb_struct_na_base_pair_step.i_auth_asym_id_2 
_ndb_struct_na_base_pair_step.i_auth_seq_id_2 
_ndb_struct_na_base_pair_step.i_PDB_ins_code_2 
_ndb_struct_na_base_pair_step.j_auth_asym_id_2 
_ndb_struct_na_base_pair_step.j_auth_seq_id_2 
_ndb_struct_na_base_pair_step.j_PDB_ins_code_2 
1 A DG  1 1_555 B DC 10 1_555 A DC  2  1_555 B DG 9 1_555 -0.362 -0.322 3.528 -6.473  -1.585 41.360 -0.271 -0.230 3.552 -2.226 
9.094   41.871 1  AA_DG1DC2:DG9DC10_BB A 1 ? B 10 ? A 2  ? B 9 ? 
1 A DC  2 1_555 B DG 9  1_555 A BRU 3  1_555 B DA 8 1_555 -0.475 -0.502 3.005 1.184   4.014  29.507 -1.735 1.147  2.892 7.832  
-2.310  29.796 2  AA_DC2BRU3:DA8DG9_BB A 2 ? B 9  ? A 3  ? B 8 ? 
1 A BRU 3 1_555 B DA 8  1_555 A DT  4  1_555 B DA 7 1_555 0.222  -0.206 2.857 2.936   -0.852 35.631 -0.228 0.010  2.869 -1.389 
-4.788  35.758 3  AA_BRU3DT4:DA7DA8_BB A 3 ? B 8  ? A 4  ? B 7 ? 
1 A DT  4 1_555 B DA 7  1_555 A DA  5  1_555 B DT 6 1_555 1.424  0.064  3.123 -6.904  2.744  36.838 -0.228 -3.038 2.818 4.288  
10.790  37.555 4  AA_DT4DA5:DT6DA7_BB  A 4 ? B 7  ? A 5  ? B 6 ? 
1 A DA  5 1_555 B DT 6  1_555 A DA  6  1_555 B DT 5 1_555 -1.718 0.028  4.362 24.313  21.915 23.339 -2.898 5.772  1.564 37.121 
-41.182 40.014 5  AA_DA5DA6:DT5DT6_BB  A 5 ? B 6  ? A 6  ? B 5 ? 
1 A DA  6 1_555 B DT 5  1_555 A DT  7  1_555 B DA 4 1_555 0.095  0.101  2.442 -17.039 3.897  28.686 -0.303 -2.258 2.063 7.094  
31.020  33.496 6  AA_DA6DT7:DA4DT5_BB  A 6 ? B 5  ? A 7  ? B 4 ? 
1 A DT  7 1_555 B DA 4  1_555 A BRU 8  1_555 B DA 3 1_555 0.162  -0.359 3.425 2.245   4.583  31.434 -1.525 0.132  3.344 8.390  
-4.111  31.836 7  AA_DT7BRU8:DA3DA4_BB A 7 ? B 4  ? A 8  ? B 3 ? 
1 A BRU 8 1_555 B DA 3  1_555 A DC  9  1_555 B DG 2 1_555 -0.151 1.017  2.999 5.713   4.099  42.598 1.009  0.727  3.036 5.597  
-7.800  43.148 8  AA_BRU8DC9:DG2DA3_BB A 8 ? B 3  ? A 9  ? B 2 ? 
1 A DC  9 1_555 B DG 2  1_555 A DG  10 1_555 B DC 1 1_555 -0.226 0.456  3.387 -6.134  5.592  34.917 -0.103 -0.559 3.407 9.159  
10.048  35.860 9  AA_DC9DG10:DC1DG2_BB A 9 ? B 2  ? A 10 ? B 1 ? 
1 C DG  1 1_555 D DC 10 1_555 C DC  2  1_555 D DG 9 1_555 -0.757 -0.508 3.570 -6.738  -0.147 36.170 -0.784 0.179  3.649 -0.234 
10.737  36.772 10 CC_DG1DC2:DG9DC10_DD C 1 ? D 10 ? C 2  ? D 9 ? 
1 C DC  2 1_555 D DG 9  1_555 C BRU 3  1_555 D DA 8 1_555 -0.474 -0.334 2.905 4.507   4.884  25.290 -1.890 2.111  2.671 10.916 
-10.075 26.134 11 CC_DC2BRU3:DA8DG9_DD C 2 ? D 9  ? C 3  ? D 8 ? 
1 C BRU 3 1_555 D DA 8  1_555 C DT  4  1_555 D DA 7 1_555 0.342  -0.011 3.409 -0.817  5.731  33.996 -0.945 -0.709 3.354 9.714  
1.385   34.471 12 CC_BRU3DT4:DA7DA8_DD C 3 ? D 8  ? C 4  ? D 7 ? 
1 C DT  4 1_555 D DA 7  1_555 C DA  5  1_555 D DT 6 1_555 1.142  0.119  2.786 -2.192  -3.246 42.327 0.441  -1.762 2.711 -4.484 
3.028   42.500 13 CC_DT4DA5:DT6DA7_DD  C 4 ? D 7  ? C 5  ? D 6 ? 
1 C DA  5 1_555 D DT 6  1_555 C DA  6  1_555 D DT 5 1_555 -1.171 -0.109 4.414 24.936  22.815 25.804 -3.060 4.803  1.996 36.240 
-39.610 42.293 14 CC_DA5DA6:DT5DT6_DD  C 5 ? D 6  ? C 6  ? D 5 ? 
1 C DA  6 1_555 D DT 5  1_555 C DT  7  1_555 D DA 4 1_555 -0.068 -0.081 2.573 -20.413 -0.812 24.610 -0.028 -2.858 2.041 -1.598 
40.183  31.883 15 CC_DA6DT7:DA4DT5_DD  C 6 ? D 5  ? C 7  ? D 4 ? 
1 C DT  7 1_555 D DA 4  1_555 C BRU 8  1_555 D DA 3 1_555 -0.064 -0.272 3.319 4.246   4.018  35.485 -1.020 0.716  3.241 6.537  
-6.908  35.948 16 CC_DT7BRU8:DA3DA4_DD C 7 ? D 4  ? C 8  ? D 3 ? 
1 C BRU 8 1_555 D DA 3  1_555 C DC  9  1_555 D DG 2 1_555 0.517  0.464  3.220 1.627   7.828  32.330 -0.504 -0.629 3.261 13.796 
-2.867  33.278 17 CC_BRU8DC9:DG2DA3_DD C 8 ? D 3  ? C 9  ? D 2 ? 
1 C DC  9 1_555 D DG 2  1_555 C DG  10 1_555 D DC 1 1_555 -0.188 0.687  3.669 0.484   -6.372 45.918 1.472  0.284  3.547 -8.121 
-0.617  46.336 18 CC_DC9DG10:DC1DG2_DD C 9 ? D 2  ? C 10 ? D 1 ? 
# 
_atom_sites.entry_id                    1SM5 
_atom_sites.fract_transf_matrix[1][1]   0.02601504 
_atom_sites.fract_transf_matrix[1][2]   0.01495633 
_atom_sites.fract_transf_matrix[1][3]   0.02766716 
_atom_sites.fract_transf_matrix[2][1]   -0.01105963 
_atom_sites.fract_transf_matrix[2][2]   0.01471583 
_atom_sites.fract_transf_matrix[2][3]   0.00244413 
_atom_sites.fract_transf_matrix[3][1]   -0.00649062 
_atom_sites.fract_transf_matrix[3][2]   -0.00647280 
_atom_sites.fract_transf_matrix[3][3]   0.00960210 
_atom_sites.fract_transf_vector[1]      0.747061 
_atom_sites.fract_transf_vector[2]      0.496714 
_atom_sites.fract_transf_vector[3]      0.541390 
# 
loop_
_atom_type.symbol 
BR 
C  
N  
O  
P  
# 
loop_
_atom_site.group_PDB 
_atom_site.id 
_atom_site.type_symbol 
_atom_site.label_atom_id 
_atom_site.label_alt_id 
_atom_site.label_comp_id 
_atom_site.label_asym_id 
_atom_site.label_entity_id 
_atom_site.label_seq_id 
_atom_site.pdbx_PDB_ins_code 
_atom_site.Cartn_x 
_atom_site.Cartn_y 
_atom_site.Cartn_z 
_atom_site.occupancy 
_atom_site.B_iso_or_equiv 
_atom_site.pdbx_formal_charge 
_atom_site.auth_seq_id 
_atom_site.auth_comp_id 
_atom_site.auth_asym_id 
_atom_site.auth_atom_id 
_atom_site.pdbx_PDB_model_num 
ATOM   1   O  "O5'" . DG  A 1 1  ? -0.322  13.080  5.938   1.00 41.50 ? 1   DG  A "O5'" 1 
ATOM   2   C  "C5'" . DG  A 1 1  ? -0.740  11.712  5.793   1.00 37.28 ? 1   DG  A "C5'" 1 
ATOM   3   C  "C4'" . DG  A 1 1  ? -0.559  10.972  7.114   1.00 37.41 ? 1   DG  A "C4'" 1 
ATOM   4   O  "O4'" . DG  A 1 1  ? -1.754  11.009  7.864   1.00 35.90 ? 1   DG  A "O4'" 1 
ATOM   5   C  "C3'" . DG  A 1 1  ? -0.294  9.519   6.886   1.00 37.25 ? 1   DG  A "C3'" 1 
ATOM   6   O  "O3'" . DG  A 1 1  ? 0.409   9.050   8.000   1.00 39.74 ? 1   DG  A "O3'" 1 
ATOM   7   C  "C2'" . DG  A 1 1  ? -1.703  8.909   6.814   1.00 36.17 ? 1   DG  A "C2'" 1 
ATOM   8   C  "C1'" . DG  A 1 1  ? -2.425  9.727   7.863   1.00 33.35 ? 1   DG  A "C1'" 1 
ATOM   9   N  N9    . DG  A 1 1  ? -3.902  9.847   7.520   1.00 30.14 ? 1   DG  A N9    1 
ATOM   10  C  C8    . DG  A 1 1  ? -4.567  10.049  6.334   1.00 29.22 ? 1   DG  A C8    1 
ATOM   11  N  N7    . DG  A 1 1  ? -5.863  10.024  6.388   1.00 29.33 ? 1   DG  A N7    1 
ATOM   12  C  C5    . DG  A 1 1  ? -6.095  9.806   7.720   1.00 28.78 ? 1   DG  A C5    1 
ATOM   13  C  C6    . DG  A 1 1  ? -7.312  9.674   8.453   1.00 29.47 ? 1   DG  A C6    1 
ATOM   14  O  O6    . DG  A 1 1  ? -8.468  9.590   8.036   1.00 31.85 ? 1   DG  A O6    1 
ATOM   15  N  N1    . DG  A 1 1  ? -7.100  9.458   9.818   1.00 28.49 ? 1   DG  A N1    1 
ATOM   16  C  C2    . DG  A 1 1  ? -5.878  9.347   10.413  1.00 26.07 ? 1   DG  A C2    1 
ATOM   17  N  N2    . DG  A 1 1  ? -5.792  9.142   11.726  1.00 26.48 ? 1   DG  A N2    1 
ATOM   18  N  N3    . DG  A 1 1  ? -4.753  9.458   9.734   1.00 26.64 ? 1   DG  A N3    1 
ATOM   19  C  C4    . DG  A 1 1  ? -4.916  9.691   8.403   1.00 29.14 ? 1   DG  A C4    1 
ATOM   20  P  P     . DC  A 1 2  ? 1.031   7.547   8.080   1.00 42.52 ? 2   DC  A P     1 
ATOM   21  O  OP1   . DC  A 1 2  ? 2.472   7.732   8.362   1.00 44.80 ? 2   DC  A OP1   1 
ATOM   22  O  OP2   . DC  A 1 2  ? 0.637   6.766   6.877   1.00 43.88 ? 2   DC  A OP2   1 
ATOM   23  O  "O5'" . DC  A 1 2  ? 0.365   6.797   9.323   1.00 40.47 ? 2   DC  A "O5'" 1 
ATOM   24  C  "C5'" . DC  A 1 2  ? 0.412   7.268   10.688  1.00 38.45 ? 2   DC  A "C5'" 1 
ATOM   25  C  "C4'" . DC  A 1 2  ? -0.758  6.711   11.526  1.00 37.92 ? 2   DC  A "C4'" 1 
ATOM   26  O  "O4'" . DC  A 1 2  ? -2.076  7.133   11.110  1.00 36.08 ? 2   DC  A "O4'" 1 
ATOM   27  C  "C3'" . DC  A 1 2  ? -0.722  5.202   11.353  1.00 37.96 ? 2   DC  A "C3'" 1 
ATOM   28  O  "O3'" . DC  A 1 2  ? -0.269  4.717   12.585  1.00 40.27 ? 2   DC  A "O3'" 1 
ATOM   29  C  "C2'" . DC  A 1 2  ? -2.135  4.796   11.037  1.00 35.96 ? 2   DC  A "C2'" 1 
ATOM   30  C  "C1'" . DC  A 1 2  ? -3.006  6.026   11.140  1.00 33.41 ? 2   DC  A "C1'" 1 
ATOM   31  N  N1    . DC  A 1 2  ? -3.944  6.069   9.964   1.00 30.98 ? 2   DC  A N1    1 
ATOM   32  C  C2    . DC  A 1 2  ? -5.288  5.866   10.165  1.00 29.75 ? 2   DC  A C2    1 
ATOM   33  O  O2    . DC  A 1 2  ? -5.744  5.612   11.289  1.00 31.37 ? 2   DC  A O2    1 
ATOM   34  N  N3    . DC  A 1 2  ? -6.108  5.948   9.106   1.00 26.76 ? 2   DC  A N3    1 
ATOM   35  C  C4    . DC  A 1 2  ? -5.643  6.206   7.919   1.00 26.04 ? 2   DC  A C4    1 
ATOM   36  N  N4    . DC  A 1 2  ? -6.513  6.320   6.941   1.00 26.76 ? 2   DC  A N4    1 
ATOM   37  C  C5    . DC  A 1 2  ? -4.290  6.393   7.671   1.00 27.46 ? 2   DC  A C5    1 
ATOM   38  C  C6    . DC  A 1 2  ? -3.478  6.322   8.725   1.00 29.56 ? 2   DC  A C6    1 
HETATM 39  N  N1    . BRU A 1 3  ? -5.422  2.151   11.609  1.00 38.04 ? 3   BRU A N1    1 
HETATM 40  C  C2    . BRU A 1 3  ? -6.722  2.226   11.235  1.00 37.82 ? 3   BRU A C2    1 
HETATM 41  N  N3    . BRU A 1 3  ? -6.906  2.485   9.879   1.00 38.20 ? 3   BRU A N3    1 
HETATM 42  C  C4    . BRU A 1 3  ? -5.908  2.676   8.896   1.00 39.24 ? 3   BRU A C4    1 
HETATM 43  C  C5    . BRU A 1 3  ? -4.528  2.560   9.408   1.00 40.21 ? 3   BRU A C5    1 
HETATM 44  C  C6    . BRU A 1 3  ? -4.368  2.314   10.717  1.00 39.69 ? 3   BRU A C6    1 
HETATM 45  O  O2    . BRU A 1 3  ? -7.629  2.005   12.039  1.00 37.51 ? 3   BRU A O2    1 
HETATM 46  O  O4    . BRU A 1 3  ? -6.254  2.963   7.747   1.00 36.41 ? 3   BRU A O4    1 
HETATM 47  BR BR    . BRU A 1 3  ? -2.911  2.708   8.352   1.00 49.96 ? 3   BRU A BR    1 
HETATM 48  C  "C1'" . BRU A 1 3  ? -5.185  1.978   13.032  1.00 37.34 ? 3   BRU A "C1'" 1 
HETATM 49  C  "C2'" . BRU A 1 3  ? -4.424  0.701   13.322  1.00 39.80 ? 3   BRU A "C2'" 1 
HETATM 50  C  "C3'" . BRU A 1 3  ? -3.650  1.021   14.535  1.00 40.43 ? 3   BRU A "C3'" 1 
HETATM 51  C  "C4'" . BRU A 1 3  ? -3.633  2.534   14.534  1.00 39.88 ? 3   BRU A "C4'" 1 
HETATM 52  O  "O3'" . BRU A 1 3  ? -4.331  0.533   15.695  1.00 42.55 ? 3   BRU A "O3'" 1 
HETATM 53  O  "O4'" . BRU A 1 3  ? -4.295  2.982   13.370  1.00 36.69 ? 3   BRU A "O4'" 1 
HETATM 54  C  "C5'" . BRU A 1 3  ? -2.206  3.080   14.538  1.00 40.72 ? 3   BRU A "C5'" 1 
HETATM 55  O  "O5'" . BRU A 1 3  ? -1.568  2.723   13.299  1.00 42.50 ? 3   BRU A "O5'" 1 
HETATM 56  P  P     . BRU A 1 3  ? -0.103  3.169   12.860  1.00 42.60 ? 3   BRU A P     1 
HETATM 57  O  OP1   . BRU A 1 3  ? 0.764   3.123   14.053  1.00 41.50 ? 3   BRU A OP1   1 
HETATM 58  O  OP2   . BRU A 1 3  ? 0.190   2.461   11.588  1.00 39.16 ? 3   BRU A OP2   1 
ATOM   59  P  P     . DT  A 1 4  ? -4.554  -1.015  15.986  1.00 42.72 ? 4   DT  A P     1 
ATOM   60  O  OP1   . DT  A 1 4  ? -4.595  -1.221  17.458  1.00 42.75 ? 4   DT  A OP1   1 
ATOM   61  O  OP2   . DT  A 1 4  ? -3.662  -1.812  15.134  1.00 44.67 ? 4   DT  A OP2   1 
ATOM   62  O  "O5'" . DT  A 1 4  ? -5.974  -1.365  15.361  1.00 39.82 ? 4   DT  A "O5'" 1 
ATOM   63  C  "C5'" . DT  A 1 4  ? -7.228  -0.888  15.821  1.00 35.67 ? 4   DT  A "C5'" 1 
ATOM   64  C  "C4'" . DT  A 1 4  ? -8.231  -1.262  14.802  1.00 33.29 ? 4   DT  A "C4'" 1 
ATOM   65  O  "O4'" . DT  A 1 4  ? -7.813  -0.858  13.554  1.00 30.86 ? 4   DT  A "O4'" 1 
ATOM   66  C  "C3'" . DT  A 1 4  ? -8.331  -2.715  14.653  1.00 33.00 ? 4   DT  A "C3'" 1 
ATOM   67  O  "O3'" . DT  A 1 4  ? -9.598  -3.038  15.159  1.00 35.53 ? 4   DT  A "O3'" 1 
ATOM   68  C  "C2'" . DT  A 1 4  ? -8.236  -2.987  13.184  1.00 32.81 ? 4   DT  A "C2'" 1 
ATOM   69  C  "C1'" . DT  A 1 4  ? -8.436  -1.664  12.595  1.00 31.27 ? 4   DT  A "C1'" 1 
ATOM   70  N  N1    . DT  A 1 4  ? -7.719  -1.382  11.327  1.00 31.55 ? 4   DT  A N1    1 
ATOM   71  C  C2    . DT  A 1 4  ? -8.475  -0.818  10.326  1.00 32.88 ? 4   DT  A C2    1 
ATOM   72  O  O2    . DT  A 1 4  ? -9.698  -0.724  10.394  1.00 32.32 ? 4   DT  A O2    1 
ATOM   73  N  N3    . DT  A 1 4  ? -7.772  -0.470  9.195   1.00 32.85 ? 4   DT  A N3    1 
ATOM   74  C  C4    . DT  A 1 4  ? -6.422  -0.632  8.960   1.00 30.34 ? 4   DT  A C4    1 
ATOM   75  O  O4    . DT  A 1 4  ? -5.960  -0.232  7.889   1.00 29.01 ? 4   DT  A O4    1 
ATOM   76  C  C5    . DT  A 1 4  ? -5.723  -1.261  10.079  1.00 29.66 ? 4   DT  A C5    1 
ATOM   77  C  C7    . DT  A 1 4  ? -4.234  -1.569  10.076  1.00 29.11 ? 4   DT  A C7    1 
ATOM   78  C  C6    . DT  A 1 4  ? -6.376  -1.598  11.186  1.00 29.05 ? 4   DT  A C6    1 
ATOM   79  P  P     . DA  A 1 5  ? -9.967  -4.537  15.591  1.00 36.77 ? 5   DA  A P     1 
ATOM   80  O  OP1   . DA  A 1 5  ? -11.137 -4.477  16.499  1.00 35.25 ? 5   DA  A OP1   1 
ATOM   81  O  OP2   . DA  A 1 5  ? -8.761  -5.334  15.978  1.00 36.45 ? 5   DA  A OP2   1 
ATOM   82  O  "O5'" . DA  A 1 5  ? -10.506 -5.128  14.258  1.00 32.96 ? 5   DA  A "O5'" 1 
ATOM   83  C  "C5'" . DA  A 1 5  ? -11.550 -4.455  13.566  1.00 32.93 ? 5   DA  A "C5'" 1 
ATOM   84  C  "C4'" . DA  A 1 5  ? -11.719 -5.017  12.176  1.00 32.45 ? 5   DA  A "C4'" 1 
ATOM   85  O  "O4'" . DA  A 1 5  ? -10.800 -4.410  11.232  1.00 32.54 ? 5   DA  A "O4'" 1 
ATOM   86  C  "C3'" . DA  A 1 5  ? -11.536 -6.535  12.058  1.00 33.31 ? 5   DA  A "C3'" 1 
ATOM   87  O  "O3'" . DA  A 1 5  ? -12.605 -7.063  11.288  1.00 35.95 ? 5   DA  A "O3'" 1 
ATOM   88  C  "C2'" . DA  A 1 5  ? -10.254 -6.669  11.255  1.00 33.20 ? 5   DA  A "C2'" 1 
ATOM   89  C  "C1'" . DA  A 1 5  ? -10.302 -5.423  10.382  1.00 30.17 ? 5   DA  A "C1'" 1 
ATOM   90  N  N9    . DA  A 1 5  ? -9.018  -4.974  9.839   1.00 27.72 ? 5   DA  A N9    1 
ATOM   91  C  C8    . DA  A 1 5  ? -7.774  -5.051  10.421  1.00 26.92 ? 5   DA  A C8    1 
ATOM   92  N  N7    . DA  A 1 5  ? -6.813  -4.552  9.681   1.00 24.15 ? 5   DA  A N7    1 
ATOM   93  C  C5    . DA  A 1 5  ? -7.465  -4.120  8.535   1.00 24.87 ? 5   DA  A C5    1 
ATOM   94  C  C6    . DA  A 1 5  ? -6.996  -3.494  7.370   1.00 23.41 ? 5   DA  A C6    1 
ATOM   95  N  N6    . DA  A 1 5  ? -5.717  -3.173  7.176   1.00 27.06 ? 5   DA  A N6    1 
ATOM   96  N  N1    . DA  A 1 5  ? -7.893  -3.199  6.411   1.00 23.97 ? 5   DA  A N1    1 
ATOM   97  C  C2    . DA  A 1 5  ? -9.184  -3.506  6.624   1.00 23.76 ? 5   DA  A C2    1 
ATOM   98  N  N3    . DA  A 1 5  ? -9.750  -4.088  7.684   1.00 23.35 ? 5   DA  A N3    1 
ATOM   99  C  C4    . DA  A 1 5  ? -8.822  -4.373  8.616   1.00 24.58 ? 5   DA  A C4    1 
ATOM   100 P  P     . DA  A 1 6  ? -12.986 -8.615  11.397  1.00 38.53 ? 6   DA  A P     1 
ATOM   101 O  OP1   . DA  A 1 6  ? -14.038 -8.752  12.443  1.00 38.13 ? 6   DA  A OP1   1 
ATOM   102 O  OP2   . DA  A 1 6  ? -11.772 -9.479  11.438  1.00 39.06 ? 6   DA  A OP2   1 
ATOM   103 O  "O5'" . DA  A 1 6  ? -13.680 -8.876  10.034  1.00 35.32 ? 6   DA  A "O5'" 1 
ATOM   104 C  "C5'" . DA  A 1 6  ? -14.639 -7.951  9.525   1.00 34.07 ? 6   DA  A "C5'" 1 
ATOM   105 C  "C4'" . DA  A 1 6  ? -14.715 -8.069  8.023   1.00 31.38 ? 6   DA  A "C4'" 1 
ATOM   106 O  "O4'" . DA  A 1 6  ? -13.558 -7.469  7.385   1.00 31.24 ? 6   DA  A "O4'" 1 
ATOM   107 C  "C3'" . DA  A 1 6  ? -14.721 -9.529  7.585   1.00 32.40 ? 6   DA  A "C3'" 1 
ATOM   108 O  "O3'" . DA  A 1 6  ? -15.593 -9.715  6.484   1.00 33.54 ? 6   DA  A "O3'" 1 
ATOM   109 C  "C2'" . DA  A 1 6  ? -13.282 -9.793  7.177   1.00 30.20 ? 6   DA  A "C2'" 1 
ATOM   110 C  "C1'" . DA  A 1 6  ? -12.877 -8.447  6.598   1.00 29.32 ? 6   DA  A "C1'" 1 
ATOM   111 N  N9    . DA  A 1 6  ? -11.446 -8.138  6.648   1.00 24.17 ? 6   DA  A N9    1 
ATOM   112 C  C8    . DA  A 1 6  ? -10.556 -8.390  7.664   1.00 24.22 ? 6   DA  A C8    1 
ATOM   113 N  N7    . DA  A 1 6  ? -9.349  -7.942  7.432   1.00 24.24 ? 6   DA  A N7    1 
ATOM   114 C  C5    . DA  A 1 6  ? -9.448  -7.363  6.181   1.00 23.14 ? 6   DA  A C5    1 
ATOM   115 C  C6    . DA  A 1 6  ? -8.515  -6.688  5.388   1.00 20.23 ? 6   DA  A C6    1 
ATOM   116 N  N6    . DA  A 1 6  ? -7.274  -6.456  5.775   1.00 17.62 ? 6   DA  A N6    1 
ATOM   117 N  N1    . DA  A 1 6  ? -8.916  -6.246  4.179   1.00 22.14 ? 6   DA  A N1    1 
ATOM   118 C  C2    . DA  A 1 6  ? -10.187 -6.452  3.811   1.00 24.06 ? 6   DA  A C2    1 
ATOM   119 N  N3    . DA  A 1 6  ? -11.172 -7.053  4.482   1.00 25.75 ? 6   DA  A N3    1 
ATOM   120 C  C4    . DA  A 1 6  ? -10.729 -7.494  5.674   1.00 23.84 ? 6   DA  A C4    1 
ATOM   121 P  P     . DT  A 1 7  ? -15.808 -11.185 5.914   1.00 35.50 ? 7   DT  A P     1 
ATOM   122 O  OP1   . DT  A 1 7  ? -17.153 -11.138 5.329   1.00 33.58 ? 7   DT  A OP1   1 
ATOM   123 O  OP2   . DT  A 1 7  ? -15.402 -12.138 7.005   1.00 31.12 ? 7   DT  A OP2   1 
ATOM   124 O  "O5'" . DT  A 1 7  ? -14.873 -11.185 4.672   1.00 34.79 ? 7   DT  A "O5'" 1 
ATOM   125 C  "C5'" . DT  A 1 7  ? -15.181 -10.357 3.563   1.00 33.33 ? 7   DT  A "C5'" 1 
ATOM   126 C  "C4'" . DT  A 1 7  ? -14.071 -10.420 2.566   1.00 33.09 ? 7   DT  A "C4'" 1 
ATOM   127 O  "O4'" . DT  A 1 7  ? -12.868 -10.094 3.216   1.00 32.67 ? 7   DT  A "O4'" 1 
ATOM   128 C  "C3'" . DT  A 1 7  ? -13.837 -11.836 2.101   1.00 34.04 ? 7   DT  A "C3'" 1 
ATOM   129 O  "O3'" . DT  A 1 7  ? -14.323 -11.883 0.762   1.00 37.55 ? 7   DT  A "O3'" 1 
ATOM   130 C  "C2'" . DT  A 1 7  ? -12.374 -12.146 2.262   1.00 31.85 ? 7   DT  A "C2'" 1 
ATOM   131 C  "C1'" . DT  A 1 7  ? -11.890 -10.776 2.433   1.00 32.14 ? 7   DT  A "C1'" 1 
ATOM   132 N  N1    . DT  A 1 7  ? -10.689 -10.613 3.226   1.00 29.33 ? 7   DT  A N1    1 
ATOM   133 C  C2    . DT  A 1 7  ? -9.666  -9.878  2.683   1.00 29.96 ? 7   DT  A C2    1 
ATOM   134 O  O2    . DT  A 1 7  ? -9.719  -9.345  1.571   1.00 31.55 ? 7   DT  A O2    1 
ATOM   135 N  N3    . DT  A 1 7  ? -8.575  -9.719  3.518   1.00 29.66 ? 7   DT  A N3    1 
ATOM   136 C  C4    . DT  A 1 7  ? -8.439  -10.214 4.795   1.00 28.38 ? 7   DT  A C4    1 
ATOM   137 O  O4    . DT  A 1 7  ? -7.427  -9.977  5.456   1.00 32.29 ? 7   DT  A O4    1 
ATOM   138 C  C5    . DT  A 1 7  ? -9.574  -10.963 5.256   1.00 26.98 ? 7   DT  A C5    1 
ATOM   139 C  C7    . DT  A 1 7  ? -9.574  -11.551 6.650   1.00 28.11 ? 7   DT  A C7    1 
ATOM   140 C  C6    . DT  A 1 7  ? -10.635 -11.139 4.482   1.00 26.59 ? 7   DT  A C6    1 
HETATM 141 N  N1    . BRU A 1 8  ? -8.610  -12.995 0.284   1.00 36.91 ? 8   BRU A N1    1 
HETATM 142 C  C2    . BRU A 1 8  ? -7.381  -12.335 0.412   1.00 36.35 ? 8   BRU A C2    1 
HETATM 143 N  N3    . BRU A 1 8  ? -6.805  -12.450 1.663   1.00 35.20 ? 8   BRU A N3    1 
HETATM 144 C  C4    . BRU A 1 8  ? -7.337  -13.126 2.763   1.00 37.04 ? 8   BRU A C4    1 
HETATM 145 C  C5    . BRU A 1 8  ? -8.617  -13.774 2.560   1.00 38.52 ? 8   BRU A C5    1 
HETATM 146 C  C6    . BRU A 1 8  ? -9.187  -13.676 1.337   1.00 39.13 ? 8   BRU A C6    1 
HETATM 147 O  O2    . BRU A 1 8  ? -6.840  -11.742 -0.543  1.00 34.76 ? 8   BRU A O2    1 
HETATM 148 O  O4    . BRU A 1 8  ? -6.769  -13.105 3.850   1.00 35.00 ? 8   BRU A O4    1 
HETATM 149 BR BR    . BRU A 1 8  ? -9.483  -14.726 4.002   1.00 46.35 ? 8   BRU A BR    1 
HETATM 150 C  "C1'" . BRU A 1 8  ? -9.268  -12.992 -1.030  1.00 37.61 ? 8   BRU A "C1'" 1 
HETATM 151 C  "C2'" . BRU A 1 8  ? -10.123 -14.181 -1.293  1.00 39.26 ? 8   BRU A "C2'" 1 
HETATM 152 C  "C3'" . BRU A 1 8  ? -10.952 -13.664 -2.441  1.00 40.00 ? 8   BRU A "C3'" 1 
HETATM 153 C  "C4'" . BRU A 1 8  ? -11.138 -12.231 -2.060  1.00 39.87 ? 8   BRU A "C4'" 1 
HETATM 154 O  "O3'" . BRU A 1 8  ? -10.268 -13.564 -3.662  1.00 41.42 ? 8   BRU A "O3'" 1 
HETATM 155 O  "O4'" . BRU A 1 8  ? -10.213 -11.943 -1.000  1.00 39.38 ? 8   BRU A "O4'" 1 
HETATM 156 C  "C5'" . BRU A 1 8  ? -12.572 -12.067 -1.660  1.00 39.97 ? 8   BRU A "C5'" 1 
HETATM 157 O  "O5'" . BRU A 1 8  ? -12.886 -13.039 -0.680  1.00 38.65 ? 8   BRU A "O5'" 1 
HETATM 158 P  P     . BRU A 1 8  ? -14.344 -13.252 -0.088  1.00 41.62 ? 8   BRU A P     1 
HETATM 159 O  OP1   . BRU A 1 8  ? -15.431 -13.128 -1.064  1.00 39.60 ? 8   BRU A OP1   1 
HETATM 160 O  OP2   . BRU A 1 8  ? -14.251 -14.528 0.713   1.00 41.59 ? 8   BRU A OP2   1 
ATOM   161 P  P     . DC  A 1 9  ? -10.450 -14.495 -4.933  1.00 43.95 ? 9   DC  A P     1 
ATOM   162 O  OP1   . DC  A 1 9  ? -11.089 -13.724 -6.010  1.00 43.30 ? 9   DC  A OP1   1 
ATOM   163 O  OP2   . DC  A 1 9  ? -10.943 -15.861 -4.572  1.00 42.74 ? 9   DC  A OP2   1 
ATOM   164 O  "O5'" . DC  A 1 9  ? -8.872  -14.507 -5.263  1.00 39.83 ? 9   DC  A "O5'" 1 
ATOM   165 C  "C5'" . DC  A 1 9  ? -8.137  -13.291 -5.390  1.00 35.38 ? 9   DC  A "C5'" 1 
ATOM   166 C  "C4'" . DC  A 1 9  ? -6.604  -13.449 -5.393  1.00 30.49 ? 9   DC  A "C4'" 1 
ATOM   167 O  "O4'" . DC  A 1 9  ? -6.041  -13.553 -4.107  1.00 28.24 ? 9   DC  A "O4'" 1 
ATOM   168 C  "C3'" . DC  A 1 9  ? -6.300  -14.722 -6.155  1.00 28.35 ? 9   DC  A "C3'" 1 
ATOM   169 O  "O3'" . DC  A 1 9  ? -5.081  -14.514 -6.879  1.00 30.48 ? 9   DC  A "O3'" 1 
ATOM   170 C  "C2'" . DC  A 1 9  ? -6.178  -15.656 -5.027  1.00 25.36 ? 9   DC  A "C2'" 1 
ATOM   171 C  "C1'" . DC  A 1 9  ? -5.460  -14.825 -4.001  1.00 24.60 ? 9   DC  A "C1'" 1 
ATOM   172 N  N1    . DC  A 1 9  ? -5.703  -15.232 -2.643  1.00 21.57 ? 9   DC  A N1    1 
ATOM   173 C  C2    . DC  A 1 9  ? -4.921  -14.670 -1.653  1.00 21.71 ? 9   DC  A C2    1 
ATOM   174 O  O2    . DC  A 1 9  ? -4.028  -13.862 -1.872  1.00 20.46 ? 9   DC  A O2    1 
ATOM   175 N  N3    . DC  A 1 9  ? -5.214  -14.956 -0.400  1.00 22.16 ? 9   DC  A N3    1 
ATOM   176 C  C4    . DC  A 1 9  ? -6.221  -15.748 -0.104  1.00 20.58 ? 9   DC  A C4    1 
ATOM   177 N  N4    . DC  A 1 9  ? -6.411  -16.002 1.168   1.00 20.54 ? 9   DC  A N4    1 
ATOM   178 C  C5    . DC  A 1 9  ? -7.042  -16.351 -1.083  1.00 20.11 ? 9   DC  A C5    1 
ATOM   179 C  C6    . DC  A 1 9  ? -6.740  -16.068 -2.361  1.00 21.80 ? 9   DC  A C6    1 
ATOM   180 P  P     . DG  A 1 10 ? -4.255  -15.438 -7.956  1.00 29.51 ? 10  DG  A P     1 
ATOM   181 O  OP1   . DG  A 1 10 ? -4.038  -14.578 -9.112  1.00 30.90 ? 10  DG  A OP1   1 
ATOM   182 O  OP2   . DG  A 1 10 ? -4.690  -16.844 -8.146  1.00 30.26 ? 10  DG  A OP2   1 
ATOM   183 O  "O5'" . DG  A 1 10 ? -2.883  -15.596 -7.174  1.00 28.62 ? 10  DG  A "O5'" 1 
ATOM   184 C  "C5'" . DG  A 1 10 ? -2.067  -14.524 -6.729  1.00 27.37 ? 10  DG  A "C5'" 1 
ATOM   185 C  "C4'" . DG  A 1 10 ? -0.762  -14.996 -6.222  1.00 25.83 ? 10  DG  A "C4'" 1 
ATOM   186 O  "O4'" . DG  A 1 10 ? -0.921  -15.347 -4.868  1.00 24.95 ? 10  DG  A "O4'" 1 
ATOM   187 C  "C3'" . DG  A 1 10 ? -0.225  -16.220 -7.024  1.00 24.85 ? 10  DG  A "C3'" 1 
ATOM   188 O  "O3'" . DG  A 1 10 ? 1.147   -16.272 -7.024  1.00 22.90 ? 10  DG  A "O3'" 1 
ATOM   189 C  "C2'" . DG  A 1 10 ? -0.591  -17.299 -6.061  1.00 24.82 ? 10  DG  A "C2'" 1 
ATOM   190 C  "C1'" . DG  A 1 10 ? -0.619  -16.675 -4.671  1.00 22.81 ? 10  DG  A "C1'" 1 
ATOM   191 N  N9    . DG  A 1 10 ? -1.687  -17.225 -3.822  1.00 22.49 ? 10  DG  A N9    1 
ATOM   192 C  C8    . DG  A 1 10 ? -2.902  -17.792 -4.154  1.00 21.09 ? 10  DG  A C8    1 
ATOM   193 N  N7    . DG  A 1 10 ? -3.606  -18.118 -3.156  1.00 20.54 ? 10  DG  A N7    1 
ATOM   194 C  C5    . DG  A 1 10 ? -2.834  -17.756 -2.079  1.00 20.33 ? 10  DG  A C5    1 
ATOM   195 C  C6    . DG  A 1 10 ? -3.075  -17.861 -0.703  1.00 20.65 ? 10  DG  A C6    1 
ATOM   196 O  O6    . DG  A 1 10 ? -4.084  -18.285 -0.147  1.00 21.62 ? 10  DG  A O6    1 
ATOM   197 N  N1    . DG  A 1 10 ? -2.016  -17.402 0.080   1.00 20.63 ? 10  DG  A N1    1 
ATOM   198 C  C2    . DG  A 1 10 ? -0.849  -16.909 -0.412  1.00 20.00 ? 10  DG  A C2    1 
ATOM   199 N  N2    . DG  A 1 10 ? 0.079   -16.556 0.436   1.00 17.14 ? 10  DG  A N2    1 
ATOM   200 N  N3    . DG  A 1 10 ? -0.659  -16.800 -1.675  1.00 20.90 ? 10  DG  A N3    1 
ATOM   201 C  C4    . DG  A 1 10 ? -1.661  -17.234 -2.465  1.00 21.02 ? 10  DG  A C4    1 
ATOM   202 O  "O5'" . DC  B 2 1  ? -1.120  -19.974 8.428   1.00 38.71 ? 1   DC  B "O5'" 1 
ATOM   203 C  "C5'" . DC  B 2 1  ? 0.313   -20.174 8.524   1.00 33.96 ? 1   DC  B "C5'" 1 
ATOM   204 C  "C4'" . DC  B 2 1  ? 1.032   -19.236 7.627   1.00 30.29 ? 1   DC  B "C4'" 1 
ATOM   205 O  "O4'" . DC  B 2 1  ? 0.341   -19.250 6.368   1.00 26.73 ? 1   DC  B "O4'" 1 
ATOM   206 C  "C3'" . DC  B 2 1  ? 1.002   -17.862 8.088   1.00 29.81 ? 1   DC  B "C3'" 1 
ATOM   207 O  "O3'" . DC  B 2 1  ? 2.320   -17.481 7.876   1.00 31.21 ? 1   DC  B "O3'" 1 
ATOM   208 C  "C2'" . DC  B 2 1  ? -0.082  -17.191 7.181   1.00 27.33 ? 1   DC  B "C2'" 1 
ATOM   209 C  "C1'" . DC  B 2 1  ? 0.044   -17.938 5.882   1.00 22.90 ? 1   DC  B "C1'" 1 
ATOM   210 N  N1    . DC  B 2 1  ? -1.181  -18.137 5.119   1.00 18.50 ? 1   DC  B N1    1 
ATOM   211 C  C2    . DC  B 2 1  ? -1.170  -17.789 3.855   1.00 16.63 ? 1   DC  B C2    1 
ATOM   212 O  O2    . DC  B 2 1  ? -0.214  -17.309 3.312   1.00 19.67 ? 1   DC  B O2    1 
ATOM   213 N  N3    . DC  B 2 1  ? -2.225  -17.918 3.107   1.00 14.05 ? 1   DC  B N3    1 
ATOM   214 C  C4    . DC  B 2 1  ? -3.338  -18.394 3.590   1.00 13.43 ? 1   DC  B C4    1 
ATOM   215 N  N4    . DC  B 2 1  ? -4.359  -18.591 2.750   1.00 10.89 ? 1   DC  B N4    1 
ATOM   216 C  C5    . DC  B 2 1  ? -3.426  -18.781 4.956   1.00 14.88 ? 1   DC  B C5    1 
ATOM   217 C  C6    . DC  B 2 1  ? -2.311  -18.624 5.683   1.00 14.63 ? 1   DC  B C6    1 
ATOM   218 P  P     . DG  B 2 2  ? 2.790   -16.025 8.168   1.00 35.53 ? 2   DG  B P     1 
ATOM   219 O  OP1   . DG  B 2 2  ? 4.247   -16.140 8.352   1.00 34.95 ? 2   DG  B OP1   1 
ATOM   220 O  OP2   . DG  B 2 2  ? 1.940   -15.340 9.168   1.00 35.48 ? 2   DG  B OP2   1 
ATOM   221 O  "O5'" . DG  B 2 2  ? 2.472   -15.270 6.762   1.00 34.66 ? 2   DG  B "O5'" 1 
ATOM   222 C  "C5'" . DG  B 2 2  ? 3.471   -15.277 5.716   1.00 32.85 ? 2   DG  B "C5'" 1 
ATOM   223 C  "C4'" . DG  B 2 2  ? 3.191   -14.280 4.689   1.00 31.89 ? 2   DG  B "C4'" 1 
ATOM   224 O  "O4'" . DG  B 2 2  ? 1.937   -14.602 4.199   1.00 30.50 ? 2   DG  B "O4'" 1 
ATOM   225 C  "C3'" . DG  B 2 2  ? 3.098   -12.873 5.217   1.00 32.77 ? 2   DG  B "C3'" 1 
ATOM   226 O  "O3'" . DG  B 2 2  ? 3.598   -11.957 4.188   1.00 33.95 ? 2   DG  B "O3'" 1 
ATOM   227 C  "C2'" . DG  B 2 2  ? 1.574   -12.720 5.421   1.00 31.37 ? 2   DG  B "C2'" 1 
ATOM   228 C  "C1'" . DG  B 2 2  ? 1.060   -13.445 4.203   1.00 28.33 ? 2   DG  B "C1'" 1 
ATOM   229 N  N9    . DG  B 2 2  ? -0.357  -13.881 4.299   1.00 22.19 ? 2   DG  B N9    1 
ATOM   230 C  C8    . DG  B 2 2  ? -1.099  -14.227 5.382   1.00 19.48 ? 2   DG  B C8    1 
ATOM   231 N  N7    . DG  B 2 2  ? -2.331  -14.606 5.100   1.00 17.33 ? 2   DG  B N7    1 
ATOM   232 C  C5    . DG  B 2 2  ? -2.372  -14.468 3.727   1.00 18.22 ? 2   DG  B C5    1 
ATOM   233 C  C6    . DG  B 2 2  ? -3.409  -14.730 2.850   1.00 19.23 ? 2   DG  B C6    1 
ATOM   234 O  O6    . DG  B 2 2  ? -4.571  -15.048 3.118   1.00 23.99 ? 2   DG  B O6    1 
ATOM   235 N  N1    . DG  B 2 2  ? -3.063  -14.540 1.564   1.00 17.14 ? 2   DG  B N1    1 
ATOM   236 C  C2    . DG  B 2 2  ? -1.884  -14.136 1.133   1.00 19.76 ? 2   DG  B C2    1 
ATOM   237 N  N2    . DG  B 2 2  ? -1.768  -14.064 -0.203  1.00 21.54 ? 2   DG  B N2    1 
ATOM   238 N  N3    . DG  B 2 2  ? -0.910  -13.870 1.980   1.00 19.26 ? 2   DG  B N3    1 
ATOM   239 C  C4    . DG  B 2 2  ? -1.202  -14.050 3.242   1.00 19.09 ? 2   DG  B C4    1 
ATOM   240 P  P     . DA  B 2 3  ? 3.721   -10.391 4.428   1.00 33.81 ? 3   DA  B P     1 
ATOM   241 O  OP1   . DA  B 2 3  ? 5.102   -9.880  4.415   1.00 32.97 ? 3   DA  B OP1   1 
ATOM   242 O  OP2   . DA  B 2 3  ? 2.860   -10.021 5.575   1.00 36.88 ? 3   DA  B OP2   1 
ATOM   243 O  "O5'" . DA  B 2 3  ? 3.037   -9.885  3.125   1.00 31.91 ? 3   DA  B "O5'" 1 
ATOM   244 C  "C5'" . DA  B 2 3  ? 3.726   -10.092 1.954   1.00 30.36 ? 3   DA  B "C5'" 1 
ATOM   245 C  "C4'" . DA  B 2 3  ? 2.893   -9.676  0.872   1.00 29.66 ? 3   DA  B "C4'" 1 
ATOM   246 O  "O4'" . DA  B 2 3  ? 1.685   -10.433 0.956   1.00 29.25 ? 3   DA  B "O4'" 1 
ATOM   247 C  "C3'" . DA  B 2 3  ? 2.564   -8.196  1.028   1.00 31.39 ? 3   DA  B "C3'" 1 
ATOM   248 O  "O3'" . DA  B 2 3  ? 2.729   -7.571  -0.266  1.00 34.30 ? 3   DA  B "O3'" 1 
ATOM   249 C  "C2'" . DA  B 2 3  ? 1.124   -8.264  1.529   1.00 28.12 ? 3   DA  B "C2'" 1 
ATOM   250 C  "C1'" . DA  B 2 3  ? 0.515   -9.581  1.094   1.00 27.00 ? 3   DA  B "C1'" 1 
ATOM   251 N  N9    . DA  B 2 3  ? -0.481  -10.012 2.168   1.00 22.17 ? 3   DA  B N9    1 
ATOM   252 C  C8    . DA  B 2 3  ? -0.275  -9.993  3.539   1.00 20.07 ? 3   DA  B C8    1 
ATOM   253 N  N7    . DA  B 2 3  ? -1.332  -10.428 4.159   1.00 18.52 ? 3   DA  B N7    1 
ATOM   254 C  C5    . DA  B 2 3  ? -2.274  -10.777 3.187   1.00 16.36 ? 3   DA  B C5    1 
ATOM   255 C  C6    . DA  B 2 3  ? -3.546  -11.270 3.270   1.00 17.14 ? 3   DA  B C6    1 
ATOM   256 N  N6    . DA  B 2 3  ? -4.177  -11.555 4.410   1.00 19.48 ? 3   DA  B N6    1 
ATOM   257 N  N1    . DA  B 2 3  ? -4.191  -11.449 2.172   1.00 17.87 ? 3   DA  B N1    1 
ATOM   258 C  C2    . DA  B 2 3  ? -3.629  -11.165 1.019   1.00 18.22 ? 3   DA  B C2    1 
ATOM   259 N  N3    . DA  B 2 3  ? -2.434  -10.690 0.783   1.00 18.20 ? 3   DA  B N3    1 
ATOM   260 C  C4    . DA  B 2 3  ? -1.791  -10.519 1.967   1.00 18.49 ? 3   DA  B C4    1 
ATOM   261 P  P     . DA  B 2 4  ? 2.063   -6.142  -0.610  1.00 38.43 ? 4   DA  B P     1 
ATOM   262 O  OP1   . DA  B 2 4  ? 2.788   -5.663  -1.818  1.00 38.23 ? 4   DA  B OP1   1 
ATOM   263 O  OP2   . DA  B 2 4  ? 1.913   -5.245  0.581   1.00 37.52 ? 4   DA  B OP2   1 
ATOM   264 O  "O5'" . DA  B 2 4  ? 0.579   -6.472  -1.087  1.00 33.98 ? 4   DA  B "O5'" 1 
ATOM   265 C  "C5'" . DA  B 2 4  ? 0.340   -7.197  -2.291  1.00 31.61 ? 4   DA  B "C5'" 1 
ATOM   266 C  "C4'" . DA  B 2 4  ? -1.135  -7.217  -2.629  1.00 29.76 ? 4   DA  B "C4'" 1 
ATOM   267 O  "O4'" . DA  B 2 4  ? -1.899  -7.902  -1.605  1.00 28.85 ? 4   DA  B "O4'" 1 
ATOM   268 C  "C3'" . DA  B 2 4  ? -1.815  -5.859  -2.824  1.00 30.78 ? 4   DA  B "C3'" 1 
ATOM   269 O  "O3'" . DA  B 2 4  ? -2.735  -5.966  -3.919  1.00 34.38 ? 4   DA  B "O3'" 1 
ATOM   270 C  "C2'" . DA  B 2 4  ? -2.579  -5.668  -1.524  1.00 29.01 ? 4   DA  B "C2'" 1 
ATOM   271 C  "C1'" . DA  B 2 4  ? -2.990  -7.094  -1.190  1.00 26.65 ? 4   DA  B "C1'" 1 
ATOM   272 N  N9    . DA  B 2 4  ? -3.227  -7.351  0.232   1.00 22.16 ? 4   DA  B N9    1 
ATOM   273 C  C8    . DA  B 2 4  ? -2.336  -7.162  1.260   1.00 20.69 ? 4   DA  B C8    1 
ATOM   274 N  N7    . DA  B 2 4  ? -2.814  -7.468  2.438   1.00 19.10 ? 4   DA  B N7    1 
ATOM   275 C  C5    . DA  B 2 4  ? -4.105  -7.898  2.174   1.00 20.83 ? 4   DA  B C5    1 
ATOM   276 C  C6    . DA  B 2 4  ? -5.125  -8.376  3.012   1.00 21.22 ? 4   DA  B C6    1 
ATOM   277 N  N6    . DA  B 2 4  ? -4.988  -8.528  4.325   1.00 23.50 ? 4   DA  B N6    1 
ATOM   278 N  N1    . DA  B 2 4  ? -6.296  -8.710  2.443   1.00 22.22 ? 4   DA  B N1    1 
ATOM   279 C  C2    . DA  B 2 4  ? -6.421  -8.589  1.111   1.00 22.59 ? 4   DA  B C2    1 
ATOM   280 N  N3    . DA  B 2 4  ? -5.534  -8.164  0.216   1.00 22.30 ? 4   DA  B N3    1 
ATOM   281 C  C4    . DA  B 2 4  ? -4.380  -7.827  0.819   1.00 21.59 ? 4   DA  B C4    1 
ATOM   282 P  P     . DT  B 2 5  ? -3.419  -4.643  -4.543  1.00 36.60 ? 5   DT  B P     1 
ATOM   283 O  OP1   . DT  B 2 5  ? -3.727  -4.924  -5.974  1.00 38.85 ? 5   DT  B OP1   1 
ATOM   284 O  OP2   . DT  B 2 5  ? -2.622  -3.429  -4.177  1.00 38.79 ? 5   DT  B OP2   1 
ATOM   285 O  "O5'" . DT  B 2 5  ? -4.800  -4.545  -3.780  1.00 38.55 ? 5   DT  B "O5'" 1 
ATOM   286 C  "C5'" . DT  B 2 5  ? -5.951  -5.373  -4.070  1.00 37.78 ? 5   DT  B "C5'" 1 
ATOM   287 C  "C4'" . DT  B 2 5  ? -7.129  -4.996  -3.157  1.00 36.21 ? 5   DT  B "C4'" 1 
ATOM   288 O  "O4'" . DT  B 2 5  ? -6.829  -5.140  -1.738  1.00 34.53 ? 5   DT  B "O4'" 1 
ATOM   289 C  "C3'" . DT  B 2 5  ? -7.461  -3.536  -3.440  1.00 36.36 ? 5   DT  B "C3'" 1 
ATOM   290 O  "O3'" . DT  B 2 5  ? -8.827  -3.541  -3.913  1.00 36.72 ? 5   DT  B "O3'" 1 
ATOM   291 C  "C2'" . DT  B 2 5  ? -7.275  -2.890  -2.050  1.00 36.31 ? 5   DT  B "C2'" 1 
ATOM   292 C  "C1'" . DT  B 2 5  ? -7.547  -4.046  -1.092  1.00 35.03 ? 5   DT  B "C1'" 1 
ATOM   293 N  N1    . DT  B 2 5  ? -6.878  -4.098  0.238   1.00 32.42 ? 5   DT  B N1    1 
ATOM   294 C  C2    . DT  B 2 5  ? -7.282  -5.249  0.941   1.00 29.81 ? 5   DT  B C2    1 
ATOM   295 O  O2    . DT  B 2 5  ? -8.113  -6.023  0.500   1.00 31.25 ? 5   DT  B O2    1 
ATOM   296 N  N3    . DT  B 2 5  ? -6.729  -5.470  2.129   1.00 27.54 ? 5   DT  B N3    1 
ATOM   297 C  C4    . DT  B 2 5  ? -5.805  -4.702  2.744   1.00 29.67 ? 5   DT  B C4    1 
ATOM   298 O  O4    . DT  B 2 5  ? -5.393  -5.063  3.823   1.00 26.43 ? 5   DT  B O4    1 
ATOM   299 C  C5    . DT  B 2 5  ? -5.374  -3.470  2.025   1.00 32.86 ? 5   DT  B C5    1 
ATOM   300 C  C7    . DT  B 2 5  ? -3.649  -3.840  2.190   1.00 33.60 ? 5   DT  B C7    1 
ATOM   301 C  C6    . DT  B 2 5  ? -5.949  -3.175  0.789   1.00 33.52 ? 5   DT  B C6    1 
ATOM   302 P  P     . DT  B 2 6  ? -9.645  -2.245  -4.381  1.00 37.08 ? 6   DT  B P     1 
ATOM   303 O  OP1   . DT  B 2 6  ? -10.896 -2.639  -5.072  1.00 38.34 ? 6   DT  B OP1   1 
ATOM   304 O  OP2   . DT  B 2 6  ? -8.639  -1.394  -5.100  1.00 38.67 ? 6   DT  B OP2   1 
ATOM   305 O  "O5'" . DT  B 2 6  ? -9.999  -1.644  -2.974  1.00 38.45 ? 6   DT  B "O5'" 1 
ATOM   306 C  "C5'" . DT  B 2 6  ? -10.955 -2.308  -2.110  1.00 38.87 ? 6   DT  B "C5'" 1 
ATOM   307 C  "C4'" . DT  B 2 6  ? -10.722 -1.877  -0.656  1.00 37.53 ? 6   DT  B "C4'" 1 
ATOM   308 O  "O4'" . DT  B 2 6  ? -9.611  -2.557  -0.063  1.00 37.85 ? 6   DT  B "O4'" 1 
ATOM   309 C  "C3'" . DT  B 2 6  ? -10.412 -0.368  -0.664  1.00 38.51 ? 6   DT  B "C3'" 1 
ATOM   310 O  "O3'" . DT  B 2 6  ? -11.396 0.361   0.000   1.00 41.24 ? 6   DT  B "O3'" 1 
ATOM   311 C  "C2'" . DT  B 2 6  ? -9.164  -0.281  0.140   1.00 36.83 ? 6   DT  B "C2'" 1 
ATOM   312 C  "C1'" . DT  B 2 6  ? -9.228  -1.602  0.874   1.00 36.18 ? 6   DT  B "C1'" 1 
ATOM   313 N  N1    . DT  B 2 6  ? -8.000  -1.789  1.725   1.00 34.63 ? 6   DT  B N1    1 
ATOM   314 C  C2    . DT  B 2 6  ? -8.344  -1.892  3.067   1.00 34.11 ? 6   DT  B C2    1 
ATOM   315 O  O2    . DT  B 2 6  ? -9.484  -1.875  3.473   1.00 37.46 ? 6   DT  B O2    1 
ATOM   316 N  N3    . DT  B 2 6  ? -7.349  -2.017  3.963   1.00 32.46 ? 6   DT  B N3    1 
ATOM   317 C  C4    . DT  B 2 6  ? -6.011  -2.057  3.681   1.00 32.09 ? 6   DT  B C4    1 
ATOM   318 O  O4    . DT  B 2 6  ? -5.282  -2.168  4.657   1.00 33.12 ? 6   DT  B O4    1 
ATOM   319 C  C5    . DT  B 2 6  ? -5.647  -1.960  2.232   1.00 33.09 ? 6   DT  B C5    1 
ATOM   320 C  C7    . DT  B 2 6  ? -4.303  -1.105  2.128   1.00 34.06 ? 6   DT  B C7    1 
ATOM   321 C  C6    . DT  B 2 6  ? -6.605  -1.842  1.329   1.00 33.03 ? 6   DT  B C6    1 
ATOM   322 P  P     . DA  B 2 7  ? -12.511 1.226   -0.767  1.00 41.55 ? 7   DA  B P     1 
ATOM   323 O  OP1   . DA  B 2 7  ? -12.716 0.750   -2.158  1.00 41.36 ? 7   DA  B OP1   1 
ATOM   324 O  OP2   . DA  B 2 7  ? -12.265 2.672   -0.503  1.00 40.34 ? 7   DA  B OP2   1 
ATOM   325 O  "O5'" . DA  B 2 7  ? -13.828 0.850   -0.025  1.00 40.47 ? 7   DA  B "O5'" 1 
ATOM   326 C  "C5'" . DA  B 2 7  ? -14.369 1.715   0.943   1.00 38.94 ? 7   DA  B "C5'" 1 
ATOM   327 C  "C4'" . DA  B 2 7  ? -14.949 0.914   2.078   1.00 36.51 ? 7   DA  B "C4'" 1 
ATOM   328 O  "O4'" . DA  B 2 7  ? -13.924 0.139   2.739   1.00 34.78 ? 7   DA  B "O4'" 1 
ATOM   329 C  "C3'" . DA  B 2 7  ? -15.550 1.811   3.142   1.00 36.81 ? 7   DA  B "C3'" 1 
ATOM   330 O  "O3'" . DA  B 2 7  ? -16.725 1.200   3.647   1.00 37.71 ? 7   DA  B "O3'" 1 
ATOM   331 C  "C2'" . DA  B 2 7  ? -14.457 1.927   4.185   1.00 34.62 ? 7   DA  B "C2'" 1 
ATOM   332 C  "C1'" . DA  B 2 7  ? -13.710 0.612   4.062   1.00 32.35 ? 7   DA  B "C1'" 1 
ATOM   333 N  N9    . DA  B 2 7  ? -12.265 0.745   4.267   1.00 32.20 ? 7   DA  B N9    1 
ATOM   334 C  C8    . DA  B 2 7  ? -11.322 1.198   3.368   1.00 30.64 ? 7   DA  B C8    1 
ATOM   335 N  N7    . DA  B 2 7  ? -10.102 1.221   3.848   1.00 29.78 ? 7   DA  B N7    1 
ATOM   336 C  C5    . DA  B 2 7  ? -10.244 0.744   5.145   1.00 28.18 ? 7   DA  B C5    1 
ATOM   337 C  C6    . DA  B 2 7  ? -9.317  0.524   6.177   1.00 26.61 ? 7   DA  B C6    1 
ATOM   338 N  N6    . DA  B 2 7  ? -8.012  0.770   6.067   1.00 25.25 ? 7   DA  B N6    1 
ATOM   339 N  N1    . DA  B 2 7  ? -9.784  0.040   7.348   1.00 26.69 ? 7   DA  B N1    1 
ATOM   340 C  C2    . DA  B 2 7  ? -11.095 -0.194  7.470   1.00 25.26 ? 7   DA  B C2    1 
ATOM   341 N  N3    . DA  B 2 7  ? -12.067 -0.023  6.576   1.00 28.38 ? 7   DA  B N3    1 
ATOM   342 C  C4    . DA  B 2 7  ? -11.568 0.449   5.418   1.00 29.30 ? 7   DA  B C4    1 
ATOM   343 P  P     . DA  B 2 8  ? -17.834 2.114   4.330   1.00 38.68 ? 8   DA  B P     1 
ATOM   344 O  OP1   . DA  B 2 8  ? -18.997 1.243   4.483   1.00 38.09 ? 8   DA  B OP1   1 
ATOM   345 O  OP2   . DA  B 2 8  ? -17.864 3.379   3.549   1.00 39.49 ? 8   DA  B OP2   1 
ATOM   346 O  "O5'" . DA  B 2 8  ? -17.226 2.350   5.748   1.00 35.41 ? 8   DA  B "O5'" 1 
ATOM   347 C  "C5'" . DA  B 2 8  ? -17.277 1.367   6.754   1.00 27.58 ? 8   DA  B "C5'" 1 
ATOM   348 C  "C4'" . DA  B 2 8  ? -16.291 1.746   7.783   1.00 25.72 ? 8   DA  B "C4'" 1 
ATOM   349 O  "O4'" . DA  B 2 8  ? -15.016 2.001   7.207   1.00 23.56 ? 8   DA  B "O4'" 1 
ATOM   350 C  "C3'" . DA  B 2 8  ? -16.637 3.104   8.322   1.00 25.99 ? 8   DA  B "C3'" 1 
ATOM   351 O  "O3'" . DA  B 2 8  ? -17.438 2.878   9.467   1.00 30.03 ? 8   DA  B "O3'" 1 
ATOM   352 C  "C2'" . DA  B 2 8  ? -15.338 3.815   8.648   1.00 23.08 ? 8   DA  B "C2'" 1 
ATOM   353 C  "C1'" . DA  B 2 8  ? -14.415 2.780   8.241   1.00 22.55 ? 8   DA  B "C1'" 1 
ATOM   354 N  N9    . DA  B 2 8  ? -13.175 3.262   7.704   1.00 22.69 ? 8   DA  B N9    1 
ATOM   355 C  C8    . DA  B 2 8  ? -12.931 3.944   6.526   1.00 21.72 ? 8   DA  B C8    1 
ATOM   356 N  N7    . DA  B 2 8  ? -11.665 4.137   6.311   1.00 21.76 ? 8   DA  B N7    1 
ATOM   357 C  C5    . DA  B 2 8  ? -11.036 3.568   7.404   1.00 21.33 ? 8   DA  B C5    1 
ATOM   358 C  C6    . DA  B 2 8  ? -9.729  3.451   7.774   1.00 22.55 ? 8   DA  B C6    1 
ATOM   359 N  N6    . DA  B 2 8  ? -8.742  3.939   7.103   1.00 26.21 ? 8   DA  B N6    1 
ATOM   360 N  N1    . DA  B 2 8  ? -9.429  2.873   8.895   1.00 22.54 ? 8   DA  B N1    1 
ATOM   361 C  C2    . DA  B 2 8  ? -10.382 2.413   9.638   1.00 22.96 ? 8   DA  B C2    1 
ATOM   362 N  N3    . DA  B 2 8  ? -11.664 2.440   9.400   1.00 23.40 ? 8   DA  B N3    1 
ATOM   363 C  C4    . DA  B 2 8  ? -11.930 3.045   8.254   1.00 22.99 ? 8   DA  B C4    1 
ATOM   364 P  P     . DG  B 2 9  ? -18.012 4.111   10.275  1.00 31.01 ? 9   DG  B P     1 
ATOM   365 O  OP1   . DG  B 2 9  ? -19.219 3.664   10.970  1.00 34.87 ? 9   DG  B OP1   1 
ATOM   366 O  OP2   . DG  B 2 9  ? -18.068 5.284   9.358   1.00 34.19 ? 9   DG  B OP2   1 
ATOM   367 O  "O5'" . DG  B 2 9  ? -16.850 4.375   11.259  1.00 31.05 ? 9   DG  B "O5'" 1 
ATOM   368 C  "C5'" . DG  B 2 9  ? -16.437 3.591   12.309  1.00 32.04 ? 9   DG  B "C5'" 1 
ATOM   369 C  "C4'" . DG  B 2 9  ? -15.157 4.186   12.887  1.00 32.86 ? 9   DG  B "C4'" 1 
ATOM   370 O  "O4'" . DG  B 2 9  ? -14.169 4.373   11.875  1.00 33.26 ? 9   DG  B "O4'" 1 
ATOM   371 C  "C3'" . DG  B 2 9  ? -15.350 5.582   13.392  1.00 33.23 ? 9   DG  B "C3'" 1 
ATOM   372 O  "O3'" . DG  B 2 9  ? -15.358 5.430   14.802  1.00 36.71 ? 9   DG  B "O3'" 1 
ATOM   373 C  "C2'" . DG  B 2 9  ? -14.157 6.327   12.853  1.00 31.51 ? 9   DG  B "C2'" 1 
ATOM   374 C  "C1'" . DG  B 2 9  ? -13.211 5.293   12.344  1.00 30.23 ? 9   DG  B "C1'" 1 
ATOM   375 N  N9    . DG  B 2 9  ? -12.496 5.688   11.164  1.00 29.55 ? 9   DG  B N9    1 
ATOM   376 C  C8    . DG  B 2 9  ? -12.988 6.163   9.997   1.00 30.11 ? 9   DG  B C8    1 
ATOM   377 N  N7    . DG  B 2 9  ? -12.078 6.469   9.122   1.00 29.34 ? 9   DG  B N7    1 
ATOM   378 C  C5    . DG  B 2 9  ? -10.883 6.166   9.779   1.00 30.37 ? 9   DG  B C5    1 
ATOM   379 C  C6    . DG  B 2 9  ? -9.538  6.262   9.331   1.00 32.44 ? 9   DG  B C6    1 
ATOM   380 O  O6    . DG  B 2 9  ? -9.103  6.708   8.270   1.00 34.83 ? 9   DG  B O6    1 
ATOM   381 N  N1    . DG  B 2 9  ? -8.674  5.818   10.282  1.00 31.75 ? 9   DG  B N1    1 
ATOM   382 C  C2    . DG  B 2 9  ? -9.050  5.342   11.522  1.00 30.52 ? 9   DG  B C2    1 
ATOM   383 N  N2    . DG  B 2 9  ? -8.103  4.941   12.369  1.00 32.05 ? 9   DG  B N2    1 
ATOM   384 N  N3    . DG  B 2 9  ? -10.289 5.256   11.948  1.00 31.43 ? 9   DG  B N3    1 
ATOM   385 C  C4    . DG  B 2 9  ? -11.151 5.679   11.019  1.00 30.48 ? 9   DG  B C4    1 
ATOM   386 P  P     . DC  B 2 10 ? -15.337 6.526   16.010  1.00 39.65 ? 10  DC  B P     1 
ATOM   387 O  OP1   . DC  B 2 10 ? -15.563 5.758   17.253  1.00 41.90 ? 10  DC  B OP1   1 
ATOM   388 O  OP2   . DC  B 2 10 ? -16.273 7.607   15.697  1.00 40.94 ? 10  DC  B OP2   1 
ATOM   389 O  "O5'" . DC  B 2 10 ? -13.843 6.999   15.985  1.00 37.94 ? 10  DC  B "O5'" 1 
ATOM   390 C  "C5'" . DC  B 2 10 ? -12.780 6.245   16.612  1.00 33.00 ? 10  DC  B "C5'" 1 
ATOM   391 C  "C4'" . DC  B 2 10 ? -11.430 6.929   16.433  1.00 30.15 ? 10  DC  B "C4'" 1 
ATOM   392 O  "O4'" . DC  B 2 10 ? -11.133 6.906   15.024  1.00 28.87 ? 10  DC  B "O4'" 1 
ATOM   393 C  "C3'" . DC  B 2 10 ? -11.443 8.370   16.894  1.00 29.55 ? 10  DC  B "C3'" 1 
ATOM   394 O  "O3'" . DC  B 2 10 ? -10.913 8.448   18.249  1.00 30.78 ? 10  DC  B "O3'" 1 
ATOM   395 C  "C2'" . DC  B 2 10 ? -10.564 9.027   15.879  1.00 27.78 ? 10  DC  B "C2'" 1 
ATOM   396 C  "C1'" . DC  B 2 10 ? -10.205 7.932   14.854  1.00 27.87 ? 10  DC  B "C1'" 1 
ATOM   397 N  N1    . DC  B 2 10 ? -10.368 8.411   13.502  1.00 27.64 ? 10  DC  B N1    1 
ATOM   398 C  C2    . DC  B 2 10 ? -9.258  8.504   12.671  1.00 27.79 ? 10  DC  B C2    1 
ATOM   399 O  O2    . DC  B 2 10 ? -8.152  8.179   13.079  1.00 29.06 ? 10  DC  B O2    1 
ATOM   400 N  N3    . DC  B 2 10 ? -9.418  8.971   11.412  1.00 27.90 ? 10  DC  B N3    1 
ATOM   401 C  C4    . DC  B 2 10 ? -10.628 9.335   10.988  1.00 26.19 ? 10  DC  B C4    1 
ATOM   402 N  N4    . DC  B 2 10 ? -10.808 9.765   9.767   1.00 27.25 ? 10  DC  B N4    1 
ATOM   403 C  C5    . DC  B 2 10 ? -11.790 9.244   11.817  1.00 27.51 ? 10  DC  B C5    1 
ATOM   404 C  C6    . DC  B 2 10 ? -11.614 8.782   13.068  1.00 27.25 ? 10  DC  B C6    1 
ATOM   405 O  "O5'" . DG  C 1 1  ? -2.114  12.837  -19.107 1.00 40.92 ? 1   DG  C "O5'" 1 
ATOM   406 C  "C5'" . DG  C 1 1  ? -0.912  12.175  -18.754 1.00 38.17 ? 1   DG  C "C5'" 1 
ATOM   407 C  "C4'" . DG  C 1 1  ? -0.141  13.084  -17.863 1.00 36.54 ? 1   DG  C "C4'" 1 
ATOM   408 O  "O4'" . DG  C 1 1  ? -0.906  13.456  -16.718 1.00 34.58 ? 1   DG  C "O4'" 1 
ATOM   409 C  "C3'" . DG  C 1 1  ? 1.096   12.383  -17.355 1.00 35.98 ? 1   DG  C "C3'" 1 
ATOM   410 O  "O3'" . DG  C 1 1  ? 1.963   13.429  -17.100 1.00 38.78 ? 1   DG  C "O3'" 1 
ATOM   411 C  "C2'" . DG  C 1 1  ? 0.643   11.705  -16.117 1.00 34.85 ? 1   DG  C "C2'" 1 
ATOM   412 C  "C1'" . DG  C 1 1  ? -0.331  12.754  -15.606 1.00 33.29 ? 1   DG  C "C1'" 1 
ATOM   413 N  N9    . DG  C 1 1  ? -1.380  12.095  -14.824 1.00 31.42 ? 1   DG  C N9    1 
ATOM   414 C  C8    . DG  C 1 1  ? -1.942  10.904  -15.098 1.00 28.74 ? 1   DG  C C8    1 
ATOM   415 N  N7    . DG  C 1 1  ? -2.809  10.593  -14.212 1.00 30.42 ? 1   DG  C N7    1 
ATOM   416 C  C5    . DG  C 1 1  ? -2.821  11.629  -13.295 1.00 29.52 ? 1   DG  C C5    1 
ATOM   417 C  C6    . DG  C 1 1  ? -3.566  11.841  -12.106 1.00 29.97 ? 1   DG  C C6    1 
ATOM   418 O  O6    . DG  C 1 1  ? -4.448  11.153  -11.638 1.00 32.73 ? 1   DG  C O6    1 
ATOM   419 N  N1    . DG  C 1 1  ? -3.291  13.016  -11.454 1.00 28.48 ? 1   DG  C N1    1 
ATOM   420 C  C2    . DG  C 1 1  ? -2.416  13.922  -11.887 1.00 27.15 ? 1   DG  C C2    1 
ATOM   421 N  N2    . DG  C 1 1  ? -2.345  15.003  -11.163 1.00 26.76 ? 1   DG  C N2    1 
ATOM   422 N  N3    . DG  C 1 1  ? -1.702  13.751  -12.985 1.00 29.42 ? 1   DG  C N3    1 
ATOM   423 C  C4    . DG  C 1 1  ? -1.946  12.576  -13.654 1.00 29.37 ? 1   DG  C C4    1 
ATOM   424 P  P     . DC  C 1 2  ? 3.451   13.457  -16.605 1.00 42.27 ? 2   DC  C P     1 
ATOM   425 O  OP1   . DC  C 1 2  ? 4.089   14.514  -17.398 1.00 41.05 ? 2   DC  C OP1   1 
ATOM   426 O  OP2   . DC  C 1 2  ? 3.968   12.085  -16.587 1.00 42.44 ? 2   DC  C OP2   1 
ATOM   427 O  "O5'" . DC  C 1 2  ? 3.354   13.962  -15.075 1.00 40.50 ? 2   DC  C "O5'" 1 
ATOM   428 C  "C5'" . DC  C 1 2  ? 3.335   15.365  -14.833 1.00 38.38 ? 2   DC  C "C5'" 1 
ATOM   429 C  "C4'" . DC  C 1 2  ? 2.848   15.725  -13.481 1.00 36.38 ? 2   DC  C "C4'" 1 
ATOM   430 O  "O4'" . DC  C 1 2  ? 1.597   15.127  -13.245 1.00 34.53 ? 2   DC  C "O4'" 1 
ATOM   431 C  "C3'" . DC  C 1 2  ? 3.755   15.183  -12.457 1.00 36.99 ? 2   DC  C "C3'" 1 
ATOM   432 O  "O3'" . DC  C 1 2  ? 4.861   16.057  -12.427 1.00 37.48 ? 2   DC  C "O3'" 1 
ATOM   433 C  "C2'" . DC  C 1 2  ? 2.840   15.439  -11.330 1.00 35.45 ? 2   DC  C "C2'" 1 
ATOM   434 C  "C1'" . DC  C 1 2  ? 1.539   15.002  -11.832 1.00 35.56 ? 2   DC  C "C1'" 1 
ATOM   435 N  N1    . DC  C 1 2  ? 1.150   13.591  -11.481 1.00 36.09 ? 2   DC  C N1    1 
ATOM   436 C  C2    . DC  C 1 2  ? 0.521   13.375  -10.271 1.00 34.79 ? 2   DC  C C2    1 
ATOM   437 O  O2    . DC  C 1 2  ? 0.553   14.274  -9.418  1.00 33.79 ? 2   DC  C O2    1 
ATOM   438 N  N3    . DC  C 1 2  ? -0.047  12.145  -10.070 1.00 33.51 ? 2   DC  C N3    1 
ATOM   439 C  C4    . DC  C 1 2  ? 0.015   11.183  -11.009 1.00 33.38 ? 2   DC  C C4    1 
ATOM   440 N  N4    . DC  C 1 2  ? -0.641  10.031  -10.886 1.00 32.65 ? 2   DC  C N4    1 
ATOM   441 C  C5    . DC  C 1 2  ? 0.700   11.381  -12.235 1.00 34.24 ? 2   DC  C C5    1 
ATOM   442 C  C6    . DC  C 1 2  ? 1.243   12.592  -12.426 1.00 34.93 ? 2   DC  C C6    1 
HETATM 443 N  N1    . BRU C 1 3  ? 3.609   13.656  -7.404  1.00 36.37 ? 3   BRU C N1    1 
HETATM 444 C  C2    . BRU C 1 3  ? 2.614   12.937  -6.719  1.00 33.90 ? 3   BRU C C2    1 
HETATM 445 N  N3    . BRU C 1 3  ? 2.169   11.757  -7.258  1.00 33.53 ? 3   BRU C N3    1 
HETATM 446 C  C4    . BRU C 1 3  ? 2.638   11.243  -8.405  1.00 37.05 ? 3   BRU C C4    1 
HETATM 447 C  C5    . BRU C 1 3  ? 3.652   12.034  -9.028  1.00 38.50 ? 3   BRU C C5    1 
HETATM 448 C  C6    . BRU C 1 3  ? 4.099   13.171  -8.556  1.00 36.94 ? 3   BRU C C6    1 
HETATM 449 O  O2    . BRU C 1 3  ? 2.138   13.300  -5.654  1.00 31.70 ? 3   BRU C O2    1 
HETATM 450 O  O4    . BRU C 1 3  ? 2.159   10.214  -8.856  1.00 35.80 ? 3   BRU C O4    1 
HETATM 451 BR BR    . BRU C 1 3  ? 4.362   11.438  -10.583 1.00 46.63 ? 3   BRU C BR    1 
HETATM 452 C  "C1'" . BRU C 1 3  ? 4.034   14.995  -6.819  1.00 36.98 ? 3   BRU C "C1'" 1 
HETATM 453 C  "C2'" . BRU C 1 3  ? 5.573   15.182  -6.856  1.00 37.45 ? 3   BRU C "C2'" 1 
HETATM 454 C  "C3'" . BRU C 1 3  ? 5.733   16.700  -6.944  1.00 38.06 ? 3   BRU C "C3'" 1 
HETATM 455 C  "C4'" . BRU C 1 3  ? 4.499   17.125  -7.695  1.00 37.05 ? 3   BRU C "C4'" 1 
HETATM 456 O  "O3'" . BRU C 1 3  ? 5.731   17.338  -5.665  1.00 38.31 ? 3   BRU C "O3'" 1 
HETATM 457 O  "O4'" . BRU C 1 3  ? 3.473   16.109  -7.542  1.00 36.44 ? 3   BRU C "O4'" 1 
HETATM 458 C  "C5'" . BRU C 1 3  ? 4.897   17.354  -9.155  1.00 37.53 ? 3   BRU C "C5'" 1 
HETATM 459 O  "O5'" . BRU C 1 3  ? 5.406   16.190  -9.814  1.00 38.63 ? 3   BRU C "O5'" 1 
HETATM 460 P  P     . BRU C 1 3  ? 6.035   16.130  -11.336 1.00 39.50 ? 3   BRU C P     1 
HETATM 461 O  OP1   . BRU C 1 3  ? 6.766   17.396  -11.507 1.00 39.92 ? 3   BRU C OP1   1 
HETATM 462 O  OP2   . BRU C 1 3  ? 6.751   14.862  -11.563 1.00 40.75 ? 3   BRU C OP2   1 
ATOM   463 P  P     . DT  C 1 4  ? 7.023   17.221  -4.687  1.00 41.32 ? 4   DT  C P     1 
ATOM   464 O  OP1   . DT  C 1 4  ? 7.148   18.436  -3.845  1.00 37.38 ? 4   DT  C OP1   1 
ATOM   465 O  OP2   . DT  C 1 4  ? 8.208   16.627  -5.389  1.00 36.19 ? 4   DT  C OP2   1 
ATOM   466 O  "O5'" . DT  C 1 4  ? 6.435   15.984  -3.826  1.00 40.45 ? 4   DT  C "O5'" 1 
ATOM   467 C  "C5'" . DT  C 1 4  ? 5.450   16.064  -2.797  1.00 40.72 ? 4   DT  C "C5'" 1 
ATOM   468 C  "C4'" . DT  C 1 4  ? 5.166   14.714  -2.221  1.00 39.42 ? 4   DT  C "C4'" 1 
ATOM   469 O  "O4'" . DT  C 1 4  ? 4.792   13.840  -3.250  1.00 38.29 ? 4   DT  C "O4'" 1 
ATOM   470 C  "C3'" . DT  C 1 4  ? 6.394   14.127  -1.513  1.00 39.79 ? 4   DT  C "C3'" 1 
ATOM   471 O  "O3'" . DT  C 1 4  ? 5.934   14.243  -0.160  1.00 41.31 ? 4   DT  C "O3'" 1 
ATOM   472 C  "C2'" . DT  C 1 4  ? 6.516   12.759  -2.080  1.00 38.71 ? 4   DT  C "C2'" 1 
ATOM   473 C  "C1'" . DT  C 1 4  ? 5.130   12.545  -2.699  1.00 38.98 ? 4   DT  C "C1'" 1 
ATOM   474 N  N1    . DT  C 1 4  ? 5.097   11.644  -3.852  1.00 38.95 ? 4   DT  C N1    1 
ATOM   475 C  C2    . DT  C 1 4  ? 4.198   10.592  -3.847  1.00 38.34 ? 4   DT  C C2    1 
ATOM   476 O  O2    . DT  C 1 4  ? 3.397   10.384  -2.936  1.00 40.92 ? 4   DT  C O2    1 
ATOM   477 N  N3    . DT  C 1 4  ? 4.215   9.770   -4.969  1.00 36.08 ? 4   DT  C N3    1 
ATOM   478 C  C4    . DT  C 1 4  ? 5.035   9.945   -6.032  1.00 33.69 ? 4   DT  C C4    1 
ATOM   479 O  O4    . DT  C 1 4  ? 4.877   9.224   -6.978  1.00 34.84 ? 4   DT  C O4    1 
ATOM   480 C  C5    . DT  C 1 4  ? 5.960   11.044  -5.999  1.00 35.49 ? 4   DT  C C5    1 
ATOM   481 C  C7    . DT  C 1 4  ? 6.929   11.232  -7.154  1.00 35.20 ? 4   DT  C C7    1 
ATOM   482 C  C6    . DT  C 1 4  ? 5.961   11.857  -4.924  1.00 37.30 ? 4   DT  C C6    1 
ATOM   483 P  P     . DA  C 1 5  ? 6.844   13.754  1.067   1.00 43.13 ? 5   DA  C P     1 
ATOM   484 O  OP1   . DA  C 1 5  ? 6.343   14.403  2.302   1.00 42.76 ? 5   DA  C OP1   1 
ATOM   485 O  OP2   . DA  C 1 5  ? 8.301   13.796  0.737   1.00 43.66 ? 5   DA  C OP2   1 
ATOM   486 O  "O5'" . DA  C 1 5  ? 6.471   12.238  1.204   1.00 41.74 ? 5   DA  C "O5'" 1 
ATOM   487 C  "C5'" . DA  C 1 5  ? 5.110   11.851  1.339   1.00 38.72 ? 5   DA  C "C5'" 1 
ATOM   488 C  "C4'" . DA  C 1 5  ? 4.995   10.350  1.438   1.00 38.42 ? 5   DA  C "C4'" 1 
ATOM   489 O  "O4'" . DA  C 1 5  ? 5.022   9.725   0.130   1.00 36.91 ? 5   DA  C "O4'" 1 
ATOM   490 C  "C3'" . DA  C 1 5  ? 6.107   9.697   2.253   1.00 39.12 ? 5   DA  C "C3'" 1 
ATOM   491 O  "O3'" . DA  C 1 5  ? 5.540   8.781   3.187   1.00 39.46 ? 5   DA  C "O3'" 1 
ATOM   492 C  "C2'" . DA  C 1 5  ? 6.952   8.981   1.208   1.00 37.10 ? 5   DA  C "C2'" 1 
ATOM   493 C  "C1'" . DA  C 1 5  ? 5.932   8.634   0.133   1.00 35.60 ? 5   DA  C "C1'" 1 
ATOM   494 N  N9    . DA  C 1 5  ? 6.483   8.493   -1.225  1.00 33.27 ? 5   DA  C N9    1 
ATOM   495 C  C8    . DA  C 1 5  ? 7.540   9.193   -1.764  1.00 30.77 ? 5   DA  C C8    1 
ATOM   496 N  N7    . DA  C 1 5  ? 7.806   8.879   -3.008  1.00 30.96 ? 5   DA  C N7    1 
ATOM   497 C  C5    . DA  C 1 5  ? 6.863   7.913   -3.322  1.00 30.71 ? 5   DA  C C5    1 
ATOM   498 C  C6    . DA  C 1 5  ? 6.597   7.199   -4.515  1.00 31.81 ? 5   DA  C C6    1 
ATOM   499 N  N6    . DA  C 1 5  ? 7.248   7.413   -5.663  1.00 30.15 ? 5   DA  C N6    1 
ATOM   500 N  N1    . DA  C 1 5  ? 5.609   6.271   -4.491  1.00 31.97 ? 5   DA  C N1    1 
ATOM   501 C  C2    . DA  C 1 5  ? 4.917   6.117   -3.353  1.00 30.66 ? 5   DA  C C2    1 
ATOM   502 N  N3    . DA  C 1 5  ? 5.048   6.760   -2.180  1.00 29.85 ? 5   DA  C N3    1 
ATOM   503 C  C4    . DA  C 1 5  ? 6.050   7.649   -2.230  1.00 30.47 ? 5   DA  C C4    1 
ATOM   504 P  P     . DA  C 1 6  ? 6.487   8.018   4.234   1.00 38.94 ? 6   DA  C P     1 
ATOM   505 O  OP1   . DA  C 1 6  ? 5.914   8.142   5.597   1.00 39.82 ? 6   DA  C OP1   1 
ATOM   506 O  OP2   . DA  C 1 6  ? 7.925   8.348   3.989   1.00 37.04 ? 6   DA  C OP2   1 
ATOM   507 O  "O5'" . DA  C 1 6  ? 6.284   6.522   3.832   1.00 37.96 ? 6   DA  C "O5'" 1 
ATOM   508 C  "C5'" . DA  C 1 6  ? 4.978   5.995   3.707   1.00 36.19 ? 6   DA  C "C5'" 1 
ATOM   509 C  "C4'" . DA  C 1 6  ? 5.037   4.569   3.228   1.00 37.04 ? 6   DA  C "C4'" 1 
ATOM   510 O  "O4'" . DA  C 1 6  ? 5.250   4.501   1.794   1.00 34.34 ? 6   DA  C "O4'" 1 
ATOM   511 C  "C3'" . DA  C 1 6  ? 6.152   3.769   3.893   1.00 38.50 ? 6   DA  C "C3'" 1 
ATOM   512 O  "O3'" . DA  C 1 6  ? 5.597   2.659   4.564   1.00 41.94 ? 6   DA  C "O3'" 1 
ATOM   513 C  "C2'" . DA  C 1 6  ? 7.095   3.402   2.759   1.00 36.92 ? 6   DA  C "C2'" 1 
ATOM   514 C  "C1'" . DA  C 1 6  ? 6.271   3.569   1.482   1.00 34.34 ? 6   DA  C "C1'" 1 
ATOM   515 N  N9    . DA  C 1 6  ? 7.055   4.126   0.372   1.00 33.33 ? 6   DA  C N9    1 
ATOM   516 C  C8    . DA  C 1 6  ? 7.978   5.144   0.425   1.00 30.85 ? 6   DA  C C8    1 
ATOM   517 N  N7    . DA  C 1 6  ? 8.525   5.422   -0.726  1.00 31.67 ? 6   DA  C N7    1 
ATOM   518 C  C5    . DA  C 1 6  ? 7.933   4.525   -1.599  1.00 31.19 ? 6   DA  C C5    1 
ATOM   519 C  C6    . DA  C 1 6  ? 8.096   4.310   -2.973  1.00 30.07 ? 6   DA  C C6    1 
ATOM   520 N  N6    . DA  C 1 6  ? 8.960   4.991   -3.725  1.00 30.88 ? 6   DA  C N6    1 
ATOM   521 N  N1    . DA  C 1 6  ? 7.341   3.358   -3.560  1.00 30.49 ? 6   DA  C N1    1 
ATOM   522 C  C2    . DA  C 1 6  ? 6.497   2.651   -2.792  1.00 31.26 ? 6   DA  C C2    1 
ATOM   523 N  N3    . DA  C 1 6  ? 6.273   2.745   -1.478  1.00 31.89 ? 6   DA  C N3    1 
ATOM   524 C  C4    . DA  C 1 6  ? 7.024   3.722   -0.939  1.00 31.90 ? 6   DA  C C4    1 
ATOM   525 P  P     . DT  C 1 7  ? 6.548   1.515   5.177   1.00 42.93 ? 7   DT  C P     1 
ATOM   526 O  OP1   . DT  C 1 7  ? 5.591   0.818   6.070   1.00 41.84 ? 7   DT  C OP1   1 
ATOM   527 O  OP2   . DT  C 1 7  ? 7.880   1.937   5.638   1.00 42.55 ? 7   DT  C OP2   1 
ATOM   528 O  "O5'" . DT  C 1 7  ? 6.748   0.576   3.890   1.00 41.26 ? 7   DT  C "O5'" 1 
ATOM   529 C  "C5'" . DT  C 1 7  ? 5.681   -0.239  3.401   1.00 39.12 ? 7   DT  C "C5'" 1 
ATOM   530 C  "C4'" . DT  C 1 7  ? 6.138   -1.087  2.193   1.00 38.40 ? 7   DT  C "C4'" 1 
ATOM   531 O  "O4'" . DT  C 1 7  ? 6.469   -0.327  0.987   1.00 37.01 ? 7   DT  C "O4'" 1 
ATOM   532 C  "C3'" . DT  C 1 7  ? 7.372   -1.799  2.651   1.00 38.24 ? 7   DT  C "C3'" 1 
ATOM   533 O  "O3'" . DT  C 1 7  ? 7.128   -3.200  2.535   1.00 39.55 ? 7   DT  C "O3'" 1 
ATOM   534 C  "C2'" . DT  C 1 7  ? 8.405   -1.307  1.715   1.00 37.04 ? 7   DT  C "C2'" 1 
ATOM   535 C  "C1'" . DT  C 1 7  ? 7.662   -0.808  0.475   1.00 35.03 ? 7   DT  C "C1'" 1 
ATOM   536 N  N1    . DT  C 1 7  ? 8.484   0.257   -0.191  1.00 33.63 ? 7   DT  C N1    1 
ATOM   537 C  C2    . DT  C 1 7  ? 8.715   0.160   -1.559  1.00 31.22 ? 7   DT  C C2    1 
ATOM   538 O  O2    . DT  C 1 7  ? 8.095   -0.599  -2.281  1.00 29.92 ? 7   DT  C O2    1 
ATOM   539 N  N3    . DT  C 1 7  ? 9.617   1.026   -2.075  1.00 29.65 ? 7   DT  C N3    1 
ATOM   540 C  C4    . DT  C 1 7  ? 10.303  1.965   -1.370  1.00 30.58 ? 7   DT  C C4    1 
ATOM   541 O  O4    . DT  C 1 7  ? 11.004  2.786   -1.945  1.00 33.18 ? 7   DT  C O4    1 
ATOM   542 C  C5    . DT  C 1 7  ? 10.002  2.029   0.024   1.00 31.00 ? 7   DT  C C5    1 
ATOM   543 C  C7    . DT  C 1 7  ? 10.688  3.077   0.897   1.00 30.39 ? 7   DT  C C7    1 
ATOM   544 C  C6    . DT  C 1 7  ? 9.128   1.196   0.569   1.00 32.31 ? 7   DT  C C6    1 
HETATM 545 N  N1    . BRU C 1 8  ? 11.041  -3.359  -1.560  1.00 32.82 ? 8   BRU C N1    1 
HETATM 546 C  C2    . BRU C 1 8  ? 11.524  -2.709  -2.686  1.00 31.16 ? 8   BRU C C2    1 
HETATM 547 N  N3    . BRU C 1 8  ? 12.243  -1.565  -2.488  1.00 29.62 ? 8   BRU C N3    1 
HETATM 548 C  C4    . BRU C 1 8  ? 12.490  -1.012  -1.258  1.00 31.80 ? 8   BRU C C4    1 
HETATM 549 C  C5    . BRU C 1 8  ? 11.938  -1.724  -0.105  1.00 33.52 ? 8   BRU C C5    1 
HETATM 550 C  C6    . BRU C 1 8  ? 11.240  -2.860  -0.287  1.00 32.65 ? 8   BRU C C6    1 
HETATM 551 O  O2    . BRU C 1 8  ? 11.188  -3.041  -3.809  1.00 32.23 ? 8   BRU C O2    1 
HETATM 552 O  O4    . BRU C 1 8  ? 13.159  0.002   -1.220  1.00 30.78 ? 8   BRU C O4    1 
HETATM 553 BR BR    . BRU C 1 8  ? 12.270  -1.103  1.649   1.00 43.07 ? 8   BRU C BR    1 
HETATM 554 C  "C1'" . BRU C 1 8  ? 10.272  -4.560  -1.755  1.00 34.47 ? 8   BRU C "C1'" 1 
HETATM 555 C  "C2'" . BRU C 1 8  ? 10.774  -5.786  -1.037  1.00 35.76 ? 8   BRU C "C2'" 1 
HETATM 556 C  "C3'" . BRU C 1 8  ? 9.487   -6.556  -0.703  1.00 36.67 ? 8   BRU C "C3'" 1 
HETATM 557 C  "C4'" . BRU C 1 8  ? 8.362   -5.468  -0.741  1.00 36.24 ? 8   BRU C "C4'" 1 
HETATM 558 O  "O3'" . BRU C 1 8  ? 9.151   -7.516  -1.673  1.00 38.45 ? 8   BRU C "O3'" 1 
HETATM 559 O  "O4'" . BRU C 1 8  ? 9.002   -4.245  -1.141  1.00 35.21 ? 8   BRU C "O4'" 1 
HETATM 560 C  "C5'" . BRU C 1 8  ? 7.700   -5.257  0.641   1.00 35.77 ? 8   BRU C "C5'" 1 
HETATM 561 O  "O5'" . BRU C 1 8  ? 8.678   -4.820  1.570   1.00 37.85 ? 8   BRU C "O5'" 1 
HETATM 562 P  P     . BRU C 1 8  ? 8.244   -4.316  2.946   1.00 38.00 ? 8   BRU C P     1 
HETATM 563 O  OP1   . BRU C 1 8  ? 7.477   -5.419  3.610   1.00 41.49 ? 8   BRU C OP1   1 
HETATM 564 O  OP2   . BRU C 1 8  ? 9.362   -3.608  3.641   1.00 35.68 ? 8   BRU C OP2   1 
ATOM   565 P  P     . DC  C 1 9  ? 9.847   -8.916  -1.857  1.00 40.67 ? 9   DC  C P     1 
ATOM   566 O  OP1   . DC  C 1 9  ? 8.950   -9.704  -2.733  1.00 41.18 ? 9   DC  C OP1   1 
ATOM   567 O  OP2   . DC  C 1 9  ? 10.213  -9.381  -0.505  1.00 39.26 ? 9   DC  C OP2   1 
ATOM   568 O  "O5'" . DC  C 1 9  ? 11.254  -8.825  -2.699  1.00 40.11 ? 9   DC  C "O5'" 1 
ATOM   569 C  "C5'" . DC  C 1 9  ? 11.369  -8.744  -4.102  1.00 36.99 ? 9   DC  C "C5'" 1 
ATOM   570 C  "C4'" . DC  C 1 9  ? 12.719  -8.216  -4.429  1.00 34.49 ? 9   DC  C "C4'" 1 
ATOM   571 O  "O4'" . DC  C 1 9  ? 12.981  -6.953  -3.838  1.00 32.81 ? 9   DC  C "O4'" 1 
ATOM   572 C  "C3'" . DC  C 1 9  ? 13.730  -9.138  -3.815  1.00 34.06 ? 9   DC  C "C3'" 1 
ATOM   573 O  "O3'" . DC  C 1 9  ? 14.539  -9.421  -4.970  1.00 36.62 ? 9   DC  C "O3'" 1 
ATOM   574 C  "C2'" . DC  C 1 9  ? 14.345  -8.348  -2.681  1.00 31.04 ? 9   DC  C "C2'" 1 
ATOM   575 C  "C1'" . DC  C 1 9  ? 14.294  -6.974  -3.342  1.00 29.59 ? 9   DC  C "C1'" 1 
ATOM   576 N  N1    . DC  C 1 9  ? 14.459  -5.808  -2.432  1.00 27.58 ? 9   DC  C N1    1 
ATOM   577 C  C2    . DC  C 1 9  ? 14.931  -4.673  -3.031  1.00 27.70 ? 9   DC  C C2    1 
ATOM   578 O  O2    . DC  C 1 9  ? 14.960  -4.606  -4.250  1.00 25.89 ? 9   DC  C O2    1 
ATOM   579 N  N3    . DC  C 1 9  ? 15.242  -3.586  -2.250  1.00 29.27 ? 9   DC  C N3    1 
ATOM   580 C  C4    . DC  C 1 9  ? 15.061  -3.634  -0.934  1.00 28.11 ? 9   DC  C C4    1 
ATOM   581 N  N4    . DC  C 1 9  ? 15.409  -2.584  -0.218  1.00 31.65 ? 9   DC  C N4    1 
ATOM   582 C  C5    . DC  C 1 9  ? 14.552  -4.797  -0.293  1.00 26.92 ? 9   DC  C C5    1 
ATOM   583 C  C6    . DC  C 1 9  ? 14.281  -5.852  -1.087  1.00 27.08 ? 9   DC  C C6    1 
ATOM   584 P  P     . DG  C 1 10 ? 15.436  -10.756 -5.212  1.00 36.07 ? 10  DG  C P     1 
ATOM   585 O  OP1   . DG  C 1 10 ? 14.762  -11.537 -6.252  1.00 37.67 ? 10  DG  C OP1   1 
ATOM   586 O  OP2   . DG  C 1 10 ? 15.713  -11.380 -3.913  1.00 37.58 ? 10  DG  C OP2   1 
ATOM   587 O  "O5'" . DG  C 1 10 ? 16.794  -10.135 -5.851  1.00 36.81 ? 10  DG  C "O5'" 1 
ATOM   588 C  "C5'" . DG  C 1 10 ? 16.891  -9.917  -7.279  1.00 34.68 ? 10  DG  C "C5'" 1 
ATOM   589 C  "C4'" . DG  C 1 10 ? 17.898  -8.829  -7.674  1.00 32.93 ? 10  DG  C "C4'" 1 
ATOM   590 O  "O4'" . DG  C 1 10 ? 17.607  -7.561  -7.164  1.00 30.99 ? 10  DG  C "O4'" 1 
ATOM   591 C  "C3'" . DG  C 1 10 ? 19.165  -9.180  -7.110  1.00 32.45 ? 10  DG  C "C3'" 1 
ATOM   592 O  "O3'" . DG  C 1 10 ? 19.681  -10.151 -7.986  1.00 35.13 ? 10  DG  C "O3'" 1 
ATOM   593 C  "C2'" . DG  C 1 10 ? 19.804  -7.854  -7.212  1.00 31.15 ? 10  DG  C "C2'" 1 
ATOM   594 C  "C1'" . DG  C 1 10 ? 18.742  -6.906  -6.766  1.00 30.98 ? 10  DG  C "C1'" 1 
ATOM   595 N  N9    . DG  C 1 10 ? 18.635  -6.627  -5.299  1.00 30.20 ? 10  DG  C N9    1 
ATOM   596 C  C8    . DG  C 1 10 ? 18.087  -7.394  -4.343  1.00 31.20 ? 10  DG  C C8    1 
ATOM   597 N  N7    . DG  C 1 10 ? 18.000  -6.831  -3.153  1.00 31.01 ? 10  DG  C N7    1 
ATOM   598 C  C5    . DG  C 1 10 ? 18.525  -5.571  -3.303  1.00 31.96 ? 10  DG  C C5    1 
ATOM   599 C  C6    . DG  C 1 10 ? 18.645  -4.477  -2.333  1.00 34.05 ? 10  DG  C C6    1 
ATOM   600 O  O6    . DG  C 1 10 ? 18.233  -4.341  -1.159  1.00 32.89 ? 10  DG  C O6    1 
ATOM   601 N  N1    . DG  C 1 10 ? 19.218  -3.384  -2.934  1.00 33.51 ? 10  DG  C N1    1 
ATOM   602 C  C2    . DG  C 1 10 ? 19.604  -3.347  -4.248  1.00 33.60 ? 10  DG  C C2    1 
ATOM   603 N  N2    . DG  C 1 10 ? 20.154  -2.198  -4.585  1.00 34.62 ? 10  DG  C N2    1 
ATOM   604 N  N3    . DG  C 1 10 ? 19.481  -4.343  -5.148  1.00 33.21 ? 10  DG  C N3    1 
ATOM   605 C  C4    . DG  C 1 10 ? 18.930  -5.437  -4.612  1.00 32.03 ? 10  DG  C C4    1 
ATOM   606 O  "O5'" . DC  D 2 1  ? 22.945  3.028   1.089   1.00 42.81 ? 1   DC  D "O5'" 1 
ATOM   607 C  "C5'" . DC  D 2 1  ? 23.699  3.713   0.051   1.00 41.67 ? 1   DC  D "C5'" 1 
ATOM   608 C  "C4'" . DC  D 2 1  ? 23.083  3.541   -1.340  1.00 41.62 ? 1   DC  D "C4'" 1 
ATOM   609 O  "O4'" . DC  D 2 1  ? 22.707  2.173   -1.458  1.00 41.03 ? 1   DC  D "O4'" 1 
ATOM   610 C  "C3'" . DC  D 2 1  ? 21.805  4.306   -1.558  1.00 41.43 ? 1   DC  D "C3'" 1 
ATOM   611 O  "O3'" . DC  D 2 1  ? 21.520  4.395   -2.929  1.00 42.71 ? 1   DC  D "O3'" 1 
ATOM   612 C  "C2'" . DC  D 2 1  ? 20.809  3.372   -0.983  1.00 40.96 ? 1   DC  D "C2'" 1 
ATOM   613 C  "C1'" . DC  D 2 1  ? 21.330  2.080   -1.599  1.00 38.60 ? 1   DC  D "C1'" 1 
ATOM   614 N  N1    . DC  D 2 1  ? 20.880  0.838   -0.933  1.00 37.60 ? 1   DC  D N1    1 
ATOM   615 C  C2    . DC  D 2 1  ? 20.570  -0.200  -1.758  1.00 37.80 ? 1   DC  D C2    1 
ATOM   616 O  O2    . DC  D 2 1  ? 20.693  -0.096  -2.968  1.00 39.82 ? 1   DC  D O2    1 
ATOM   617 N  N3    . DC  D 2 1  ? 20.123  -1.340  -1.208  1.00 37.63 ? 1   DC  D N3    1 
ATOM   618 C  C4    . DC  D 2 1  ? 19.998  -1.454  0.116   1.00 36.50 ? 1   DC  D C4    1 
ATOM   619 N  N4    . DC  D 2 1  ? 19.589  -2.604  0.583   1.00 36.98 ? 1   DC  D N4    1 
ATOM   620 C  C5    . DC  D 2 1  ? 20.300  -0.401  1.012   1.00 36.30 ? 1   DC  D C5    1 
ATOM   621 C  C6    . DC  D 2 1  ? 20.747  0.725   0.430   1.00 37.71 ? 1   DC  D C6    1 
ATOM   622 P  P     . DG  D 2 2  ? 20.925  5.766   -3.484  1.00 43.51 ? 2   DG  D P     1 
ATOM   623 O  OP1   . DG  D 2 2  ? 22.095  6.690   -3.470  1.00 43.10 ? 2   DG  D OP1   1 
ATOM   624 O  OP2   . DG  D 2 2  ? 19.666  6.059   -2.750  1.00 41.83 ? 2   DG  D OP2   1 
ATOM   625 O  "O5'" . DG  D 2 2  ? 20.473  5.499   -5.018  1.00 39.03 ? 2   DG  D "O5'" 1 
ATOM   626 C  "C5'" . DG  D 2 2  ? 21.283  5.087   -6.118  1.00 32.36 ? 2   DG  D "C5'" 1 
ATOM   627 C  "C4'" . DG  D 2 2  ? 20.765  3.777   -6.634  1.00 28.09 ? 2   DG  D "C4'" 1 
ATOM   628 O  "O4'" . DG  D 2 2  ? 20.577  2.877   -5.555  1.00 26.62 ? 2   DG  D "O4'" 1 
ATOM   629 C  "C3'" . DG  D 2 2  ? 19.429  3.888   -7.189  1.00 26.39 ? 2   DG  D "C3'" 1 
ATOM   630 O  "O3'" . DG  D 2 2  ? 19.493  4.312   -8.546  1.00 28.38 ? 2   DG  D "O3'" 1 
ATOM   631 C  "C2'" . DG  D 2 2  ? 18.996  2.484   -7.128  1.00 27.15 ? 2   DG  D "C2'" 1 
ATOM   632 C  "C1'" . DG  D 2 2  ? 19.547  2.007   -5.882  1.00 24.09 ? 2   DG  D "C1'" 1 
ATOM   633 N  N9    . DG  D 2 2  ? 18.620  1.923   -4.757  1.00 24.06 ? 2   DG  D N9    1 
ATOM   634 C  C8    . DG  D 2 2  ? 18.418  2.781   -3.735  1.00 22.39 ? 2   DG  D C8    1 
ATOM   635 N  N7    . DG  D 2 2  ? 17.733  2.291   -2.752  1.00 23.62 ? 2   DG  D N7    1 
ATOM   636 C  C5    . DG  D 2 2  ? 17.439  1.006   -3.150  1.00 23.20 ? 2   DG  D C5    1 
ATOM   637 C  C6    . DG  D 2 2  ? 16.702  -0.006  -2.476  1.00 23.96 ? 2   DG  D C6    1 
ATOM   638 O  O6    . DG  D 2 2  ? 16.303  -0.002  -1.306  1.00 26.79 ? 2   DG  D O6    1 
ATOM   639 N  N1    . DG  D 2 2  ? 16.570  -1.134  -3.279  1.00 23.87 ? 2   DG  D N1    1 
ATOM   640 C  C2    . DG  D 2 2  ? 17.116  -1.245  -4.541  1.00 24.72 ? 2   DG  D C2    1 
ATOM   641 N  N2    . DG  D 2 2  ? 16.938  -2.372  -5.211  1.00 21.80 ? 2   DG  D N2    1 
ATOM   642 N  N3    . DG  D 2 2  ? 17.829  -0.299  -5.142  1.00 24.37 ? 2   DG  D N3    1 
ATOM   643 C  C4    . DG  D 2 2  ? 17.953  0.793   -4.391  1.00 23.13 ? 2   DG  D C4    1 
ATOM   644 P  P     . DA  D 2 3  ? 18.212  4.662   -9.439  1.00 29.24 ? 3   DA  D P     1 
ATOM   645 O  OP1   . DA  D 2 3  ? 18.697  5.512   -10.527 1.00 34.49 ? 3   DA  D OP1   1 
ATOM   646 O  OP2   . DA  D 2 3  ? 17.097  5.181   -8.614  1.00 33.65 ? 3   DA  D OP2   1 
ATOM   647 O  "O5'" . DA  D 2 3  ? 17.622  3.332   -10.045 1.00 27.59 ? 3   DA  D "O5'" 1 
ATOM   648 C  "C5'" . DA  D 2 3  ? 18.267  2.290   -10.735 1.00 24.83 ? 3   DA  D "C5'" 1 
ATOM   649 C  "C4'" . DA  D 2 3  ? 17.326  1.169   -10.848 1.00 23.14 ? 3   DA  D "C4'" 1 
ATOM   650 O  "O4'" . DA  D 2 3  ? 17.035  0.758   -9.506  1.00 23.53 ? 3   DA  D "O4'" 1 
ATOM   651 C  "C3'" . DA  D 2 3  ? 15.980  1.531   -11.490 1.00 23.93 ? 3   DA  D "C3'" 1 
ATOM   652 O  "O3'" . DA  D 2 3  ? 15.508  0.397   -12.237 1.00 25.58 ? 3   DA  D "O3'" 1 
ATOM   653 C  "C2'" . DA  D 2 3  ? 15.076  1.848   -10.345 1.00 23.07 ? 3   DA  D "C2'" 1 
ATOM   654 C  "C1'" . DA  D 2 3  ? 15.619  0.891   -9.297  1.00 23.28 ? 3   DA  D "C1'" 1 
ATOM   655 N  N9    . DA  D 2 3  ? 15.265  1.401   -7.937  1.00 20.57 ? 3   DA  D N9    1 
ATOM   656 C  C8    . DA  D 2 3  ? 15.590  2.608   -7.408  1.00 19.09 ? 3   DA  D C8    1 
ATOM   657 N  N7    . DA  D 2 3  ? 15.267  2.704   -6.159  1.00 18.86 ? 3   DA  D N7    1 
ATOM   658 C  C5    . DA  D 2 3  ? 14.681  1.502   -5.833  1.00 18.78 ? 3   DA  D C5    1 
ATOM   659 C  C6    . DA  D 2 3  ? 14.124  0.969   -4.610  1.00 18.22 ? 3   DA  D C6    1 
ATOM   660 N  N6    . DA  D 2 3  ? 14.041  1.653   -3.428  1.00 18.34 ? 3   DA  D N6    1 
ATOM   661 N  N1    . DA  D 2 3  ? 13.642  -0.299  -4.626  1.00 17.39 ? 3   DA  D N1    1 
ATOM   662 C  C2    . DA  D 2 3  ? 13.701  -0.951  -5.786  1.00 17.33 ? 3   DA  D C2    1 
ATOM   663 N  N3    . DA  D 2 3  ? 14.205  -0.559  -6.950  1.00 21.44 ? 3   DA  D N3    1 
ATOM   664 C  C4    . DA  D 2 3  ? 14.695  0.694   -6.914  1.00 18.91 ? 3   DA  D C4    1 
ATOM   665 P  P     . DA  D 2 4  ? 14.424  0.546   -13.403 1.00 25.26 ? 4   DA  D P     1 
ATOM   666 O  OP1   . DA  D 2 4  ? 14.802  -0.388  -14.486 1.00 27.87 ? 4   DA  D OP1   1 
ATOM   667 O  OP2   . DA  D 2 4  ? 14.113  1.975   -13.720 1.00 29.75 ? 4   DA  D OP2   1 
ATOM   668 O  "O5'" . DA  D 2 4  ? 13.142  -0.086  -12.744 1.00 27.74 ? 4   DA  D "O5'" 1 
ATOM   669 C  "C5'" . DA  D 2 4  ? 13.187  -1.421  -12.261 1.00 25.62 ? 4   DA  D "C5'" 1 
ATOM   670 C  "C4'" . DA  D 2 4  ? 12.027  -1.714  -11.337 1.00 24.87 ? 4   DA  D "C4'" 1 
ATOM   671 O  "O4'" . DA  D 2 4  ? 12.204  -1.054  -10.056 1.00 23.07 ? 4   DA  D "O4'" 1 
ATOM   672 C  "C3'" . DA  D 2 4  ? 10.626  -1.342  -11.833 1.00 25.15 ? 4   DA  D "C3'" 1 
ATOM   673 O  "O3'" . DA  D 2 4  ? 9.750   -2.478  -11.708 1.00 29.98 ? 4   DA  D "O3'" 1 
ATOM   674 C  "C2'" . DA  D 2 4  ? 10.200  -0.235  -10.879 1.00 23.89 ? 4   DA  D "C2'" 1 
ATOM   675 C  "C1'" . DA  D 2 4  ? 10.952  -0.573  -9.608  1.00 22.13 ? 4   DA  D "C1'" 1 
ATOM   676 N  N9    . DA  D 2 4  ? 11.194  0.544   -8.688  1.00 21.54 ? 4   DA  D N9    1 
ATOM   677 C  C8    . DA  D 2 4  ? 11.778  1.757   -8.963  1.00 18.80 ? 4   DA  D C8    1 
ATOM   678 N  N7    . DA  D 2 4  ? 11.852  2.556   -7.928  1.00 19.94 ? 4   DA  D N7    1 
ATOM   679 C  C5    . DA  D 2 4  ? 11.285  1.826   -6.894  1.00 20.44 ? 4   DA  D C5    1 
ATOM   680 C  C6    . DA  D 2 4  ? 11.076  2.117   -5.527  1.00 18.83 ? 4   DA  D C6    1 
ATOM   681 N  N6    . DA  D 2 4  ? 11.443  3.247   -4.947  1.00 20.16 ? 4   DA  D N6    1 
ATOM   682 N  N1    . DA  D 2 4  ? 10.476  1.177   -4.769  1.00 20.03 ? 4   DA  D N1    1 
ATOM   683 C  C2    . DA  D 2 4  ? 10.126  0.016   -5.346  1.00 18.18 ? 4   DA  D C2    1 
ATOM   684 N  N3    . DA  D 2 4  ? 10.278  -0.378  -6.612  1.00 20.86 ? 4   DA  D N3    1 
ATOM   685 C  C4    . DA  D 2 4  ? 10.872  0.583   -7.347  1.00 20.86 ? 4   DA  D C4    1 
ATOM   686 P  P     . DT  D 2 5  ? 8.262   -2.433  -12.331 1.00 29.85 ? 5   DT  D P     1 
ATOM   687 O  OP1   . DT  D 2 5  ? 7.933   -3.775  -12.870 1.00 33.97 ? 5   DT  D OP1   1 
ATOM   688 O  OP2   . DT  D 2 5  ? 8.118   -1.237  -13.204 1.00 36.01 ? 5   DT  D OP2   1 
ATOM   689 O  "O5'" . DT  D 2 5  ? 7.368   -2.214  -11.061 1.00 32.72 ? 5   DT  D "O5'" 1 
ATOM   690 C  "C5'" . DT  D 2 5  ? 7.335   -3.129  -9.943  1.00 32.54 ? 5   DT  D "C5'" 1 
ATOM   691 C  "C4'" . DT  D 2 5  ? 6.378   -2.630  -8.868  1.00 33.36 ? 5   DT  D "C4'" 1 
ATOM   692 O  "O4'" . DT  D 2 5  ? 6.859   -1.404  -8.293  1.00 36.18 ? 5   DT  D "O4'" 1 
ATOM   693 C  "C3'" . DT  D 2 5  ? 5.037   -2.377  -9.549  1.00 34.70 ? 5   DT  D "C3'" 1 
ATOM   694 O  "O3'" . DT  D 2 5  ? 4.096   -3.166  -8.791  1.00 36.74 ? 5   DT  D "O3'" 1 
ATOM   695 C  "C2'" . DT  D 2 5  ? 4.872   -0.858  -9.349  1.00 34.89 ? 5   DT  D "C2'" 1 
ATOM   696 C  "C1'" . DT  D 2 5  ? 5.672   -0.599  -8.073  1.00 36.50 ? 5   DT  D "C1'" 1 
ATOM   697 N  N1    . DT  D 2 5  ? 6.301   0.742   -7.826  1.00 37.47 ? 5   DT  D N1    1 
ATOM   698 C  C2    . DT  D 2 5  ? 6.988   0.747   -6.598  1.00 38.37 ? 5   DT  D C2    1 
ATOM   699 O  O2    . DT  D 2 5  ? 6.984   -0.219  -5.841  1.00 41.14 ? 5   DT  D O2    1 
ATOM   700 N  N3    . DT  D 2 5  ? 7.646   1.867   -6.261  1.00 38.05 ? 5   DT  D N3    1 
ATOM   701 C  C4    . DT  D 2 5  ? 7.740   3.010   -6.995  1.00 38.66 ? 5   DT  D C4    1 
ATOM   702 O  O4    . DT  D 2 5  ? 8.402   3.933   -6.541  1.00 39.88 ? 5   DT  D O4    1 
ATOM   703 C  C5    . DT  D 2 5  ? 7.004   3.021   -8.295  1.00 38.53 ? 5   DT  D C5    1 
ATOM   704 C  C7    . DT  D 2 5  ? 8.422   3.538   -9.220  1.00 34.90 ? 5   DT  D C7    1 
ATOM   705 C  C6    . DT  D 2 5  ? 6.277   1.887   -8.668  1.00 37.90 ? 5   DT  D C6    1 
ATOM   706 P  P     . DT  D 2 6  ? 2.526   -3.241  -9.081  1.00 36.51 ? 6   DT  D P     1 
ATOM   707 O  OP1   . DT  D 2 6  ? 1.920   -4.361  -8.313  1.00 40.05 ? 6   DT  D OP1   1 
ATOM   708 O  OP2   . DT  D 2 6  ? 2.447   -3.212  -10.563 1.00 38.41 ? 6   DT  D OP2   1 
ATOM   709 O  "O5'" . DT  D 2 6  ? 2.032   -1.885  -8.458  1.00 34.65 ? 6   DT  D "O5'" 1 
ATOM   710 C  "C5'" . DT  D 2 6  ? 2.008   -1.738  -7.025  1.00 34.32 ? 6   DT  D "C5'" 1 
ATOM   711 C  "C4'" . DT  D 2 6  ? 2.059   -0.259  -6.629  1.00 36.16 ? 6   DT  D "C4'" 1 
ATOM   712 O  "O4'" . DT  D 2 6  ? 3.374   0.294   -6.840  1.00 37.48 ? 6   DT  D "O4'" 1 
ATOM   713 C  "C3'" . DT  D 2 6  ? 1.049   0.503   -7.513  1.00 35.95 ? 6   DT  D "C3'" 1 
ATOM   714 O  "O3'" . DT  D 2 6  ? 0.069   1.182   -6.735  1.00 35.69 ? 6   DT  D "O3'" 1 
ATOM   715 C  "C2'" . DT  D 2 6  ? 1.928   1.525   -8.150  1.00 35.68 ? 6   DT  D "C2'" 1 
ATOM   716 C  "C1'" . DT  D 2 6  ? 3.013   1.605   -7.102  1.00 36.11 ? 6   DT  D "C1'" 1 
ATOM   717 N  N1    . DT  D 2 6  ? 4.032   2.634   -7.471  1.00 35.75 ? 6   DT  D N1    1 
ATOM   718 C  C2    . DT  D 2 6  ? 4.051   3.666   -6.524  1.00 34.86 ? 6   DT  D C2    1 
ATOM   719 O  O2    . DT  D 2 6  ? 3.362   3.673   -5.524  1.00 35.35 ? 6   DT  D O2    1 
ATOM   720 N  N3    . DT  D 2 6  ? 4.891   4.710   -6.734  1.00 35.61 ? 6   DT  D N3    1 
ATOM   721 C  C4    . DT  D 2 6  ? 5.736   4.850   -7.814  1.00 35.78 ? 6   DT  D C4    1 
ATOM   722 O  O4    . DT  D 2 6  ? 6.412   5.889   -7.826  1.00 34.80 ? 6   DT  D O4    1 
ATOM   723 C  C5    . DT  D 2 6  ? 5.716   3.719   -8.810  1.00 37.60 ? 6   DT  D C5    1 
ATOM   724 C  C7    . DT  D 2 6  ? 5.932   4.344   -10.264 1.00 40.24 ? 6   DT  D C7    1 
ATOM   725 C  C6    . DT  D 2 6  ? 4.903   2.689   -8.621  1.00 37.48 ? 6   DT  D C6    1 
ATOM   726 P  P     . DA  D 2 7  ? -1.470  0.709   -6.882  1.00 33.29 ? 7   DA  D P     1 
ATOM   727 O  OP1   . DA  D 2 7  ? -1.588  -0.765  -6.708  1.00 38.33 ? 7   DA  D OP1   1 
ATOM   728 O  OP2   . DA  D 2 7  ? -2.070  1.351   -8.075  1.00 35.53 ? 7   DA  D OP2   1 
ATOM   729 O  "O5'" . DA  D 2 7  ? -2.154  1.369   -5.615  1.00 34.17 ? 7   DA  D "O5'" 1 
ATOM   730 C  "C5'" . DA  D 2 7  ? -1.876  0.889   -4.295  1.00 34.36 ? 7   DA  D "C5'" 1 
ATOM   731 C  "C4'" . DA  D 2 7  ? -1.885  2.030   -3.297  1.00 36.15 ? 7   DA  D "C4'" 1 
ATOM   732 O  "O4'" . DA  D 2 7  ? -0.702  2.851   -3.479  1.00 34.33 ? 7   DA  D "O4'" 1 
ATOM   733 C  "C3'" . DA  D 2 7  ? -3.085  2.989   -3.341  1.00 37.65 ? 7   DA  D "C3'" 1 
ATOM   734 O  "O3'" . DA  D 2 7  ? -3.397  3.414   -2.014  1.00 41.78 ? 7   DA  D "O3'" 1 
ATOM   735 C  "C2'" . DA  D 2 7  ? -2.552  4.178   -4.116  1.00 35.86 ? 7   DA  D "C2'" 1 
ATOM   736 C  "C1'" . DA  D 2 7  ? -1.082  4.211   -3.705  1.00 33.58 ? 7   DA  D "C1'" 1 
ATOM   737 N  N9    . DA  D 2 7  ? -0.230  4.742   -4.764  1.00 30.50 ? 7   DA  D N9    1 
ATOM   738 C  C8    . DA  D 2 7  ? -0.160  4.306   -6.063  1.00 28.81 ? 7   DA  D C8    1 
ATOM   739 N  N7    . DA  D 2 7  ? 0.694   4.965   -6.792  1.00 29.15 ? 7   DA  D N7    1 
ATOM   740 C  C5    . DA  D 2 7  ? 1.227   5.899   -5.918  1.00 28.72 ? 7   DA  D C5    1 
ATOM   741 C  C6    . DA  D 2 7  ? 2.201   6.896   -6.086  1.00 27.39 ? 7   DA  D C6    1 
ATOM   742 N  N6    . DA  D 2 7  ? 2.819   7.141   -7.246  1.00 27.23 ? 7   DA  D N6    1 
ATOM   743 N  N1    . DA  D 2 7  ? 2.521   7.643   -5.014  1.00 26.77 ? 7   DA  D N1    1 
ATOM   744 C  C2    . DA  D 2 7  ? 1.881   7.416   -3.861  1.00 26.17 ? 7   DA  D C2    1 
ATOM   745 N  N3    . DA  D 2 7  ? 0.936   6.518   -3.585  1.00 26.83 ? 7   DA  D N3    1 
ATOM   746 C  C4    . DA  D 2 7  ? 0.660   5.778   -4.668  1.00 28.50 ? 7   DA  D C4    1 
ATOM   747 P  P     . DA  D 2 8  ? -4.597  4.461   -1.748  1.00 43.87 ? 8   DA  D P     1 
ATOM   748 O  OP1   . DA  D 2 8  ? -5.594  3.642   -1.063  1.00 46.59 ? 8   DA  D OP1   1 
ATOM   749 O  OP2   . DA  D 2 8  ? -4.945  5.278   -2.939  1.00 45.10 ? 8   DA  D OP2   1 
ATOM   750 O  "O5'" . DA  D 2 8  ? -3.980  5.394   -0.627  1.00 41.45 ? 8   DA  D "O5'" 1 
ATOM   751 C  "C5'" . DA  D 2 8  ? -2.959  6.250   -1.069  1.00 38.83 ? 8   DA  D "C5'" 1 
ATOM   752 C  "C4'" . DA  D 2 8  ? -3.159  7.585   -0.551  1.00 37.28 ? 8   DA  D "C4'" 1 
ATOM   753 O  "O4'" . DA  D 2 8  ? -2.362  8.315   -1.429  1.00 37.38 ? 8   DA  D "O4'" 1 
ATOM   754 C  "C3'" . DA  D 2 8  ? -4.541  8.244   -0.740  1.00 36.94 ? 8   DA  D "C3'" 1 
ATOM   755 O  "O3'" . DA  D 2 8  ? -4.500  9.492   -0.070  1.00 39.70 ? 8   DA  D "O3'" 1 
ATOM   756 C  "C2'" . DA  D 2 8  ? -4.638  8.468   -2.183  1.00 34.30 ? 8   DA  D "C2'" 1 
ATOM   757 C  "C1'" . DA  D 2 8  ? -3.223  8.943   -2.361  1.00 32.71 ? 8   DA  D "C1'" 1 
ATOM   758 N  N9    . DA  D 2 8  ? -2.691  8.610   -3.650  1.00 29.07 ? 8   DA  D N9    1 
ATOM   759 C  C8    . DA  D 2 8  ? -3.177  7.690   -4.530  1.00 26.90 ? 8   DA  D C8    1 
ATOM   760 N  N7    . DA  D 2 8  ? -2.493  7.703   -5.639  1.00 27.26 ? 8   DA  D N7    1 
ATOM   761 C  C5    . DA  D 2 8  ? -1.510  8.688   -5.488  1.00 24.88 ? 8   DA  D C5    1 
ATOM   762 C  C6    . DA  D 2 8  ? -0.503  9.186   -6.352  1.00 23.91 ? 8   DA  D C6    1 
ATOM   763 N  N6    . DA  D 2 8  ? -0.273  8.754   -7.614  1.00 24.62 ? 8   DA  D N6    1 
ATOM   764 N  N1    . DA  D 2 8  ? 0.258   10.172  -5.891  1.00 22.57 ? 8   DA  D N1    1 
ATOM   765 C  C2    . DA  D 2 8  ? 0.045   10.623  -4.673  1.00 23.28 ? 8   DA  D C2    1 
ATOM   766 N  N3    . DA  D 2 8  ? -0.858  10.243  -3.791  1.00 25.62 ? 8   DA  D N3    1 
ATOM   767 C  C4    . DA  D 2 8  ? -1.620  9.250   -4.268  1.00 26.15 ? 8   DA  D C4    1 
ATOM   768 P  P     . DG  D 2 9  ? -5.688  10.215  0.756   1.00 40.95 ? 9   DG  D P     1 
ATOM   769 O  OP1   . DG  D 2 9  ? -5.368  10.271  2.213   1.00 38.01 ? 9   DG  D OP1   1 
ATOM   770 O  OP2   . DG  D 2 9  ? -6.991  9.688   0.221   1.00 38.56 ? 9   DG  D OP2   1 
ATOM   771 O  "O5'" . DG  D 2 9  ? -5.370  11.625  0.168   1.00 40.39 ? 9   DG  D "O5'" 1 
ATOM   772 C  "C5'" . DG  D 2 9  ? -4.056  12.161  -0.059  1.00 39.20 ? 9   DG  D "C5'" 1 
ATOM   773 C  "C4'" . DG  D 2 9  ? -4.041  13.035  -1.334  1.00 36.37 ? 9   DG  D "C4'" 1 
ATOM   774 O  "O4'" . DG  D 2 9  ? -3.684  12.305  -2.505  1.00 34.51 ? 9   DG  D "O4'" 1 
ATOM   775 C  "C3'" . DG  D 2 9  ? -5.489  13.503  -1.638  1.00 37.22 ? 9   DG  D "C3'" 1 
ATOM   776 O  "O3'" . DG  D 2 9  ? -5.479  14.938  -1.641  1.00 41.20 ? 9   DG  D "O3'" 1 
ATOM   777 C  "C2'" . DG  D 2 9  ? -5.825  12.915  -3.013  1.00 33.49 ? 9   DG  D "C2'" 1 
ATOM   778 C  "C1'" . DG  D 2 9  ? -4.453  12.848  -3.562  1.00 30.11 ? 9   DG  D "C1'" 1 
ATOM   779 N  N9    . DG  D 2 9  ? -4.275  12.014  -4.731  1.00 25.90 ? 9   DG  D N9    1 
ATOM   780 C  C8    . DG  D 2 9  ? -4.986  11.011  -5.190  1.00 24.59 ? 9   DG  D C8    1 
ATOM   781 N  N7    . DG  D 2 9  ? -4.589  10.518  -6.330  1.00 25.31 ? 9   DG  D N7    1 
ATOM   782 C  C5    . DG  D 2 9  ? -3.464  11.297  -6.622  1.00 25.15 ? 9   DG  D C5    1 
ATOM   783 C  C6    . DG  D 2 9  ? -2.578  11.319  -7.760  1.00 25.92 ? 9   DG  D C6    1 
ATOM   784 O  O6    . DG  D 2 9  ? -2.522  10.646  -8.777  1.00 29.92 ? 9   DG  D O6    1 
ATOM   785 N  N1    . DG  D 2 9  ? -1.624  12.289  -7.681  1.00 26.06 ? 9   DG  D N1    1 
ATOM   786 C  C2    . DG  D 2 9  ? -1.490  13.168  -6.640  1.00 23.85 ? 9   DG  D C2    1 
ATOM   787 N  N2    . DG  D 2 9  ? -0.501  14.046  -6.794  1.00 22.89 ? 9   DG  D N2    1 
ATOM   788 N  N3    . DG  D 2 9  ? -2.288  13.173  -5.577  1.00 24.85 ? 9   DG  D N3    1 
ATOM   789 C  C4    . DG  D 2 9  ? -3.272  12.210  -5.631  1.00 25.66 ? 9   DG  D C4    1 
ATOM   790 P  P     . DC  D 2 10 ? -6.789  15.826  -1.528  1.00 42.87 ? 10  DC  D P     1 
ATOM   791 O  OP1   . DC  D 2 10 ? -6.526  16.824  -0.476  1.00 43.26 ? 10  DC  D OP1   1 
ATOM   792 O  OP2   . DC  D 2 10 ? -8.032  15.018  -1.463  1.00 42.54 ? 10  DC  D OP2   1 
ATOM   793 O  "O5'" . DC  D 2 10 ? -6.658  16.519  -2.966  1.00 41.91 ? 10  DC  D "O5'" 1 
ATOM   794 C  "C5'" . DC  D 2 10 ? -5.744  17.618  -3.126  1.00 41.59 ? 10  DC  D "C5'" 1 
ATOM   795 C  "C4'" . DC  D 2 10 ? -4.941  17.420  -4.326  1.00 40.31 ? 10  DC  D "C4'" 1 
ATOM   796 O  "O4'" . DC  D 2 10 ? -5.081  16.115  -4.815  1.00 39.57 ? 10  DC  D "O4'" 1 
ATOM   797 C  "C3'" . DC  D 2 10 ? -5.444  18.295  -5.388  1.00 40.45 ? 10  DC  D "C3'" 1 
ATOM   798 O  "O3'" . DC  D 2 10 ? -4.658  19.448  -5.265  1.00 41.91 ? 10  DC  D "O3'" 1 
ATOM   799 C  "C2'" . DC  D 2 10 ? -5.248  17.551  -6.709  1.00 38.51 ? 10  DC  D "C2'" 1 
ATOM   800 C  "C1'" . DC  D 2 10 ? -4.677  16.243  -6.156  1.00 37.10 ? 10  DC  D "C1'" 1 
ATOM   801 N  N1    . DC  D 2 10 ? -5.103  15.062  -6.939  1.00 35.02 ? 10  DC  D N1    1 
ATOM   802 C  C2    . DC  D 2 10 ? -4.369  14.741  -8.068  1.00 35.74 ? 10  DC  D C2    1 
ATOM   803 O  O2    . DC  D 2 10 ? -3.422  15.442  -8.474  1.00 38.08 ? 10  DC  D O2    1 
ATOM   804 N  N3    . DC  D 2 10 ? -4.709  13.632  -8.718  1.00 34.59 ? 10  DC  D N3    1 
ATOM   805 C  C4    . DC  D 2 10 ? -5.684  12.865  -8.335  1.00 34.72 ? 10  DC  D C4    1 
ATOM   806 N  N4    . DC  D 2 10 ? -5.915  11.736  -9.031  1.00 36.49 ? 10  DC  D N4    1 
ATOM   807 C  C5    . DC  D 2 10 ? -6.435  13.202  -7.182  1.00 35.09 ? 10  DC  D C5    1 
ATOM   808 C  C6    . DC  D 2 10 ? -6.094  14.314  -6.522  1.00 32.61 ? 10  DC  D C6    1 
HETATM 809 O  O     . HOH E 3 .  ? -1.447  0.291   10.772  1.00 16.97 ? 206 HOH A O     1 
HETATM 810 O  O     . HOH E 3 .  ? -15.526 -10.909 12.748  1.00 25.93 ? 209 HOH A O     1 
HETATM 811 O  O     . HOH E 3 .  ? -22.006 -18.074 14.097  1.00 25.76 ? 220 HOH A O     1 
HETATM 812 O  O     . HOH E 3 .  ? -16.256 -10.061 -1.997  1.00 33.25 ? 222 HOH A O     1 
HETATM 813 O  O     . HOH E 3 .  ? -5.967  -19.497 -3.670  1.00 24.44 ? 223 HOH A O     1 
HETATM 814 O  O     . HOH E 3 .  ? -10.472 1.993   13.683  1.00 33.15 ? 224 HOH A O     1 
HETATM 815 O  O     . HOH E 3 .  ? -24.699 -21.117 8.003   1.00 32.56 ? 229 HOH A O     1 
HETATM 816 O  O     . HOH E 3 .  ? -15.624 -6.532  13.287  1.00 23.19 ? 230 HOH A O     1 
HETATM 817 O  O     . HOH E 3 .  ? -3.478  16.747  6.088   1.00 24.95 ? 233 HOH A O     1 
HETATM 818 O  O     . HOH E 3 .  ? 3.401   4.859   17.518  1.00 24.23 ? 235 HOH A O     1 
HETATM 819 O  O     . HOH E 3 .  ? 5.006   2.713   15.794  1.00 23.57 ? 241 HOH A O     1 
HETATM 820 O  O     . HOH E 3 .  ? -10.049 -8.904  -1.703  1.00 28.18 ? 242 HOH A O     1 
HETATM 821 O  O     . HOH E 3 .  ? 0.144   2.305   20.700  1.00 26.67 ? 245 HOH A O     1 
HETATM 822 O  O     . HOH E 3 .  ? 1.434   -18.747 -8.763  1.00 21.93 ? 247 HOH A O     1 
HETATM 823 O  O     . HOH E 3 .  ? -12.179 -1.029  11.130  1.00 23.02 ? 250 HOH A O     1 
HETATM 824 O  O     . HOH E 3 .  ? -6.555  -19.864 -0.530  1.00 17.23 ? 252 HOH A O     1 
HETATM 825 O  O     . HOH F 3 .  ? -1.665  -3.185  4.918   1.00 39.74 ? 201 HOH B O     1 
HETATM 826 O  O     . HOH F 3 .  ? -16.285 7.419   9.147   1.00 26.58 ? 203 HOH B O     1 
HETATM 827 O  O     . HOH F 3 .  ? -2.941  -22.094 3.667   1.00 26.36 ? 208 HOH B O     1 
HETATM 828 O  O     . HOH F 3 .  ? -3.709  -2.105  -1.651  1.00 23.54 ? 210 HOH B O     1 
HETATM 829 O  O     . HOH F 3 .  ? -1.460  -6.735  4.581   1.00 38.66 ? 214 HOH B O     1 
HETATM 830 O  O     . HOH F 3 .  ? 6.913   -8.812  1.897   1.00 29.33 ? 225 HOH B O     1 
HETATM 831 O  O     . HOH F 3 .  ? -13.485 0.153   -12.931 1.00 30.92 ? 228 HOH B O     1 
HETATM 832 O  O     . HOH F 3 .  ? -19.091 6.832   15.169  1.00 24.17 ? 234 HOH B O     1 
HETATM 833 O  O     . HOH F 3 .  ? -1.321  -14.247 9.803   1.00 35.14 ? 236 HOH B O     1 
HETATM 834 O  O     . HOH F 3 .  ? -11.908 -2.792  3.238   1.00 24.33 ? 237 HOH B O     1 
HETATM 835 O  O     . HOH F 3 .  ? -0.341  -21.800 5.244   1.00 30.96 ? 239 HOH B O     1 
HETATM 836 O  O     . HOH G 3 .  ? 10.159  -0.206  4.716   1.00 33.73 ? 207 HOH C O     1 
HETATM 837 O  O     . HOH G 3 .  ? -1.428  17.828  -12.271 1.00 14.17 ? 211 HOH C O     1 
HETATM 838 O  O     . HOH G 3 .  ? 11.300  7.037   -2.470  1.00 36.08 ? 212 HOH C O     1 
HETATM 839 O  O     . HOH G 3 .  ? 17.209  -15.038 -4.110  1.00 35.12 ? 213 HOH C O     1 
HETATM 840 O  O     . HOH G 3 .  ? 10.180  8.414   -4.672  1.00 38.72 ? 215 HOH C O     1 
HETATM 841 O  O     . HOH G 3 .  ? 18.444  -6.701  0.334   1.00 26.08 ? 216 HOH C O     1 
HETATM 842 O  O     . HOH G 3 .  ? 14.887  -11.444 -0.771  1.00 22.53 ? 217 HOH C O     1 
HETATM 843 O  O     . HOH G 3 .  ? 15.416  9.069   3.333   1.00 33.67 ? 218 HOH C O     1 
HETATM 844 O  O     . HOH G 3 .  ? 13.622  -11.770 -8.895  1.00 30.59 ? 226 HOH C O     1 
HETATM 845 O  O     . HOH G 3 .  ? 15.311  -14.715 -6.030  1.00 41.02 ? 232 HOH C O     1 
HETATM 846 O  O     . HOH G 3 .  ? 15.266  -14.378 -1.962  1.00 36.46 ? 244 HOH C O     1 
HETATM 847 O  O     . HOH H 3 .  ? 9.250   -0.708  -15.714 1.00 33.46 ? 202 HOH D O     1 
HETATM 848 O  O     . HOH H 3 .  ? -3.316  21.138  -7.702  1.00 26.05 ? 204 HOH D O     1 
HETATM 849 O  O     . HOH H 3 .  ? 12.150  -1.634  -15.940 1.00 38.69 ? 205 HOH D O     1 
HETATM 850 O  O     . HOH H 3 .  ? 5.996   1.254   -17.057 1.00 20.18 ? 219 HOH D O     1 
HETATM 851 O  O     . HOH H 3 .  ? 3.178   0.749   -11.580 1.00 29.45 ? 221 HOH D O     1 
HETATM 852 O  O     . HOH H 3 .  ? 16.474  5.003   -13.170 1.00 24.34 ? 227 HOH D O     1 
HETATM 853 O  O     . HOH H 3 .  ? -0.236  18.102  -7.682  1.00 19.68 ? 231 HOH D O     1 
HETATM 854 O  O     . HOH H 3 .  ? -1.283  6.720   -9.311  1.00 26.94 ? 238 HOH D O     1 
HETATM 855 O  O     . HOH H 3 .  ? -0.535  17.235  -5.002  1.00 40.51 ? 240 HOH D O     1 
HETATM 856 O  O     . HOH H 3 .  ? 12.387  3.217   -12.187 1.00 14.02 ? 243 HOH D O     1 
HETATM 857 O  O     . HOH H 3 .  ? 23.929  -3.339  -18.838 1.00 24.63 ? 246 HOH D O     1 
HETATM 858 O  O     . HOH H 3 .  ? 10.122  5.863   -7.908  1.00 34.54 ? 248 HOH D O     1 
HETATM 859 O  O     . HOH H 3 .  ? 2.831   1.385   -3.414  1.00 35.79 ? 249 HOH D O     1 
HETATM 860 O  O     . HOH H 3 .  ? 0.731   -4.922  -5.934  1.00 20.76 ? 251 HOH D O     1 
# 
